data_5MVP
# 
_entry.id   5MVP 
# 
_audit_conform.dict_name       mmcif_pdbx.dic 
_audit_conform.dict_version    5.383 
_audit_conform.dict_location   http://mmcif.pdb.org/dictionaries/ascii/mmcif_pdbx.dic 
# 
loop_
_database_2.database_id 
_database_2.database_code 
_database_2.pdbx_database_accession 
_database_2.pdbx_DOI 
PDB   5MVP         pdb_00005mvp 10.2210/pdb5mvp/pdb 
WWPDB D_1200003084 ?            ?                   
# 
loop_
_pdbx_audit_revision_history.ordinal 
_pdbx_audit_revision_history.data_content_type 
_pdbx_audit_revision_history.major_revision 
_pdbx_audit_revision_history.minor_revision 
_pdbx_audit_revision_history.revision_date 
1 'Structure model' 1 0 2017-05-10 
2 'Structure model' 1 1 2017-05-17 
3 'Structure model' 1 2 2017-05-24 
4 'Structure model' 1 3 2017-06-14 
5 'Structure model' 1 4 2017-08-30 
6 'Structure model' 1 5 2019-10-16 
7 'Structure model' 1 6 2024-01-17 
# 
_pdbx_audit_revision_details.ordinal             1 
_pdbx_audit_revision_details.revision_ordinal    1 
_pdbx_audit_revision_details.data_content_type   'Structure model' 
_pdbx_audit_revision_details.provider            repository 
_pdbx_audit_revision_details.type                'Initial release' 
_pdbx_audit_revision_details.description         ? 
_pdbx_audit_revision_details.details             ? 
# 
loop_
_pdbx_audit_revision_group.ordinal 
_pdbx_audit_revision_group.revision_ordinal 
_pdbx_audit_revision_group.data_content_type 
_pdbx_audit_revision_group.group 
1 2 'Structure model' 'Database references'        
2 3 'Structure model' 'Database references'        
3 4 'Structure model' 'Database references'        
4 5 'Structure model' 'Author supporting evidence' 
5 6 'Structure model' 'Data collection'            
6 7 'Structure model' 'Data collection'            
7 7 'Structure model' 'Database references'        
8 7 'Structure model' 'Derived calculations'       
9 7 'Structure model' 'Refinement description'     
# 
loop_
_pdbx_audit_revision_category.ordinal 
_pdbx_audit_revision_category.revision_ordinal 
_pdbx_audit_revision_category.data_content_type 
_pdbx_audit_revision_category.category 
1 4 'Structure model' citation                      
2 5 'Structure model' pdbx_audit_support            
3 6 'Structure model' reflns_shell                  
4 7 'Structure model' chem_comp_atom                
5 7 'Structure model' chem_comp_bond                
6 7 'Structure model' database_2                    
7 7 'Structure model' pdbx_initial_refinement_model 
8 7 'Structure model' pdbx_struct_conn_angle        
9 7 'Structure model' struct_conn                   
# 
loop_
_pdbx_audit_revision_item.ordinal 
_pdbx_audit_revision_item.revision_ordinal 
_pdbx_audit_revision_item.data_content_type 
_pdbx_audit_revision_item.item 
1  4 'Structure model' '_citation.country'                         
2  4 'Structure model' '_citation.journal_volume'                  
3  4 'Structure model' '_citation.page_first'                      
4  4 'Structure model' '_citation.page_last'                       
5  5 'Structure model' '_pdbx_audit_support.funding_organization'  
6  7 'Structure model' '_database_2.pdbx_DOI'                      
7  7 'Structure model' '_database_2.pdbx_database_accession'       
8  7 'Structure model' '_pdbx_struct_conn_angle.ptnr1_auth_seq_id' 
9  7 'Structure model' '_pdbx_struct_conn_angle.ptnr3_auth_seq_id' 
10 7 'Structure model' '_pdbx_struct_conn_angle.value'             
11 7 'Structure model' '_struct_conn.pdbx_dist_value'              
12 7 'Structure model' '_struct_conn.ptnr2_auth_seq_id'            
# 
_pdbx_database_status.status_code                     REL 
_pdbx_database_status.status_code_sf                  REL 
_pdbx_database_status.status_code_mr                  ? 
_pdbx_database_status.entry_id                        5MVP 
_pdbx_database_status.recvd_initial_deposition_date   2017-01-17 
_pdbx_database_status.SG_entry                        N 
_pdbx_database_status.deposit_site                    PDBE 
_pdbx_database_status.process_site                    PDBE 
_pdbx_database_status.status_code_cs                  ? 
_pdbx_database_status.methods_development_category    ? 
_pdbx_database_status.pdb_format_compatible           Y 
_pdbx_database_status.status_code_nmr_data            ? 
# 
loop_
_audit_author.name 
_audit_author.pdbx_ordinal 
_audit_author.identifier_ORCID 
'Hardwick, J.S.'   1 0000-0002-3117-1035 
'Ptchelkine, D.'   2 ?                   
'Phillips, S.E.V.' 3 0000-0001-8922-0250 
'Brown, T.'        4 0000-0002-6538-3036 
# 
_citation.abstract                  ? 
_citation.abstract_id_CAS           ? 
_citation.book_id_ISBN              ? 
_citation.book_publisher            ? 
_citation.book_publisher_city       ? 
_citation.book_title                ? 
_citation.coordinate_linkage        ? 
_citation.country                   US 
_citation.database_id_Medline       ? 
_citation.details                   ? 
_citation.id                        primary 
_citation.journal_abbrev            'Nat. Struct. Mol. Biol.' 
_citation.journal_id_ASTM           ? 
_citation.journal_id_CSD            ? 
_citation.journal_id_ISSN           1545-9985 
_citation.journal_full              ? 
_citation.journal_issue             ? 
_citation.journal_volume            24 
_citation.language                  ? 
_citation.page_first                544 
_citation.page_last                 552 
_citation.title                     '5-Formylcytosine does not change the global structure of DNA.' 
_citation.year                      2017 
_citation.database_id_CSD           ? 
_citation.pdbx_database_id_DOI      10.1038/nsmb.3411 
_citation.pdbx_database_id_PubMed   28504696 
_citation.unpublished_flag          ? 
# 
loop_
_citation_author.citation_id 
_citation_author.name 
_citation_author.ordinal 
_citation_author.identifier_ORCID 
primary 'Hardwick, J.S.'   1 ? 
primary 'Ptchelkine, D.'   2 ? 
primary 'El-Sagheer, A.H.' 3 ? 
primary 'Tear, I.'         4 ? 
primary 'Singleton, D.'    5 ? 
primary 'Phillips, S.E.V.' 6 ? 
primary 'Lane, A.N.'       7 ? 
primary 'Brown, T.'        8 ? 
# 
loop_
_entity.id 
_entity.type 
_entity.src_method 
_entity.pdbx_description 
_entity.formula_weight 
_entity.pdbx_number_of_molecules 
_entity.pdbx_ec 
_entity.pdbx_mutation 
_entity.pdbx_fragment 
_entity.details 
1 polymer     syn DNA             3663.392 2  ? ? ? ? 
2 non-polymer syn 'POTASSIUM ION' 39.098   1  ? ? ? ? 
3 water       nat water           18.015   75 ? ? ? ? 
# 
_entity_poly.entity_id                      1 
_entity_poly.type                           polydeoxyribonucleotide 
_entity_poly.nstd_linkage                   no 
_entity_poly.nstd_monomer                   no 
_entity_poly.pdbx_seq_one_letter_code       '(DC)(DT)(DA)(DG)(DG)(DG)(DC)(DC)(DC)(DT)(DA)(DG)' 
_entity_poly.pdbx_seq_one_letter_code_can   CTAGGGCCCTAG 
_entity_poly.pdbx_strand_id                 A,B 
_entity_poly.pdbx_target_identifier         ? 
# 
loop_
_pdbx_entity_nonpoly.entity_id 
_pdbx_entity_nonpoly.name 
_pdbx_entity_nonpoly.comp_id 
2 'POTASSIUM ION' K   
3 water           HOH 
# 
loop_
_entity_poly_seq.entity_id 
_entity_poly_seq.num 
_entity_poly_seq.mon_id 
_entity_poly_seq.hetero 
1 1  DC n 
1 2  DT n 
1 3  DA n 
1 4  DG n 
1 5  DG n 
1 6  DG n 
1 7  DC n 
1 8  DC n 
1 9  DC n 
1 10 DT n 
1 11 DA n 
1 12 DG n 
# 
_pdbx_entity_src_syn.entity_id              1 
_pdbx_entity_src_syn.pdbx_src_id            1 
_pdbx_entity_src_syn.pdbx_alt_source_flag   sample 
_pdbx_entity_src_syn.pdbx_beg_seq_num       1 
_pdbx_entity_src_syn.pdbx_end_seq_num       12 
_pdbx_entity_src_syn.organism_scientific    'synthetic construct' 
_pdbx_entity_src_syn.organism_common_name   ? 
_pdbx_entity_src_syn.ncbi_taxonomy_id       32630 
_pdbx_entity_src_syn.details                ? 
# 
loop_
_chem_comp.id 
_chem_comp.type 
_chem_comp.mon_nstd_flag 
_chem_comp.name 
_chem_comp.pdbx_synonyms 
_chem_comp.formula 
_chem_comp.formula_weight 
DA  'DNA linking' y "2'-DEOXYADENOSINE-5'-MONOPHOSPHATE" ? 'C10 H14 N5 O6 P' 331.222 
DC  'DNA linking' y "2'-DEOXYCYTIDINE-5'-MONOPHOSPHATE"  ? 'C9 H14 N3 O7 P'  307.197 
DG  'DNA linking' y "2'-DEOXYGUANOSINE-5'-MONOPHOSPHATE" ? 'C10 H14 N5 O7 P' 347.221 
DT  'DNA linking' y "THYMIDINE-5'-MONOPHOSPHATE"         ? 'C10 H15 N2 O8 P' 322.208 
HOH non-polymer   . WATER                                ? 'H2 O'            18.015  
K   non-polymer   . 'POTASSIUM ION'                      ? 'K 1'             39.098  
# 
loop_
_pdbx_poly_seq_scheme.asym_id 
_pdbx_poly_seq_scheme.entity_id 
_pdbx_poly_seq_scheme.seq_id 
_pdbx_poly_seq_scheme.mon_id 
_pdbx_poly_seq_scheme.ndb_seq_num 
_pdbx_poly_seq_scheme.pdb_seq_num 
_pdbx_poly_seq_scheme.auth_seq_num 
_pdbx_poly_seq_scheme.pdb_mon_id 
_pdbx_poly_seq_scheme.auth_mon_id 
_pdbx_poly_seq_scheme.pdb_strand_id 
_pdbx_poly_seq_scheme.pdb_ins_code 
_pdbx_poly_seq_scheme.hetero 
A 1 1  DC 1  1  1  DC DC A . n 
A 1 2  DT 2  2  2  DT DT A . n 
A 1 3  DA 3  3  3  DA DA A . n 
A 1 4  DG 4  4  4  DG DG A . n 
A 1 5  DG 5  5  5  DG DG A . n 
A 1 6  DG 6  6  6  DG DG A . n 
A 1 7  DC 7  7  7  DC DC A . n 
A 1 8  DC 8  8  8  DC DC A . n 
A 1 9  DC 9  9  9  DC DC A . n 
A 1 10 DT 10 10 10 DT DT A . n 
A 1 11 DA 11 11 11 DA DA A . n 
A 1 12 DG 12 12 12 DG DG A . n 
B 1 1  DC 1  1  1  DC DC B . n 
B 1 2  DT 2  2  2  DT DT B . n 
B 1 3  DA 3  3  3  DA DA B . n 
B 1 4  DG 4  4  4  DG DG B . n 
B 1 5  DG 5  5  5  DG DG B . n 
B 1 6  DG 6  6  6  DG DG B . n 
B 1 7  DC 7  7  7  DC DC B . n 
B 1 8  DC 8  8  8  DC DC B . n 
B 1 9  DC 9  9  9  DC DC B . n 
B 1 10 DT 10 10 10 DT DT B . n 
B 1 11 DA 11 11 11 DA DA B . n 
B 1 12 DG 12 12 12 DG DG B . n 
# 
loop_
_pdbx_nonpoly_scheme.asym_id 
_pdbx_nonpoly_scheme.entity_id 
_pdbx_nonpoly_scheme.mon_id 
_pdbx_nonpoly_scheme.ndb_seq_num 
_pdbx_nonpoly_scheme.pdb_seq_num 
_pdbx_nonpoly_scheme.auth_seq_num 
_pdbx_nonpoly_scheme.pdb_mon_id 
_pdbx_nonpoly_scheme.auth_mon_id 
_pdbx_nonpoly_scheme.pdb_strand_id 
_pdbx_nonpoly_scheme.pdb_ins_code 
C 2 K   1  101 1  K   K   B . 
D 3 HOH 1  101 23 HOH HOH A . 
D 3 HOH 2  102 54 HOH HOH A . 
D 3 HOH 3  103 43 HOH HOH A . 
D 3 HOH 4  104 16 HOH HOH A . 
D 3 HOH 5  105 13 HOH HOH A . 
D 3 HOH 6  106 40 HOH HOH A . 
D 3 HOH 7  107 11 HOH HOH A . 
D 3 HOH 8  108 51 HOH HOH A . 
D 3 HOH 9  109 25 HOH HOH A . 
D 3 HOH 10 110 22 HOH HOH A . 
D 3 HOH 11 111 37 HOH HOH A . 
D 3 HOH 12 112 2  HOH HOH A . 
D 3 HOH 13 113 18 HOH HOH A . 
D 3 HOH 14 114 8  HOH HOH A . 
D 3 HOH 15 115 41 HOH HOH A . 
D 3 HOH 16 116 50 HOH HOH A . 
D 3 HOH 17 117 14 HOH HOH A . 
D 3 HOH 18 118 33 HOH HOH A . 
D 3 HOH 19 119 80 HOH HOH A . 
D 3 HOH 20 120 26 HOH HOH A . 
D 3 HOH 21 121 78 HOH HOH A . 
D 3 HOH 22 122 9  HOH HOH A . 
D 3 HOH 23 123 34 HOH HOH A . 
D 3 HOH 24 124 7  HOH HOH A . 
D 3 HOH 25 125 6  HOH HOH A . 
D 3 HOH 26 126 27 HOH HOH A . 
D 3 HOH 27 127 17 HOH HOH A . 
D 3 HOH 28 128 62 HOH HOH A . 
D 3 HOH 29 129 36 HOH HOH A . 
D 3 HOH 30 130 20 HOH HOH A . 
D 3 HOH 31 131 68 HOH HOH A . 
D 3 HOH 32 132 21 HOH HOH A . 
D 3 HOH 33 133 61 HOH HOH A . 
D 3 HOH 34 134 74 HOH HOH A . 
D 3 HOH 35 135 44 HOH HOH A . 
D 3 HOH 36 136 52 HOH HOH A . 
D 3 HOH 37 137 55 HOH HOH A . 
D 3 HOH 38 138 58 HOH HOH A . 
D 3 HOH 39 139 69 HOH HOH A . 
E 3 HOH 1  201 42 HOH HOH B . 
E 3 HOH 2  202 79 HOH HOH B . 
E 3 HOH 3  203 28 HOH HOH B . 
E 3 HOH 4  204 19 HOH HOH B . 
E 3 HOH 5  205 48 HOH HOH B . 
E 3 HOH 6  206 65 HOH HOH B . 
E 3 HOH 7  207 67 HOH HOH B . 
E 3 HOH 8  208 47 HOH HOH B . 
E 3 HOH 9  209 75 HOH HOH B . 
E 3 HOH 10 210 45 HOH HOH B . 
E 3 HOH 11 211 35 HOH HOH B . 
E 3 HOH 12 212 29 HOH HOH B . 
E 3 HOH 13 213 10 HOH HOH B . 
E 3 HOH 14 214 64 HOH HOH B . 
E 3 HOH 15 215 5  HOH HOH B . 
E 3 HOH 16 216 15 HOH HOH B . 
E 3 HOH 17 217 12 HOH HOH B . 
E 3 HOH 18 218 4  HOH HOH B . 
E 3 HOH 19 219 31 HOH HOH B . 
E 3 HOH 20 220 81 HOH HOH B . 
E 3 HOH 21 221 32 HOH HOH B . 
E 3 HOH 22 222 77 HOH HOH B . 
E 3 HOH 23 223 3  HOH HOH B . 
E 3 HOH 24 224 70 HOH HOH B . 
E 3 HOH 25 225 38 HOH HOH B . 
E 3 HOH 26 226 49 HOH HOH B . 
E 3 HOH 27 227 56 HOH HOH B . 
E 3 HOH 28 228 24 HOH HOH B . 
E 3 HOH 29 229 57 HOH HOH B . 
E 3 HOH 30 230 30 HOH HOH B . 
E 3 HOH 31 231 63 HOH HOH B . 
E 3 HOH 32 232 59 HOH HOH B . 
E 3 HOH 33 233 53 HOH HOH B . 
E 3 HOH 34 234 39 HOH HOH B . 
E 3 HOH 35 235 66 HOH HOH B . 
E 3 HOH 36 236 73 HOH HOH B . 
# 
loop_
_software.citation_id 
_software.classification 
_software.compiler_name 
_software.compiler_version 
_software.contact_author 
_software.contact_author_email 
_software.date 
_software.description 
_software.dependencies 
_software.hardware 
_software.language 
_software.location 
_software.mods 
_software.name 
_software.os 
_software.os_version 
_software.type 
_software.version 
_software.pdbx_ordinal 
? refinement       ? ? ? ? ? ? ? ? ? ? ? PHENIX  ? ? ? '(1.10.1_2155: ???)' 1 
? 'data reduction' ? ? ? ? ? ? ? ? ? ? ? XDS     ? ? ? .                    2 
? 'data scaling'   ? ? ? ? ? ? ? ? ? ? ? Aimless ? ? ? .                    3 
? phasing          ? ? ? ? ? ? ? ? ? ? ? PHASER  ? ? ? .                    4 
# 
_cell.angle_alpha                  90.00 
_cell.angle_alpha_esd              ? 
_cell.angle_beta                   90.00 
_cell.angle_beta_esd               ? 
_cell.angle_gamma                  120.00 
_cell.angle_gamma_esd              ? 
_cell.entry_id                     5MVP 
_cell.details                      ? 
_cell.formula_units_Z              ? 
_cell.length_a                     43.256 
_cell.length_a_esd                 ? 
_cell.length_b                     43.256 
_cell.length_b_esd                 ? 
_cell.length_c                     61.552 
_cell.length_c_esd                 ? 
_cell.volume                       ? 
_cell.volume_esd                   ? 
_cell.Z_PDB                        12 
_cell.reciprocal_angle_alpha       ? 
_cell.reciprocal_angle_beta        ? 
_cell.reciprocal_angle_gamma       ? 
_cell.reciprocal_angle_alpha_esd   ? 
_cell.reciprocal_angle_beta_esd    ? 
_cell.reciprocal_angle_gamma_esd   ? 
_cell.reciprocal_length_a          ? 
_cell.reciprocal_length_b          ? 
_cell.reciprocal_length_c          ? 
_cell.reciprocal_length_a_esd      ? 
_cell.reciprocal_length_b_esd      ? 
_cell.reciprocal_length_c_esd      ? 
_cell.pdbx_unique_axis             ? 
# 
_symmetry.entry_id                         5MVP 
_symmetry.cell_setting                     ? 
_symmetry.Int_Tables_number                154 
_symmetry.space_group_name_Hall            ? 
_symmetry.space_group_name_H-M             'P 32 2 1' 
_symmetry.pdbx_full_space_group_name_H-M   ? 
# 
_exptl.absorpt_coefficient_mu     ? 
_exptl.absorpt_correction_T_max   ? 
_exptl.absorpt_correction_T_min   ? 
_exptl.absorpt_correction_type    ? 
_exptl.absorpt_process_details    ? 
_exptl.entry_id                   5MVP 
_exptl.crystals_number            1 
_exptl.details                    ? 
_exptl.method                     'X-RAY DIFFRACTION' 
_exptl.method_details             ? 
# 
_exptl_crystal.colour                      ? 
_exptl_crystal.density_diffrn              ? 
_exptl_crystal.density_Matthews            2.27 
_exptl_crystal.density_method              ? 
_exptl_crystal.density_percent_sol         45.79 
_exptl_crystal.description                 ? 
_exptl_crystal.F_000                       ? 
_exptl_crystal.id                          1 
_exptl_crystal.preparation                 ? 
_exptl_crystal.size_max                    ? 
_exptl_crystal.size_mid                    ? 
_exptl_crystal.size_min                    ? 
_exptl_crystal.size_rad                    ? 
_exptl_crystal.colour_lustre               ? 
_exptl_crystal.colour_modifier             ? 
_exptl_crystal.colour_primary              ? 
_exptl_crystal.density_meas                ? 
_exptl_crystal.density_meas_esd            ? 
_exptl_crystal.density_meas_gt             ? 
_exptl_crystal.density_meas_lt             ? 
_exptl_crystal.density_meas_temp           ? 
_exptl_crystal.density_meas_temp_esd       ? 
_exptl_crystal.density_meas_temp_gt        ? 
_exptl_crystal.density_meas_temp_lt        ? 
_exptl_crystal.pdbx_crystal_image_url      ? 
_exptl_crystal.pdbx_crystal_image_format   ? 
_exptl_crystal.pdbx_mosaicity              ? 
_exptl_crystal.pdbx_mosaicity_esd          ? 
# 
_exptl_crystal_grow.apparatus       ? 
_exptl_crystal_grow.atmosphere      ? 
_exptl_crystal_grow.crystal_id      1 
_exptl_crystal_grow.details         ? 
_exptl_crystal_grow.method          'VAPOR DIFFUSION, SITTING DROP' 
_exptl_crystal_grow.method_ref      ? 
_exptl_crystal_grow.pH              7.0 
_exptl_crystal_grow.pressure        ? 
_exptl_crystal_grow.pressure_esd    ? 
_exptl_crystal_grow.seeding         ? 
_exptl_crystal_grow.seeding_ref     ? 
_exptl_crystal_grow.temp            293 
_exptl_crystal_grow.temp_details    ? 
_exptl_crystal_grow.temp_esd        ? 
_exptl_crystal_grow.time            ? 
_exptl_crystal_grow.pdbx_details    
;Sodium chloride (80 mM)
Potassium chloride (12 mM)
Magnesium chloride (20 mM)
Spermine tetrahydrochloride (12 mM)
Sodium cacodylate (40 mM, pH 7.0)
MPD (45% v/v)
;
_exptl_crystal_grow.pdbx_pH_range   ? 
# 
_diffrn.ambient_environment    ? 
_diffrn.ambient_temp           100 
_diffrn.ambient_temp_details   ? 
_diffrn.ambient_temp_esd       ? 
_diffrn.crystal_id             1 
_diffrn.crystal_support        ? 
_diffrn.crystal_treatment      ? 
_diffrn.details                ? 
_diffrn.id                     1 
_diffrn.ambient_pressure       ? 
_diffrn.ambient_pressure_esd   ? 
_diffrn.ambient_pressure_gt    ? 
_diffrn.ambient_pressure_lt    ? 
_diffrn.ambient_temp_gt        ? 
_diffrn.ambient_temp_lt        ? 
# 
_diffrn_detector.details                      ? 
_diffrn_detector.detector                     PIXEL 
_diffrn_detector.diffrn_id                    1 
_diffrn_detector.type                         'DECTRIS PILATUS3 6M' 
_diffrn_detector.area_resol_mean              ? 
_diffrn_detector.dtime                        ? 
_diffrn_detector.pdbx_frames_total            ? 
_diffrn_detector.pdbx_collection_time_total   ? 
_diffrn_detector.pdbx_collection_date         2016-03-06 
# 
_diffrn_radiation.collimation                      ? 
_diffrn_radiation.diffrn_id                        1 
_diffrn_radiation.filter_edge                      ? 
_diffrn_radiation.inhomogeneity                    ? 
_diffrn_radiation.monochromator                    ? 
_diffrn_radiation.polarisn_norm                    ? 
_diffrn_radiation.polarisn_ratio                   ? 
_diffrn_radiation.probe                            ? 
_diffrn_radiation.type                             ? 
_diffrn_radiation.xray_symbol                      ? 
_diffrn_radiation.wavelength_id                    1 
_diffrn_radiation.pdbx_monochromatic_or_laue_m_l   M 
_diffrn_radiation.pdbx_wavelength_list             ? 
_diffrn_radiation.pdbx_wavelength                  ? 
_diffrn_radiation.pdbx_diffrn_protocol             'SINGLE WAVELENGTH' 
_diffrn_radiation.pdbx_analyzer                    ? 
_diffrn_radiation.pdbx_scattering_type             x-ray 
# 
_diffrn_radiation_wavelength.id           1 
_diffrn_radiation_wavelength.wavelength   0.976 
_diffrn_radiation_wavelength.wt           1.0 
# 
_diffrn_source.current                     ? 
_diffrn_source.details                     ? 
_diffrn_source.diffrn_id                   1 
_diffrn_source.power                       ? 
_diffrn_source.size                        ? 
_diffrn_source.source                      SYNCHROTRON 
_diffrn_source.target                      ? 
_diffrn_source.type                        'DIAMOND BEAMLINE I03' 
_diffrn_source.voltage                     ? 
_diffrn_source.take-off_angle              ? 
_diffrn_source.pdbx_wavelength_list        0.976 
_diffrn_source.pdbx_wavelength             ? 
_diffrn_source.pdbx_synchrotron_beamline   I03 
_diffrn_source.pdbx_synchrotron_site       Diamond 
# 
_reflns.B_iso_Wilson_estimate            ? 
_reflns.entry_id                         5MVP 
_reflns.data_reduction_details           ? 
_reflns.data_reduction_method            ? 
_reflns.d_resolution_high                1.606 
_reflns.d_resolution_low                 37.461 
_reflns.details                          ? 
_reflns.limit_h_max                      ? 
_reflns.limit_h_min                      ? 
_reflns.limit_k_max                      ? 
_reflns.limit_k_min                      ? 
_reflns.limit_l_max                      ? 
_reflns.limit_l_min                      ? 
_reflns.number_all                       ? 
_reflns.number_obs                       9111 
_reflns.observed_criterion               ? 
_reflns.observed_criterion_F_max         ? 
_reflns.observed_criterion_F_min         ? 
_reflns.observed_criterion_I_max         ? 
_reflns.observed_criterion_I_min         ? 
_reflns.observed_criterion_sigma_F       ? 
_reflns.observed_criterion_sigma_I       ? 
_reflns.percent_possible_obs             99.7 
_reflns.R_free_details                   ? 
_reflns.Rmerge_F_all                     ? 
_reflns.Rmerge_F_obs                     ? 
_reflns.Friedel_coverage                 ? 
_reflns.number_gt                        ? 
_reflns.threshold_expression             ? 
_reflns.pdbx_redundancy                  6.3 
_reflns.pdbx_Rmerge_I_obs                ? 
_reflns.pdbx_Rmerge_I_all                ? 
_reflns.pdbx_Rsym_value                  ? 
_reflns.pdbx_netI_over_av_sigmaI         ? 
_reflns.pdbx_netI_over_sigmaI            23.0 
_reflns.pdbx_res_netI_over_av_sigmaI_2   ? 
_reflns.pdbx_res_netI_over_sigmaI_2      ? 
_reflns.pdbx_chi_squared                 ? 
_reflns.pdbx_scaling_rejects             ? 
_reflns.pdbx_d_res_high_opt              ? 
_reflns.pdbx_d_res_low_opt               ? 
_reflns.pdbx_d_res_opt_method            ? 
_reflns.phase_calculation_details        ? 
_reflns.pdbx_Rrim_I_all                  ? 
_reflns.pdbx_Rpim_I_all                  ? 
_reflns.pdbx_d_opt                       ? 
_reflns.pdbx_number_measured_all         ? 
_reflns.pdbx_diffrn_id                   1 
_reflns.pdbx_ordinal                     1 
_reflns.pdbx_CC_half                     ? 
_reflns.pdbx_R_split                     ? 
# 
_refine.aniso_B[1][1]                            ? 
_refine.aniso_B[1][2]                            ? 
_refine.aniso_B[1][3]                            ? 
_refine.aniso_B[2][2]                            ? 
_refine.aniso_B[2][3]                            ? 
_refine.aniso_B[3][3]                            ? 
_refine.B_iso_max                                ? 
_refine.B_iso_mean                               ? 
_refine.B_iso_min                                ? 
_refine.correlation_coeff_Fo_to_Fc               ? 
_refine.correlation_coeff_Fo_to_Fc_free          ? 
_refine.details                                  ? 
_refine.diff_density_max                         ? 
_refine.diff_density_max_esd                     ? 
_refine.diff_density_min                         ? 
_refine.diff_density_min_esd                     ? 
_refine.diff_density_rms                         ? 
_refine.diff_density_rms_esd                     ? 
_refine.entry_id                                 5MVP 
_refine.pdbx_refine_id                           'X-RAY DIFFRACTION' 
_refine.ls_abs_structure_details                 ? 
_refine.ls_abs_structure_Flack                   ? 
_refine.ls_abs_structure_Flack_esd               ? 
_refine.ls_abs_structure_Rogers                  ? 
_refine.ls_abs_structure_Rogers_esd              ? 
_refine.ls_d_res_high                            1.606 
_refine.ls_d_res_low                             37.461 
_refine.ls_extinction_coef                       ? 
_refine.ls_extinction_coef_esd                   ? 
_refine.ls_extinction_expression                 ? 
_refine.ls_extinction_method                     ? 
_refine.ls_goodness_of_fit_all                   ? 
_refine.ls_goodness_of_fit_all_esd               ? 
_refine.ls_goodness_of_fit_obs                   ? 
_refine.ls_goodness_of_fit_obs_esd               ? 
_refine.ls_hydrogen_treatment                    ? 
_refine.ls_matrix_type                           ? 
_refine.ls_number_constraints                    ? 
_refine.ls_number_parameters                     ? 
_refine.ls_number_reflns_all                     ? 
_refine.ls_number_reflns_obs                     9075 
_refine.ls_number_reflns_R_free                  456 
_refine.ls_number_reflns_R_work                  ? 
_refine.ls_number_restraints                     ? 
_refine.ls_percent_reflns_obs                    99.69 
_refine.ls_percent_reflns_R_free                 5.02 
_refine.ls_R_factor_all                          ? 
_refine.ls_R_factor_obs                          0.1557 
_refine.ls_R_factor_R_free                       0.2089 
_refine.ls_R_factor_R_free_error                 ? 
_refine.ls_R_factor_R_free_error_details         ? 
_refine.ls_R_factor_R_work                       0.1530 
_refine.ls_R_Fsqd_factor_obs                     ? 
_refine.ls_R_I_factor_obs                        ? 
_refine.ls_redundancy_reflns_all                 ? 
_refine.ls_redundancy_reflns_obs                 ? 
_refine.ls_restrained_S_all                      ? 
_refine.ls_restrained_S_obs                      ? 
_refine.ls_shift_over_esd_max                    ? 
_refine.ls_shift_over_esd_mean                   ? 
_refine.ls_structure_factor_coef                 ? 
_refine.ls_weighting_details                     ? 
_refine.ls_weighting_scheme                      ? 
_refine.ls_wR_factor_all                         ? 
_refine.ls_wR_factor_obs                         ? 
_refine.ls_wR_factor_R_free                      ? 
_refine.ls_wR_factor_R_work                      ? 
_refine.occupancy_max                            ? 
_refine.occupancy_min                            ? 
_refine.solvent_model_details                    ? 
_refine.solvent_model_param_bsol                 ? 
_refine.solvent_model_param_ksol                 ? 
_refine.ls_R_factor_gt                           ? 
_refine.ls_goodness_of_fit_gt                    ? 
_refine.ls_goodness_of_fit_ref                   ? 
_refine.ls_shift_over_su_max                     ? 
_refine.ls_shift_over_su_max_lt                  ? 
_refine.ls_shift_over_su_mean                    ? 
_refine.ls_shift_over_su_mean_lt                 ? 
_refine.pdbx_ls_sigma_I                          ? 
_refine.pdbx_ls_sigma_F                          1.39 
_refine.pdbx_ls_sigma_Fsqd                       ? 
_refine.pdbx_data_cutoff_high_absF               ? 
_refine.pdbx_data_cutoff_high_rms_absF           ? 
_refine.pdbx_data_cutoff_low_absF                ? 
_refine.pdbx_isotropic_thermal_model             ? 
_refine.pdbx_ls_cross_valid_method               'FREE R-VALUE' 
_refine.pdbx_method_to_determine_struct          'MOLECULAR REPLACEMENT' 
_refine.pdbx_starting_model                      5MVL 
_refine.pdbx_stereochemistry_target_values       ? 
_refine.pdbx_R_Free_selection_details            ? 
_refine.pdbx_stereochem_target_val_spec_case     ? 
_refine.pdbx_overall_ESU_R                       ? 
_refine.pdbx_overall_ESU_R_Free                  ? 
_refine.pdbx_solvent_vdw_probe_radii             1.11 
_refine.pdbx_solvent_ion_probe_radii             ? 
_refine.pdbx_solvent_shrinkage_radii             0.90 
_refine.pdbx_real_space_R                        ? 
_refine.pdbx_density_correlation                 ? 
_refine.pdbx_pd_number_of_powder_patterns        ? 
_refine.pdbx_pd_number_of_points                 ? 
_refine.pdbx_pd_meas_number_of_points            ? 
_refine.pdbx_pd_proc_ls_prof_R_factor            ? 
_refine.pdbx_pd_proc_ls_prof_wR_factor           ? 
_refine.pdbx_pd_Marquardt_correlation_coeff      ? 
_refine.pdbx_pd_Fsqrd_R_factor                   ? 
_refine.pdbx_pd_ls_matrix_band_width             ? 
_refine.pdbx_overall_phase_error                 30.97 
_refine.pdbx_overall_SU_R_free_Cruickshank_DPI   ? 
_refine.pdbx_overall_SU_R_free_Blow_DPI          ? 
_refine.pdbx_overall_SU_R_Blow_DPI               ? 
_refine.pdbx_TLS_residual_ADP_flag               ? 
_refine.pdbx_diffrn_id                           1 
_refine.overall_SU_B                             ? 
_refine.overall_SU_ML                            0.19 
_refine.overall_SU_R_Cruickshank_DPI             ? 
_refine.overall_SU_R_free                        ? 
_refine.overall_FOM_free_R_set                   ? 
_refine.overall_FOM_work_R_set                   ? 
_refine.pdbx_average_fsc_overall                 ? 
_refine.pdbx_average_fsc_work                    ? 
_refine.pdbx_average_fsc_free                    ? 
# 
_refine_hist.pdbx_refine_id                   'X-RAY DIFFRACTION' 
_refine_hist.cycle_id                         LAST 
_refine_hist.pdbx_number_atoms_protein        0 
_refine_hist.pdbx_number_atoms_nucleic_acid   486 
_refine_hist.pdbx_number_atoms_ligand         1 
_refine_hist.number_atoms_solvent             75 
_refine_hist.number_atoms_total               562 
_refine_hist.d_res_high                       1.606 
_refine_hist.d_res_low                        37.461 
# 
loop_
_refine_ls_restr.pdbx_refine_id 
_refine_ls_restr.criterion 
_refine_ls_restr.dev_ideal 
_refine_ls_restr.dev_ideal_target 
_refine_ls_restr.number 
_refine_ls_restr.rejects 
_refine_ls_restr.type 
_refine_ls_restr.weight 
_refine_ls_restr.pdbx_restraint_function 
'X-RAY DIFFRACTION' ? 0.014  ? 544 ? f_bond_d           ? ? 
'X-RAY DIFFRACTION' ? 1.190  ? 836 ? f_angle_d          ? ? 
'X-RAY DIFFRACTION' ? 12.909 ? 232 ? f_dihedral_angle_d ? ? 
'X-RAY DIFFRACTION' ? 0.081  ? 94  ? f_chiral_restr     ? ? 
'X-RAY DIFFRACTION' ? 0.011  ? 24  ? f_plane_restr      ? ? 
# 
loop_
_refine_ls_shell.pdbx_refine_id 
_refine_ls_shell.d_res_high 
_refine_ls_shell.d_res_low 
_refine_ls_shell.number_reflns_all 
_refine_ls_shell.number_reflns_obs 
_refine_ls_shell.number_reflns_R_free 
_refine_ls_shell.number_reflns_R_work 
_refine_ls_shell.percent_reflns_obs 
_refine_ls_shell.percent_reflns_R_free 
_refine_ls_shell.R_factor_all 
_refine_ls_shell.R_factor_obs 
_refine_ls_shell.R_factor_R_free 
_refine_ls_shell.R_factor_R_free_error 
_refine_ls_shell.R_factor_R_work 
_refine_ls_shell.redundancy_reflns_all 
_refine_ls_shell.redundancy_reflns_obs 
_refine_ls_shell.wR_factor_all 
_refine_ls_shell.wR_factor_obs 
_refine_ls_shell.wR_factor_R_free 
_refine_ls_shell.wR_factor_R_work 
_refine_ls_shell.pdbx_total_number_of_bins_used 
_refine_ls_shell.pdbx_phase_error 
_refine_ls_shell.pdbx_fsc_work 
_refine_ls_shell.pdbx_fsc_free 
'X-RAY DIFFRACTION' 1.6056 1.8380  . . 167 2776 99.00  . . . 0.2385 . 0.2009 . . . . . . . . . . 
'X-RAY DIFFRACTION' 1.8380 2.3156  . . 151 2848 100.00 . . . 0.2623 . 0.1947 . . . . . . . . . . 
'X-RAY DIFFRACTION' 2.3156 37.4710 . . 138 2995 100.00 . . . 0.1929 . 0.1401 . . . . . . . . . . 
# 
_struct.entry_id                     5MVP 
_struct.title                        'Crystal structure of an A-DNA dodecamer containing the GGGCCC motif' 
_struct.pdbx_model_details           ? 
_struct.pdbx_formula_weight          ? 
_struct.pdbx_formula_weight_method   ? 
_struct.pdbx_model_type_details      ? 
_struct.pdbx_CASP_flag               N 
# 
_struct_keywords.entry_id        5MVP 
_struct_keywords.text            'A-DNA, Unmodified, Self-complementary, DNA' 
_struct_keywords.pdbx_keywords   DNA 
# 
loop_
_struct_asym.id 
_struct_asym.pdbx_blank_PDB_chainid_flag 
_struct_asym.pdbx_modified 
_struct_asym.entity_id 
_struct_asym.details 
A N N 1 ? 
B N N 1 ? 
C N N 2 ? 
D N N 3 ? 
E N N 3 ? 
# 
_struct_ref.id                         1 
_struct_ref.db_name                    PDB 
_struct_ref.db_code                    5MVP 
_struct_ref.pdbx_db_accession          5MVP 
_struct_ref.pdbx_db_isoform            ? 
_struct_ref.entity_id                  1 
_struct_ref.pdbx_seq_one_letter_code   ? 
_struct_ref.pdbx_align_begin           1 
# 
loop_
_struct_ref_seq.align_id 
_struct_ref_seq.ref_id 
_struct_ref_seq.pdbx_PDB_id_code 
_struct_ref_seq.pdbx_strand_id 
_struct_ref_seq.seq_align_beg 
_struct_ref_seq.pdbx_seq_align_beg_ins_code 
_struct_ref_seq.seq_align_end 
_struct_ref_seq.pdbx_seq_align_end_ins_code 
_struct_ref_seq.pdbx_db_accession 
_struct_ref_seq.db_align_beg 
_struct_ref_seq.pdbx_db_align_beg_ins_code 
_struct_ref_seq.db_align_end 
_struct_ref_seq.pdbx_db_align_end_ins_code 
_struct_ref_seq.pdbx_auth_seq_align_beg 
_struct_ref_seq.pdbx_auth_seq_align_end 
1 1 5MVP A 1 ? 12 ? 5MVP 1 ? 12 ? 1 12 
2 1 5MVP B 1 ? 12 ? 5MVP 1 ? 12 ? 1 12 
# 
_pdbx_struct_assembly.id                   1 
_pdbx_struct_assembly.details              software_defined_assembly 
_pdbx_struct_assembly.method_details       PISA 
_pdbx_struct_assembly.oligomeric_details   dimeric 
_pdbx_struct_assembly.oligomeric_count     2 
# 
loop_
_pdbx_struct_assembly_prop.biol_id 
_pdbx_struct_assembly_prop.type 
_pdbx_struct_assembly_prop.value 
_pdbx_struct_assembly_prop.details 
1 'ABSA (A^2)' 1490 ? 
1 MORE         -4   ? 
1 'SSA (A^2)'  4350 ? 
# 
_pdbx_struct_assembly_gen.assembly_id       1 
_pdbx_struct_assembly_gen.oper_expression   1 
_pdbx_struct_assembly_gen.asym_id_list      A,B,C,D,E 
# 
_pdbx_struct_oper_list.id                   1 
_pdbx_struct_oper_list.type                 'identity operation' 
_pdbx_struct_oper_list.name                 1_555 
_pdbx_struct_oper_list.symmetry_operation   x,y,z 
_pdbx_struct_oper_list.matrix[1][1]         1.0000000000 
_pdbx_struct_oper_list.matrix[1][2]         0.0000000000 
_pdbx_struct_oper_list.matrix[1][3]         0.0000000000 
_pdbx_struct_oper_list.vector[1]            0.0000000000 
_pdbx_struct_oper_list.matrix[2][1]         0.0000000000 
_pdbx_struct_oper_list.matrix[2][2]         1.0000000000 
_pdbx_struct_oper_list.matrix[2][3]         0.0000000000 
_pdbx_struct_oper_list.vector[2]            0.0000000000 
_pdbx_struct_oper_list.matrix[3][1]         0.0000000000 
_pdbx_struct_oper_list.matrix[3][2]         0.0000000000 
_pdbx_struct_oper_list.matrix[3][3]         1.0000000000 
_pdbx_struct_oper_list.vector[3]            0.0000000000 
# 
loop_
_struct_conn.id 
_struct_conn.conn_type_id 
_struct_conn.pdbx_leaving_atom_flag 
_struct_conn.pdbx_PDB_id 
_struct_conn.ptnr1_label_asym_id 
_struct_conn.ptnr1_label_comp_id 
_struct_conn.ptnr1_label_seq_id 
_struct_conn.ptnr1_label_atom_id 
_struct_conn.pdbx_ptnr1_label_alt_id 
_struct_conn.pdbx_ptnr1_PDB_ins_code 
_struct_conn.pdbx_ptnr1_standard_comp_id 
_struct_conn.ptnr1_symmetry 
_struct_conn.ptnr2_label_asym_id 
_struct_conn.ptnr2_label_comp_id 
_struct_conn.ptnr2_label_seq_id 
_struct_conn.ptnr2_label_atom_id 
_struct_conn.pdbx_ptnr2_label_alt_id 
_struct_conn.pdbx_ptnr2_PDB_ins_code 
_struct_conn.ptnr1_auth_asym_id 
_struct_conn.ptnr1_auth_comp_id 
_struct_conn.ptnr1_auth_seq_id 
_struct_conn.ptnr2_auth_asym_id 
_struct_conn.ptnr2_auth_comp_id 
_struct_conn.ptnr2_auth_seq_id 
_struct_conn.ptnr2_symmetry 
_struct_conn.pdbx_ptnr3_label_atom_id 
_struct_conn.pdbx_ptnr3_label_seq_id 
_struct_conn.pdbx_ptnr3_label_comp_id 
_struct_conn.pdbx_ptnr3_label_asym_id 
_struct_conn.pdbx_ptnr3_label_alt_id 
_struct_conn.pdbx_ptnr3_PDB_ins_code 
_struct_conn.details 
_struct_conn.pdbx_dist_value 
_struct_conn.pdbx_value_order 
_struct_conn.pdbx_role 
metalc1  metalc ? ? B DG 4  O6 ? ? ? 1_555 C K   .  K  ? ? B DG 4   B K   101 1_555 ? ? ? ? ? ? ?            3.007 ? ? 
metalc2  metalc ? ? B DG 5  O6 ? ? ? 1_555 C K   .  K  ? ? B DG 5   B K   101 1_555 ? ? ? ? ? ? ?            2.685 ? ? 
metalc3  metalc ? ? B DG 6  O6 ? ? ? 1_555 C K   .  K  ? ? B DG 6   B K   101 1_555 ? ? ? ? ? ? ?            2.916 ? ? 
metalc4  metalc ? ? C K  .  K  ? ? ? 1_555 E HOH .  O  ? ? B K  101 B HOH 206 1_555 ? ? ? ? ? ? ?            2.959 ? ? 
metalc5  metalc ? ? C K  .  K  ? ? ? 1_555 E HOH .  O  ? ? B K  101 B HOH 209 1_555 ? ? ? ? ? ? ?            3.367 ? ? 
metalc6  metalc ? ? C K  .  K  ? ? ? 1_555 E HOH .  O  ? ? B K  101 B HOH 219 1_555 ? ? ? ? ? ? ?            2.808 ? ? 
metalc7  metalc ? ? C K  .  K  ? ? ? 1_555 E HOH .  O  ? ? B K  101 B HOH 226 1_555 ? ? ? ? ? ? ?            2.686 ? ? 
hydrog1  hydrog ? ? A DC 1  N3 ? ? ? 1_555 B DG  12 N1 ? ? A DC 1   B DG  12  1_555 ? ? ? ? ? ? WATSON-CRICK ?     ? ? 
hydrog2  hydrog ? ? A DC 1  N4 ? ? ? 1_555 B DG  12 O6 ? ? A DC 1   B DG  12  1_555 ? ? ? ? ? ? WATSON-CRICK ?     ? ? 
hydrog3  hydrog ? ? A DC 1  O2 ? ? ? 1_555 B DG  12 N2 ? ? A DC 1   B DG  12  1_555 ? ? ? ? ? ? WATSON-CRICK ?     ? ? 
hydrog4  hydrog ? ? A DT 2  N3 ? ? ? 1_555 B DA  11 N1 ? ? A DT 2   B DA  11  1_555 ? ? ? ? ? ? WATSON-CRICK ?     ? ? 
hydrog5  hydrog ? ? A DT 2  O4 ? ? ? 1_555 B DA  11 N6 ? ? A DT 2   B DA  11  1_555 ? ? ? ? ? ? WATSON-CRICK ?     ? ? 
hydrog6  hydrog ? ? A DA 3  N1 ? ? ? 1_555 B DT  10 N3 ? ? A DA 3   B DT  10  1_555 ? ? ? ? ? ? WATSON-CRICK ?     ? ? 
hydrog7  hydrog ? ? A DA 3  N6 ? ? ? 1_555 B DT  10 O4 ? ? A DA 3   B DT  10  1_555 ? ? ? ? ? ? WATSON-CRICK ?     ? ? 
hydrog8  hydrog ? ? A DG 4  N1 ? ? ? 1_555 B DC  9  N3 ? ? A DG 4   B DC  9   1_555 ? ? ? ? ? ? WATSON-CRICK ?     ? ? 
hydrog9  hydrog ? ? A DG 4  N2 ? ? ? 1_555 B DC  9  O2 ? ? A DG 4   B DC  9   1_555 ? ? ? ? ? ? WATSON-CRICK ?     ? ? 
hydrog10 hydrog ? ? A DG 4  O6 ? ? ? 1_555 B DC  9  N4 ? ? A DG 4   B DC  9   1_555 ? ? ? ? ? ? WATSON-CRICK ?     ? ? 
hydrog11 hydrog ? ? A DG 5  N1 ? ? ? 1_555 B DC  8  N3 ? ? A DG 5   B DC  8   1_555 ? ? ? ? ? ? WATSON-CRICK ?     ? ? 
hydrog12 hydrog ? ? A DG 5  N2 ? ? ? 1_555 B DC  8  O2 ? ? A DG 5   B DC  8   1_555 ? ? ? ? ? ? WATSON-CRICK ?     ? ? 
hydrog13 hydrog ? ? A DG 5  O6 ? ? ? 1_555 B DC  8  N4 ? ? A DG 5   B DC  8   1_555 ? ? ? ? ? ? WATSON-CRICK ?     ? ? 
hydrog14 hydrog ? ? A DG 6  N1 ? ? ? 1_555 B DC  7  N3 ? ? A DG 6   B DC  7   1_555 ? ? ? ? ? ? WATSON-CRICK ?     ? ? 
hydrog15 hydrog ? ? A DG 6  N2 ? ? ? 1_555 B DC  7  O2 ? ? A DG 6   B DC  7   1_555 ? ? ? ? ? ? WATSON-CRICK ?     ? ? 
hydrog16 hydrog ? ? A DG 6  O6 ? ? ? 1_555 B DC  7  N4 ? ? A DG 6   B DC  7   1_555 ? ? ? ? ? ? WATSON-CRICK ?     ? ? 
hydrog17 hydrog ? ? A DC 7  N3 ? ? ? 1_555 B DG  6  N1 ? ? A DC 7   B DG  6   1_555 ? ? ? ? ? ? WATSON-CRICK ?     ? ? 
hydrog18 hydrog ? ? A DC 7  N4 ? ? ? 1_555 B DG  6  O6 ? ? A DC 7   B DG  6   1_555 ? ? ? ? ? ? WATSON-CRICK ?     ? ? 
hydrog19 hydrog ? ? A DC 7  O2 ? ? ? 1_555 B DG  6  N2 ? ? A DC 7   B DG  6   1_555 ? ? ? ? ? ? WATSON-CRICK ?     ? ? 
hydrog20 hydrog ? ? A DC 8  N3 ? ? ? 1_555 B DG  5  N1 ? ? A DC 8   B DG  5   1_555 ? ? ? ? ? ? WATSON-CRICK ?     ? ? 
hydrog21 hydrog ? ? A DC 8  N4 ? ? ? 1_555 B DG  5  O6 ? ? A DC 8   B DG  5   1_555 ? ? ? ? ? ? WATSON-CRICK ?     ? ? 
hydrog22 hydrog ? ? A DC 8  O2 ? ? ? 1_555 B DG  5  N2 ? ? A DC 8   B DG  5   1_555 ? ? ? ? ? ? WATSON-CRICK ?     ? ? 
hydrog23 hydrog ? ? A DC 9  N3 ? ? ? 1_555 B DG  4  N1 ? ? A DC 9   B DG  4   1_555 ? ? ? ? ? ? WATSON-CRICK ?     ? ? 
hydrog24 hydrog ? ? A DC 9  N4 ? ? ? 1_555 B DG  4  O6 ? ? A DC 9   B DG  4   1_555 ? ? ? ? ? ? WATSON-CRICK ?     ? ? 
hydrog25 hydrog ? ? A DC 9  O2 ? ? ? 1_555 B DG  4  N2 ? ? A DC 9   B DG  4   1_555 ? ? ? ? ? ? WATSON-CRICK ?     ? ? 
hydrog26 hydrog ? ? A DT 10 N3 ? ? ? 1_555 B DA  3  N1 ? ? A DT 10  B DA  3   1_555 ? ? ? ? ? ? WATSON-CRICK ?     ? ? 
hydrog27 hydrog ? ? A DT 10 O4 ? ? ? 1_555 B DA  3  N6 ? ? A DT 10  B DA  3   1_555 ? ? ? ? ? ? WATSON-CRICK ?     ? ? 
hydrog28 hydrog ? ? A DA 11 N1 ? ? ? 1_555 B DT  2  N3 ? ? A DA 11  B DT  2   1_555 ? ? ? ? ? ? WATSON-CRICK ?     ? ? 
hydrog29 hydrog ? ? A DA 11 N6 ? ? ? 1_555 B DT  2  O4 ? ? A DA 11  B DT  2   1_555 ? ? ? ? ? ? WATSON-CRICK ?     ? ? 
hydrog30 hydrog ? ? A DG 12 N1 ? ? ? 1_555 B DC  1  N3 ? ? A DG 12  B DC  1   1_555 ? ? ? ? ? ? WATSON-CRICK ?     ? ? 
hydrog31 hydrog ? ? A DG 12 N2 ? ? ? 1_555 B DC  1  O2 ? ? A DG 12  B DC  1   1_555 ? ? ? ? ? ? WATSON-CRICK ?     ? ? 
hydrog32 hydrog ? ? A DG 12 O6 ? ? ? 1_555 B DC  1  N4 ? ? A DG 12  B DC  1   1_555 ? ? ? ? ? ? WATSON-CRICK ?     ? ? 
# 
loop_
_struct_conn_type.id 
_struct_conn_type.criteria 
_struct_conn_type.reference 
metalc ? ? 
hydrog ? ? 
# 
loop_
_pdbx_struct_conn_angle.id 
_pdbx_struct_conn_angle.ptnr1_label_atom_id 
_pdbx_struct_conn_angle.ptnr1_label_alt_id 
_pdbx_struct_conn_angle.ptnr1_label_asym_id 
_pdbx_struct_conn_angle.ptnr1_label_comp_id 
_pdbx_struct_conn_angle.ptnr1_label_seq_id 
_pdbx_struct_conn_angle.ptnr1_auth_atom_id 
_pdbx_struct_conn_angle.ptnr1_auth_asym_id 
_pdbx_struct_conn_angle.ptnr1_auth_comp_id 
_pdbx_struct_conn_angle.ptnr1_auth_seq_id 
_pdbx_struct_conn_angle.ptnr1_PDB_ins_code 
_pdbx_struct_conn_angle.ptnr1_symmetry 
_pdbx_struct_conn_angle.ptnr2_label_atom_id 
_pdbx_struct_conn_angle.ptnr2_label_alt_id 
_pdbx_struct_conn_angle.ptnr2_label_asym_id 
_pdbx_struct_conn_angle.ptnr2_label_comp_id 
_pdbx_struct_conn_angle.ptnr2_label_seq_id 
_pdbx_struct_conn_angle.ptnr2_auth_atom_id 
_pdbx_struct_conn_angle.ptnr2_auth_asym_id 
_pdbx_struct_conn_angle.ptnr2_auth_comp_id 
_pdbx_struct_conn_angle.ptnr2_auth_seq_id 
_pdbx_struct_conn_angle.ptnr2_PDB_ins_code 
_pdbx_struct_conn_angle.ptnr2_symmetry 
_pdbx_struct_conn_angle.ptnr3_label_atom_id 
_pdbx_struct_conn_angle.ptnr3_label_alt_id 
_pdbx_struct_conn_angle.ptnr3_label_asym_id 
_pdbx_struct_conn_angle.ptnr3_label_comp_id 
_pdbx_struct_conn_angle.ptnr3_label_seq_id 
_pdbx_struct_conn_angle.ptnr3_auth_atom_id 
_pdbx_struct_conn_angle.ptnr3_auth_asym_id 
_pdbx_struct_conn_angle.ptnr3_auth_comp_id 
_pdbx_struct_conn_angle.ptnr3_auth_seq_id 
_pdbx_struct_conn_angle.ptnr3_PDB_ins_code 
_pdbx_struct_conn_angle.ptnr3_symmetry 
_pdbx_struct_conn_angle.value 
_pdbx_struct_conn_angle.value_esd 
1  O6 ? B DG  4 ? B DG  4   ? 1_555 K ? C K . ? B K 101 ? 1_555 O6 ? B DG  5 ? B DG  5   ? 1_555 66.9  ? 
2  O6 ? B DG  4 ? B DG  4   ? 1_555 K ? C K . ? B K 101 ? 1_555 O6 ? B DG  6 ? B DG  6   ? 1_555 124.9 ? 
3  O6 ? B DG  5 ? B DG  5   ? 1_555 K ? C K . ? B K 101 ? 1_555 O6 ? B DG  6 ? B DG  6   ? 1_555 69.2  ? 
4  O6 ? B DG  4 ? B DG  4   ? 1_555 K ? C K . ? B K 101 ? 1_555 O  ? E HOH . ? B HOH 206 ? 1_555 98.7  ? 
5  O6 ? B DG  5 ? B DG  5   ? 1_555 K ? C K . ? B K 101 ? 1_555 O  ? E HOH . ? B HOH 206 ? 1_555 78.2  ? 
6  O6 ? B DG  6 ? B DG  6   ? 1_555 K ? C K . ? B K 101 ? 1_555 O  ? E HOH . ? B HOH 206 ? 1_555 103.3 ? 
7  O6 ? B DG  4 ? B DG  4   ? 1_555 K ? C K . ? B K 101 ? 1_555 O  ? E HOH . ? B HOH 209 ? 1_555 138.3 ? 
8  O6 ? B DG  5 ? B DG  5   ? 1_555 K ? C K . ? B K 101 ? 1_555 O  ? E HOH . ? B HOH 209 ? 1_555 89.1  ? 
9  O6 ? B DG  6 ? B DG  6   ? 1_555 K ? C K . ? B K 101 ? 1_555 O  ? E HOH . ? B HOH 209 ? 1_555 70.3  ? 
10 O  ? E HOH . ? B HOH 206 ? 1_555 K ? C K . ? B K 101 ? 1_555 O  ? E HOH . ? B HOH 209 ? 1_555 41.2  ? 
11 O6 ? B DG  4 ? B DG  4   ? 1_555 K ? C K . ? B K 101 ? 1_555 O  ? E HOH . ? B HOH 219 ? 1_555 77.8  ? 
12 O6 ? B DG  5 ? B DG  5   ? 1_555 K ? C K . ? B K 101 ? 1_555 O  ? E HOH . ? B HOH 219 ? 1_555 138.4 ? 
13 O6 ? B DG  6 ? B DG  6   ? 1_555 K ? C K . ? B K 101 ? 1_555 O  ? E HOH . ? B HOH 219 ? 1_555 152.3 ? 
14 O  ? E HOH . ? B HOH 206 ? 1_555 K ? C K . ? B K 101 ? 1_555 O  ? E HOH . ? B HOH 219 ? 1_555 86.5  ? 
15 O  ? E HOH . ? B HOH 209 ? 1_555 K ? C K . ? B K 101 ? 1_555 O  ? E HOH . ? B HOH 219 ? 1_555 104.4 ? 
16 O6 ? B DG  4 ? B DG  4   ? 1_555 K ? C K . ? B K 101 ? 1_555 O  ? E HOH . ? B HOH 226 ? 1_555 153.4 ? 
17 O6 ? B DG  5 ? B DG  5   ? 1_555 K ? C K . ? B K 101 ? 1_555 O  ? E HOH . ? B HOH 226 ? 1_555 130.8 ? 
18 O6 ? B DG  6 ? B DG  6   ? 1_555 K ? C K . ? B K 101 ? 1_555 O  ? E HOH . ? B HOH 226 ? 1_555 62.4  ? 
19 O  ? E HOH . ? B HOH 206 ? 1_555 K ? C K . ? B K 101 ? 1_555 O  ? E HOH . ? B HOH 226 ? 1_555 104.3 ? 
20 O  ? E HOH . ? B HOH 209 ? 1_555 K ? C K . ? B K 101 ? 1_555 O  ? E HOH . ? B HOH 226 ? 1_555 67.6  ? 
21 O  ? E HOH . ? B HOH 219 ? 1_555 K ? C K . ? B K 101 ? 1_555 O  ? E HOH . ? B HOH 226 ? 1_555 90.3  ? 
# 
_struct_site.id                   AC1 
_struct_site.pdbx_evidence_code   Software 
_struct_site.pdbx_auth_asym_id    B 
_struct_site.pdbx_auth_comp_id    K 
_struct_site.pdbx_auth_seq_id     101 
_struct_site.pdbx_auth_ins_code   ? 
_struct_site.pdbx_num_residues    6 
_struct_site.details              'binding site for residue K B 101' 
# 
loop_
_struct_site_gen.id 
_struct_site_gen.site_id 
_struct_site_gen.pdbx_num_res 
_struct_site_gen.label_comp_id 
_struct_site_gen.label_asym_id 
_struct_site_gen.label_seq_id 
_struct_site_gen.pdbx_auth_ins_code 
_struct_site_gen.auth_comp_id 
_struct_site_gen.auth_asym_id 
_struct_site_gen.auth_seq_id 
_struct_site_gen.label_atom_id 
_struct_site_gen.label_alt_id 
_struct_site_gen.symmetry 
_struct_site_gen.details 
1 AC1 6 DG  B 4 ? DG  B 4   . ? 1_555 ? 
2 AC1 6 DG  B 5 ? DG  B 5   . ? 1_555 ? 
3 AC1 6 DG  B 6 ? DG  B 6   . ? 1_555 ? 
4 AC1 6 HOH E . ? HOH B 206 . ? 1_555 ? 
5 AC1 6 HOH E . ? HOH B 219 . ? 1_555 ? 
6 AC1 6 HOH E . ? HOH B 226 . ? 1_555 ? 
# 
loop_
_pdbx_validate_rmsd_bond.id 
_pdbx_validate_rmsd_bond.PDB_model_num 
_pdbx_validate_rmsd_bond.auth_atom_id_1 
_pdbx_validate_rmsd_bond.auth_asym_id_1 
_pdbx_validate_rmsd_bond.auth_comp_id_1 
_pdbx_validate_rmsd_bond.auth_seq_id_1 
_pdbx_validate_rmsd_bond.PDB_ins_code_1 
_pdbx_validate_rmsd_bond.label_alt_id_1 
_pdbx_validate_rmsd_bond.auth_atom_id_2 
_pdbx_validate_rmsd_bond.auth_asym_id_2 
_pdbx_validate_rmsd_bond.auth_comp_id_2 
_pdbx_validate_rmsd_bond.auth_seq_id_2 
_pdbx_validate_rmsd_bond.PDB_ins_code_2 
_pdbx_validate_rmsd_bond.label_alt_id_2 
_pdbx_validate_rmsd_bond.bond_value 
_pdbx_validate_rmsd_bond.bond_target_value 
_pdbx_validate_rmsd_bond.bond_deviation 
_pdbx_validate_rmsd_bond.bond_standard_deviation 
_pdbx_validate_rmsd_bond.linker_flag 
1 1 "O3'" A DA 3  ? ? "C3'" A DA 3  ? ? 1.373 1.419 -0.046 0.006 N 
2 1 "O3'" A DT 10 ? ? "C3'" A DT 10 ? ? 1.377 1.419 -0.042 0.006 N 
3 1 "O3'" B DA 3  ? ? "C3'" B DA 3  ? ? 1.377 1.419 -0.042 0.006 N 
4 1 "O3'" B DG 4  ? ? "C3'" B DG 4  ? ? 1.381 1.419 -0.038 0.006 N 
# 
loop_
_pdbx_validate_rmsd_angle.id 
_pdbx_validate_rmsd_angle.PDB_model_num 
_pdbx_validate_rmsd_angle.auth_atom_id_1 
_pdbx_validate_rmsd_angle.auth_asym_id_1 
_pdbx_validate_rmsd_angle.auth_comp_id_1 
_pdbx_validate_rmsd_angle.auth_seq_id_1 
_pdbx_validate_rmsd_angle.PDB_ins_code_1 
_pdbx_validate_rmsd_angle.label_alt_id_1 
_pdbx_validate_rmsd_angle.auth_atom_id_2 
_pdbx_validate_rmsd_angle.auth_asym_id_2 
_pdbx_validate_rmsd_angle.auth_comp_id_2 
_pdbx_validate_rmsd_angle.auth_seq_id_2 
_pdbx_validate_rmsd_angle.PDB_ins_code_2 
_pdbx_validate_rmsd_angle.label_alt_id_2 
_pdbx_validate_rmsd_angle.auth_atom_id_3 
_pdbx_validate_rmsd_angle.auth_asym_id_3 
_pdbx_validate_rmsd_angle.auth_comp_id_3 
_pdbx_validate_rmsd_angle.auth_seq_id_3 
_pdbx_validate_rmsd_angle.PDB_ins_code_3 
_pdbx_validate_rmsd_angle.label_alt_id_3 
_pdbx_validate_rmsd_angle.angle_value 
_pdbx_validate_rmsd_angle.angle_target_value 
_pdbx_validate_rmsd_angle.angle_deviation 
_pdbx_validate_rmsd_angle.angle_standard_deviation 
_pdbx_validate_rmsd_angle.linker_flag 
1 1 "O4'" A DC 7 ? ? "C1'" A DC 7 ? ? N1 A DC 7 ? ? 110.34 108.30 2.04 0.30 N 
2 1 "O4'" B DC 8 ? ? "C1'" B DC 8 ? ? N1 B DC 8 ? ? 110.16 108.30 1.86 0.30 N 
# 
_pdbx_distant_solvent_atoms.id                                1 
_pdbx_distant_solvent_atoms.PDB_model_num                     1 
_pdbx_distant_solvent_atoms.auth_atom_id                      O 
_pdbx_distant_solvent_atoms.label_alt_id                      ? 
_pdbx_distant_solvent_atoms.auth_asym_id                      A 
_pdbx_distant_solvent_atoms.auth_comp_id                      HOH 
_pdbx_distant_solvent_atoms.auth_seq_id                       139 
_pdbx_distant_solvent_atoms.PDB_ins_code                      ? 
_pdbx_distant_solvent_atoms.neighbor_macromolecule_distance   6.53 
_pdbx_distant_solvent_atoms.neighbor_ligand_distance          . 
# 
loop_
_chem_comp_atom.comp_id 
_chem_comp_atom.atom_id 
_chem_comp_atom.type_symbol 
_chem_comp_atom.pdbx_aromatic_flag 
_chem_comp_atom.pdbx_stereo_config 
_chem_comp_atom.pdbx_ordinal 
DA  OP3    O N N 1   
DA  P      P N N 2   
DA  OP1    O N N 3   
DA  OP2    O N N 4   
DA  "O5'"  O N N 5   
DA  "C5'"  C N N 6   
DA  "C4'"  C N R 7   
DA  "O4'"  O N N 8   
DA  "C3'"  C N S 9   
DA  "O3'"  O N N 10  
DA  "C2'"  C N N 11  
DA  "C1'"  C N R 12  
DA  N9     N Y N 13  
DA  C8     C Y N 14  
DA  N7     N Y N 15  
DA  C5     C Y N 16  
DA  C6     C Y N 17  
DA  N6     N N N 18  
DA  N1     N Y N 19  
DA  C2     C Y N 20  
DA  N3     N Y N 21  
DA  C4     C Y N 22  
DA  HOP3   H N N 23  
DA  HOP2   H N N 24  
DA  "H5'"  H N N 25  
DA  "H5''" H N N 26  
DA  "H4'"  H N N 27  
DA  "H3'"  H N N 28  
DA  "HO3'" H N N 29  
DA  "H2'"  H N N 30  
DA  "H2''" H N N 31  
DA  "H1'"  H N N 32  
DA  H8     H N N 33  
DA  H61    H N N 34  
DA  H62    H N N 35  
DA  H2     H N N 36  
DC  OP3    O N N 37  
DC  P      P N N 38  
DC  OP1    O N N 39  
DC  OP2    O N N 40  
DC  "O5'"  O N N 41  
DC  "C5'"  C N N 42  
DC  "C4'"  C N R 43  
DC  "O4'"  O N N 44  
DC  "C3'"  C N S 45  
DC  "O3'"  O N N 46  
DC  "C2'"  C N N 47  
DC  "C1'"  C N R 48  
DC  N1     N N N 49  
DC  C2     C N N 50  
DC  O2     O N N 51  
DC  N3     N N N 52  
DC  C4     C N N 53  
DC  N4     N N N 54  
DC  C5     C N N 55  
DC  C6     C N N 56  
DC  HOP3   H N N 57  
DC  HOP2   H N N 58  
DC  "H5'"  H N N 59  
DC  "H5''" H N N 60  
DC  "H4'"  H N N 61  
DC  "H3'"  H N N 62  
DC  "HO3'" H N N 63  
DC  "H2'"  H N N 64  
DC  "H2''" H N N 65  
DC  "H1'"  H N N 66  
DC  H41    H N N 67  
DC  H42    H N N 68  
DC  H5     H N N 69  
DC  H6     H N N 70  
DG  OP3    O N N 71  
DG  P      P N N 72  
DG  OP1    O N N 73  
DG  OP2    O N N 74  
DG  "O5'"  O N N 75  
DG  "C5'"  C N N 76  
DG  "C4'"  C N R 77  
DG  "O4'"  O N N 78  
DG  "C3'"  C N S 79  
DG  "O3'"  O N N 80  
DG  "C2'"  C N N 81  
DG  "C1'"  C N R 82  
DG  N9     N Y N 83  
DG  C8     C Y N 84  
DG  N7     N Y N 85  
DG  C5     C Y N 86  
DG  C6     C N N 87  
DG  O6     O N N 88  
DG  N1     N N N 89  
DG  C2     C N N 90  
DG  N2     N N N 91  
DG  N3     N N N 92  
DG  C4     C Y N 93  
DG  HOP3   H N N 94  
DG  HOP2   H N N 95  
DG  "H5'"  H N N 96  
DG  "H5''" H N N 97  
DG  "H4'"  H N N 98  
DG  "H3'"  H N N 99  
DG  "HO3'" H N N 100 
DG  "H2'"  H N N 101 
DG  "H2''" H N N 102 
DG  "H1'"  H N N 103 
DG  H8     H N N 104 
DG  H1     H N N 105 
DG  H21    H N N 106 
DG  H22    H N N 107 
DT  OP3    O N N 108 
DT  P      P N N 109 
DT  OP1    O N N 110 
DT  OP2    O N N 111 
DT  "O5'"  O N N 112 
DT  "C5'"  C N N 113 
DT  "C4'"  C N R 114 
DT  "O4'"  O N N 115 
DT  "C3'"  C N S 116 
DT  "O3'"  O N N 117 
DT  "C2'"  C N N 118 
DT  "C1'"  C N R 119 
DT  N1     N N N 120 
DT  C2     C N N 121 
DT  O2     O N N 122 
DT  N3     N N N 123 
DT  C4     C N N 124 
DT  O4     O N N 125 
DT  C5     C N N 126 
DT  C7     C N N 127 
DT  C6     C N N 128 
DT  HOP3   H N N 129 
DT  HOP2   H N N 130 
DT  "H5'"  H N N 131 
DT  "H5''" H N N 132 
DT  "H4'"  H N N 133 
DT  "H3'"  H N N 134 
DT  "HO3'" H N N 135 
DT  "H2'"  H N N 136 
DT  "H2''" H N N 137 
DT  "H1'"  H N N 138 
DT  H3     H N N 139 
DT  H71    H N N 140 
DT  H72    H N N 141 
DT  H73    H N N 142 
DT  H6     H N N 143 
HOH O      O N N 144 
HOH H1     H N N 145 
HOH H2     H N N 146 
K   K      K N N 147 
# 
loop_
_chem_comp_bond.comp_id 
_chem_comp_bond.atom_id_1 
_chem_comp_bond.atom_id_2 
_chem_comp_bond.value_order 
_chem_comp_bond.pdbx_aromatic_flag 
_chem_comp_bond.pdbx_stereo_config 
_chem_comp_bond.pdbx_ordinal 
DA  OP3   P      sing N N 1   
DA  OP3   HOP3   sing N N 2   
DA  P     OP1    doub N N 3   
DA  P     OP2    sing N N 4   
DA  P     "O5'"  sing N N 5   
DA  OP2   HOP2   sing N N 6   
DA  "O5'" "C5'"  sing N N 7   
DA  "C5'" "C4'"  sing N N 8   
DA  "C5'" "H5'"  sing N N 9   
DA  "C5'" "H5''" sing N N 10  
DA  "C4'" "O4'"  sing N N 11  
DA  "C4'" "C3'"  sing N N 12  
DA  "C4'" "H4'"  sing N N 13  
DA  "O4'" "C1'"  sing N N 14  
DA  "C3'" "O3'"  sing N N 15  
DA  "C3'" "C2'"  sing N N 16  
DA  "C3'" "H3'"  sing N N 17  
DA  "O3'" "HO3'" sing N N 18  
DA  "C2'" "C1'"  sing N N 19  
DA  "C2'" "H2'"  sing N N 20  
DA  "C2'" "H2''" sing N N 21  
DA  "C1'" N9     sing N N 22  
DA  "C1'" "H1'"  sing N N 23  
DA  N9    C8     sing Y N 24  
DA  N9    C4     sing Y N 25  
DA  C8    N7     doub Y N 26  
DA  C8    H8     sing N N 27  
DA  N7    C5     sing Y N 28  
DA  C5    C6     sing Y N 29  
DA  C5    C4     doub Y N 30  
DA  C6    N6     sing N N 31  
DA  C6    N1     doub Y N 32  
DA  N6    H61    sing N N 33  
DA  N6    H62    sing N N 34  
DA  N1    C2     sing Y N 35  
DA  C2    N3     doub Y N 36  
DA  C2    H2     sing N N 37  
DA  N3    C4     sing Y N 38  
DC  OP3   P      sing N N 39  
DC  OP3   HOP3   sing N N 40  
DC  P     OP1    doub N N 41  
DC  P     OP2    sing N N 42  
DC  P     "O5'"  sing N N 43  
DC  OP2   HOP2   sing N N 44  
DC  "O5'" "C5'"  sing N N 45  
DC  "C5'" "C4'"  sing N N 46  
DC  "C5'" "H5'"  sing N N 47  
DC  "C5'" "H5''" sing N N 48  
DC  "C4'" "O4'"  sing N N 49  
DC  "C4'" "C3'"  sing N N 50  
DC  "C4'" "H4'"  sing N N 51  
DC  "O4'" "C1'"  sing N N 52  
DC  "C3'" "O3'"  sing N N 53  
DC  "C3'" "C2'"  sing N N 54  
DC  "C3'" "H3'"  sing N N 55  
DC  "O3'" "HO3'" sing N N 56  
DC  "C2'" "C1'"  sing N N 57  
DC  "C2'" "H2'"  sing N N 58  
DC  "C2'" "H2''" sing N N 59  
DC  "C1'" N1     sing N N 60  
DC  "C1'" "H1'"  sing N N 61  
DC  N1    C2     sing N N 62  
DC  N1    C6     sing N N 63  
DC  C2    O2     doub N N 64  
DC  C2    N3     sing N N 65  
DC  N3    C4     doub N N 66  
DC  C4    N4     sing N N 67  
DC  C4    C5     sing N N 68  
DC  N4    H41    sing N N 69  
DC  N4    H42    sing N N 70  
DC  C5    C6     doub N N 71  
DC  C5    H5     sing N N 72  
DC  C6    H6     sing N N 73  
DG  OP3   P      sing N N 74  
DG  OP3   HOP3   sing N N 75  
DG  P     OP1    doub N N 76  
DG  P     OP2    sing N N 77  
DG  P     "O5'"  sing N N 78  
DG  OP2   HOP2   sing N N 79  
DG  "O5'" "C5'"  sing N N 80  
DG  "C5'" "C4'"  sing N N 81  
DG  "C5'" "H5'"  sing N N 82  
DG  "C5'" "H5''" sing N N 83  
DG  "C4'" "O4'"  sing N N 84  
DG  "C4'" "C3'"  sing N N 85  
DG  "C4'" "H4'"  sing N N 86  
DG  "O4'" "C1'"  sing N N 87  
DG  "C3'" "O3'"  sing N N 88  
DG  "C3'" "C2'"  sing N N 89  
DG  "C3'" "H3'"  sing N N 90  
DG  "O3'" "HO3'" sing N N 91  
DG  "C2'" "C1'"  sing N N 92  
DG  "C2'" "H2'"  sing N N 93  
DG  "C2'" "H2''" sing N N 94  
DG  "C1'" N9     sing N N 95  
DG  "C1'" "H1'"  sing N N 96  
DG  N9    C8     sing Y N 97  
DG  N9    C4     sing Y N 98  
DG  C8    N7     doub Y N 99  
DG  C8    H8     sing N N 100 
DG  N7    C5     sing Y N 101 
DG  C5    C6     sing N N 102 
DG  C5    C4     doub Y N 103 
DG  C6    O6     doub N N 104 
DG  C6    N1     sing N N 105 
DG  N1    C2     sing N N 106 
DG  N1    H1     sing N N 107 
DG  C2    N2     sing N N 108 
DG  C2    N3     doub N N 109 
DG  N2    H21    sing N N 110 
DG  N2    H22    sing N N 111 
DG  N3    C4     sing N N 112 
DT  OP3   P      sing N N 113 
DT  OP3   HOP3   sing N N 114 
DT  P     OP1    doub N N 115 
DT  P     OP2    sing N N 116 
DT  P     "O5'"  sing N N 117 
DT  OP2   HOP2   sing N N 118 
DT  "O5'" "C5'"  sing N N 119 
DT  "C5'" "C4'"  sing N N 120 
DT  "C5'" "H5'"  sing N N 121 
DT  "C5'" "H5''" sing N N 122 
DT  "C4'" "O4'"  sing N N 123 
DT  "C4'" "C3'"  sing N N 124 
DT  "C4'" "H4'"  sing N N 125 
DT  "O4'" "C1'"  sing N N 126 
DT  "C3'" "O3'"  sing N N 127 
DT  "C3'" "C2'"  sing N N 128 
DT  "C3'" "H3'"  sing N N 129 
DT  "O3'" "HO3'" sing N N 130 
DT  "C2'" "C1'"  sing N N 131 
DT  "C2'" "H2'"  sing N N 132 
DT  "C2'" "H2''" sing N N 133 
DT  "C1'" N1     sing N N 134 
DT  "C1'" "H1'"  sing N N 135 
DT  N1    C2     sing N N 136 
DT  N1    C6     sing N N 137 
DT  C2    O2     doub N N 138 
DT  C2    N3     sing N N 139 
DT  N3    C4     sing N N 140 
DT  N3    H3     sing N N 141 
DT  C4    O4     doub N N 142 
DT  C4    C5     sing N N 143 
DT  C5    C7     sing N N 144 
DT  C5    C6     doub N N 145 
DT  C7    H71    sing N N 146 
DT  C7    H72    sing N N 147 
DT  C7    H73    sing N N 148 
DT  C6    H6     sing N N 149 
HOH O     H1     sing N N 150 
HOH O     H2     sing N N 151 
# 
_ndb_struct_conf_na.entry_id   5MVP 
_ndb_struct_conf_na.feature    'a-form double helix' 
# 
loop_
_ndb_struct_na_base_pair.model_number 
_ndb_struct_na_base_pair.i_label_asym_id 
_ndb_struct_na_base_pair.i_label_comp_id 
_ndb_struct_na_base_pair.i_label_seq_id 
_ndb_struct_na_base_pair.i_symmetry 
_ndb_struct_na_base_pair.j_label_asym_id 
_ndb_struct_na_base_pair.j_label_comp_id 
_ndb_struct_na_base_pair.j_label_seq_id 
_ndb_struct_na_base_pair.j_symmetry 
_ndb_struct_na_base_pair.shear 
_ndb_struct_na_base_pair.stretch 
_ndb_struct_na_base_pair.stagger 
_ndb_struct_na_base_pair.buckle 
_ndb_struct_na_base_pair.propeller 
_ndb_struct_na_base_pair.opening 
_ndb_struct_na_base_pair.pair_number 
_ndb_struct_na_base_pair.pair_name 
_ndb_struct_na_base_pair.i_auth_asym_id 
_ndb_struct_na_base_pair.i_auth_seq_id 
_ndb_struct_na_base_pair.i_PDB_ins_code 
_ndb_struct_na_base_pair.j_auth_asym_id 
_ndb_struct_na_base_pair.j_auth_seq_id 
_ndb_struct_na_base_pair.j_PDB_ins_code 
_ndb_struct_na_base_pair.hbond_type_28 
_ndb_struct_na_base_pair.hbond_type_12 
1 A DC 1  1_555 B DG 12 1_555 0.134  -0.047 0.215  -5.991 -0.362  1.214  1  A_DC1:DG12_B A 1  ? B 12 ? 19 1 
1 A DT 2  1_555 B DA 11 1_555 -0.185 -0.199 0.223  5.759  -10.261 1.946  2  A_DT2:DA11_B A 2  ? B 11 ? 20 1 
1 A DA 3  1_555 B DT 10 1_555 0.077  -0.101 0.037  2.170  -15.425 0.739  3  A_DA3:DT10_B A 3  ? B 10 ? 20 1 
1 A DG 4  1_555 B DC 9  1_555 -0.165 -0.128 0.160  -1.090 -10.611 1.553  4  A_DG4:DC9_B  A 4  ? B 9  ? 19 1 
1 A DG 5  1_555 B DC 8  1_555 -0.494 -0.199 -0.083 -6.399 -13.790 3.687  5  A_DG5:DC8_B  A 5  ? B 8  ? 19 1 
1 A DG 6  1_555 B DC 7  1_555 -0.125 -0.157 -0.197 -9.571 -10.052 0.228  6  A_DG6:DC7_B  A 6  ? B 7  ? 19 1 
1 A DC 7  1_555 B DG 6  1_555 0.226  -0.111 0.063  -1.290 -3.984  -0.151 7  A_DC7:DG6_B  A 7  ? B 6  ? 19 1 
1 A DC 8  1_555 B DG 5  1_555 0.228  -0.157 -0.036 5.473  -9.746  0.468  8  A_DC8:DG5_B  A 8  ? B 5  ? 19 1 
1 A DC 9  1_555 B DG 4  1_555 0.286  -0.145 0.111  1.130  -17.457 5.134  9  A_DC9:DG4_B  A 9  ? B 4  ? 19 1 
1 A DT 10 1_555 B DA 3  1_555 -0.189 -0.174 -0.070 -2.854 -15.295 -1.154 10 A_DT10:DA3_B A 10 ? B 3  ? 20 1 
1 A DA 11 1_555 B DT 2  1_555 0.332  -0.155 0.252  -1.319 -11.836 -0.846 11 A_DA11:DT2_B A 11 ? B 2  ? 20 1 
1 A DG 12 1_555 B DC 1  1_555 -0.143 -0.085 0.441  10.031 -7.077  0.829  12 A_DG12:DC1_B A 12 ? B 1  ? 19 1 
# 
loop_
_ndb_struct_na_base_pair_step.model_number 
_ndb_struct_na_base_pair_step.i_label_asym_id_1 
_ndb_struct_na_base_pair_step.i_label_comp_id_1 
_ndb_struct_na_base_pair_step.i_label_seq_id_1 
_ndb_struct_na_base_pair_step.i_symmetry_1 
_ndb_struct_na_base_pair_step.j_label_asym_id_1 
_ndb_struct_na_base_pair_step.j_label_comp_id_1 
_ndb_struct_na_base_pair_step.j_label_seq_id_1 
_ndb_struct_na_base_pair_step.j_symmetry_1 
_ndb_struct_na_base_pair_step.i_label_asym_id_2 
_ndb_struct_na_base_pair_step.i_label_comp_id_2 
_ndb_struct_na_base_pair_step.i_label_seq_id_2 
_ndb_struct_na_base_pair_step.i_symmetry_2 
_ndb_struct_na_base_pair_step.j_label_asym_id_2 
_ndb_struct_na_base_pair_step.j_label_comp_id_2 
_ndb_struct_na_base_pair_step.j_label_seq_id_2 
_ndb_struct_na_base_pair_step.j_symmetry_2 
_ndb_struct_na_base_pair_step.shift 
_ndb_struct_na_base_pair_step.slide 
_ndb_struct_na_base_pair_step.rise 
_ndb_struct_na_base_pair_step.tilt 
_ndb_struct_na_base_pair_step.roll 
_ndb_struct_na_base_pair_step.twist 
_ndb_struct_na_base_pair_step.x_displacement 
_ndb_struct_na_base_pair_step.y_displacement 
_ndb_struct_na_base_pair_step.helical_rise 
_ndb_struct_na_base_pair_step.inclination 
_ndb_struct_na_base_pair_step.tip 
_ndb_struct_na_base_pair_step.helical_twist 
_ndb_struct_na_base_pair_step.step_number 
_ndb_struct_na_base_pair_step.step_name 
_ndb_struct_na_base_pair_step.i_auth_asym_id_1 
_ndb_struct_na_base_pair_step.i_auth_seq_id_1 
_ndb_struct_na_base_pair_step.i_PDB_ins_code_1 
_ndb_struct_na_base_pair_step.j_auth_asym_id_1 
_ndb_struct_na_base_pair_step.j_auth_seq_id_1 
_ndb_struct_na_base_pair_step.j_PDB_ins_code_1 
_ndb_struct_na_base_pair_step.i_auth_asym_id_2 
_ndb_struct_na_base_pair_step.i_auth_seq_id_2 
_ndb_struct_na_base_pair_step.i_PDB_ins_code_2 
_ndb_struct_na_base_pair_step.j_auth_asym_id_2 
_ndb_struct_na_base_pair_step.j_auth_seq_id_2 
_ndb_struct_na_base_pair_step.j_PDB_ins_code_2 
1 A DC 1  1_555 B DG 12 1_555 A DT 2  1_555 B DA 11 1_555 -0.213 -1.857 3.032 -2.531 1.219  29.924 -3.811 -0.067 2.963 2.354  
4.887  30.052 1  AA_DC1DT2:DA11DG12_BB A 1  ? B 12 ? A 2  ? B 11 ? 
1 A DT 2  1_555 B DA 11 1_555 A DA 3  1_555 B DT 10 1_555 -0.660 -1.358 3.221 -0.711 12.354 30.841 -4.270 1.047  2.521 22.145 
1.274  33.175 2  AA_DT2DA3:DT10DA11_BB A 2  ? B 11 ? A 3  ? B 10 ? 
1 A DA 3  1_555 B DT 10 1_555 A DG 4  1_555 B DC 9  1_555 0.386  -1.515 3.253 -1.460 7.047  33.216 -3.660 -0.882 2.862 12.150 
2.518  33.965 3  AA_DA3DG4:DC9DT10_BB  A 3  ? B 10 ? A 4  ? B 9  ? 
1 A DG 4  1_555 B DC 9  1_555 A DG 5  1_555 B DC 8  1_555 0.486  -2.005 3.339 2.313  11.580 25.743 -6.524 -0.512 2.276 24.421 
-4.877 28.281 4  AA_DG4DG5:DC8DC9_BB   A 4  ? B 9  ? A 5  ? B 8  ? 
1 A DG 5  1_555 B DC 8  1_555 A DG 6  1_555 B DC 7  1_555 -1.074 -1.486 3.334 -3.113 10.311 35.492 -3.686 1.284  2.887 16.453 
4.967  37.040 5  AA_DG5DG6:DC7DC8_BB   A 5  ? B 8  ? A 6  ? B 7  ? 
1 A DG 6  1_555 B DC 7  1_555 A DC 7  1_555 B DG 6  1_555 1.152  -2.131 3.055 1.696  10.918 27.025 -6.192 -1.985 2.118 22.220 
-3.451 29.157 6  AA_DG6DC7:DG6DC7_BB   A 6  ? B 7  ? A 7  ? B 6  ? 
1 A DC 7  1_555 B DG 6  1_555 A DC 8  1_555 B DG 5  1_555 -1.221 -2.098 2.973 -0.275 14.117 23.883 -6.917 2.501  1.528 30.896 
0.602  27.692 7  AA_DC7DC8:DG5DG6_BB   A 7  ? B 6  ? A 8  ? B 5  ? 
1 A DC 8  1_555 B DG 5  1_555 A DC 9  1_555 B DG 4  1_555 1.130  -1.280 3.243 3.957  9.909  36.593 -3.172 -1.250 2.914 15.385 
-6.143 38.065 8  AA_DC8DC9:DG4DG5_BB   A 8  ? B 5  ? A 9  ? B 4  ? 
1 A DC 9  1_555 B DG 4  1_555 A DT 10 1_555 B DA 3  1_555 -1.034 -1.465 3.363 1.665  8.408  28.655 -4.512 2.336  2.767 16.527 
-3.273 29.884 9  AA_DC9DT10:DA3DG4_BB  A 9  ? B 4  ? A 10 ? B 3  ? 
1 A DT 10 1_555 B DA 3  1_555 A DA 11 1_555 B DT 2  1_555 0.551  -1.240 3.159 0.370  16.166 30.276 -4.346 -0.884 2.237 28.538 
-0.653 34.235 10 AA_DT10DA11:DT2DA3_BB A 10 ? B 3  ? A 11 ? B 2  ? 
1 A DA 11 1_555 B DT 2  1_555 A DG 12 1_555 B DC 1  1_555 0.304  -1.400 2.995 1.030  0.996  30.894 -2.800 -0.388 2.958 1.868  
-1.933 30.926 11 AA_DA11DG12:DC1DT2_BB A 11 ? B 2  ? A 12 ? B 1  ? 
# 
_pdbx_audit_support.country                ? 
_pdbx_audit_support.funding_organization   'Biotechnology and Biological Sciences Research Council' 
_pdbx_audit_support.grant_number           BB/J001694/2 
_pdbx_audit_support.ordinal                1 
# 
_pdbx_initial_refinement_model.id               1 
_pdbx_initial_refinement_model.entity_id_list   ? 
_pdbx_initial_refinement_model.type             'experimental model' 
_pdbx_initial_refinement_model.source_name      PDB 
_pdbx_initial_refinement_model.accession_code   5MVL 
_pdbx_initial_refinement_model.details          ? 
# 
_atom_sites.entry_id                    5MVP 
_atom_sites.fract_transf_matrix[1][1]   -0.02314120 
_atom_sites.fract_transf_matrix[1][2]   -0.01290006 
_atom_sites.fract_transf_matrix[1][3]   0.00326456 
_atom_sites.fract_transf_matrix[2][1]   -0.01830139 
_atom_sites.fract_transf_matrix[2][2]   0.00029314 
_atom_sites.fract_transf_matrix[2][3]   -0.01943184 
_atom_sites.fract_transf_matrix[3][1]   0.00657371 
_atom_sites.fract_transf_matrix[3][2]   -0.01341047 
_atom_sites.fract_transf_matrix[3][3]   -0.00639359 
_atom_sites.fract_transf_vector[1]      0.024888 
_atom_sites.fract_transf_vector[2]      1.477556 
_atom_sites.fract_transf_vector[3]      0.076751 
# 
loop_
_atom_type.symbol 
C 
K 
N 
O 
P 
# 
loop_
_atom_site.group_PDB 
_atom_site.id 
_atom_site.type_symbol 
_atom_site.label_atom_id 
_atom_site.label_alt_id 
_atom_site.label_comp_id 
_atom_site.label_asym_id 
_atom_site.label_entity_id 
_atom_site.label_seq_id 
_atom_site.pdbx_PDB_ins_code 
_atom_site.Cartn_x 
_atom_site.Cartn_y 
_atom_site.Cartn_z 
_atom_site.occupancy 
_atom_site.B_iso_or_equiv 
_atom_site.pdbx_formal_charge 
_atom_site.auth_seq_id 
_atom_site.auth_comp_id 
_atom_site.auth_asym_id 
_atom_site.auth_atom_id 
_atom_site.pdbx_PDB_model_num 
ATOM   1   O "O5'" . DC  A 1 1  ? 2.147   -11.893 -2.375  1.00 53.90 ? 1   DC  A "O5'" 1 
ATOM   2   C "C5'" . DC  A 1 1  ? 1.123   -12.635 -3.035  1.00 52.35 ? 1   DC  A "C5'" 1 
ATOM   3   C "C4'" . DC  A 1 1  ? 0.143   -13.212 -2.035  1.00 41.39 ? 1   DC  A "C4'" 1 
ATOM   4   O "O4'" . DC  A 1 1  ? 0.859   -14.059 -1.105  1.00 39.53 ? 1   DC  A "O4'" 1 
ATOM   5   C "C3'" . DC  A 1 1  ? -0.562  -12.192 -1.162  1.00 36.19 ? 1   DC  A "C3'" 1 
ATOM   6   O "O3'" . DC  A 1 1  ? -1.727  -11.694 -1.782  1.00 37.17 ? 1   DC  A "O3'" 1 
ATOM   7   C "C2'" . DC  A 1 1  ? -0.884  -12.998 0.089   1.00 33.44 ? 1   DC  A "C2'" 1 
ATOM   8   C "C1'" . DC  A 1 1  ? 0.309   -13.926 0.201   1.00 35.40 ? 1   DC  A "C1'" 1 
ATOM   9   N N1    . DC  A 1 1  ? 1.359   -13.422 1.099   1.00 33.70 ? 1   DC  A N1    1 
ATOM   10  C C2    . DC  A 1 1  ? 1.113   -13.339 2.469   1.00 31.11 ? 1   DC  A C2    1 
ATOM   11  O O2    . DC  A 1 1  ? 0.020   -13.670 2.893   1.00 29.28 ? 1   DC  A O2    1 
ATOM   12  N N3    . DC  A 1 1  ? 2.078   -12.889 3.279   1.00 29.55 ? 1   DC  A N3    1 
ATOM   13  C C4    . DC  A 1 1  ? 3.252   -12.542 2.780   1.00 33.73 ? 1   DC  A C4    1 
ATOM   14  N N4    . DC  A 1 1  ? 4.189   -12.109 3.620   1.00 35.38 ? 1   DC  A N4    1 
ATOM   15  C C5    . DC  A 1 1  ? 3.530   -12.631 1.390   1.00 39.25 ? 1   DC  A C5    1 
ATOM   16  C C6    . DC  A 1 1  ? 2.561   -13.076 0.595   1.00 38.41 ? 1   DC  A C6    1 
ATOM   17  P P     . DT  A 1 2  ? -2.345  -10.305 -1.289  1.00 36.81 ? 2   DT  A P     1 
ATOM   18  O OP1   . DT  A 1 2  ? -3.521  -10.000 -2.136  1.00 37.69 ? 2   DT  A OP1   1 
ATOM   19  O OP2   . DT  A 1 2  ? -1.252  -9.331  -1.181  1.00 36.61 ? 2   DT  A OP2   1 
ATOM   20  O "O5'" . DT  A 1 2  ? -2.829  -10.571 0.199   1.00 34.04 ? 2   DT  A "O5'" 1 
ATOM   21  C "C5'" . DT  A 1 2  ? -3.948  -11.404 0.438   1.00 31.45 ? 2   DT  A "C5'" 1 
ATOM   22  C "C4'" . DT  A 1 2  ? -4.246  -11.460 1.904   1.00 29.25 ? 2   DT  A "C4'" 1 
ATOM   23  O "O4'" . DT  A 1 2  ? -3.091  -11.963 2.580   1.00 27.91 ? 2   DT  A "O4'" 1 
ATOM   24  C "C3'" . DT  A 1 2  ? -4.499  -10.130 2.566   1.00 29.92 ? 2   DT  A "C3'" 1 
ATOM   25  O "O3'" . DT  A 1 2  ? -5.813  -9.703  2.388   1.00 34.86 ? 2   DT  A "O3'" 1 
ATOM   26  C "C2'" . DT  A 1 2  ? -4.183  -10.441 4.009   1.00 30.04 ? 2   DT  A "C2'" 1 
ATOM   27  C "C1'" . DT  A 1 2  ? -3.003  -11.382 3.871   1.00 30.24 ? 2   DT  A "C1'" 1 
ATOM   28  N N1    . DT  A 1 2  ? -1.660  -10.745 4.021   1.00 31.28 ? 2   DT  A N1    1 
ATOM   29  C C2    . DT  A 1 2  ? -1.195  -10.511 5.272   1.00 26.68 ? 2   DT  A C2    1 
ATOM   30  O O2    . DT  A 1 2  ? -1.856  -10.742 6.260   1.00 27.92 ? 2   DT  A O2    1 
ATOM   31  N N3    . DT  A 1 2  ? 0.087   -10.028 5.334   1.00 29.54 ? 2   DT  A N3    1 
ATOM   32  C C4    . DT  A 1 2  ? 0.905   -9.706  4.268   1.00 28.77 ? 2   DT  A C4    1 
ATOM   33  O O4    . DT  A 1 2  ? 2.037   -9.249  4.420   1.00 31.86 ? 2   DT  A O4    1 
ATOM   34  C C5    . DT  A 1 2  ? 0.352   -9.983  2.974   1.00 32.11 ? 2   DT  A C5    1 
ATOM   35  C C7    . DT  A 1 2  ? 1.153   -9.702  1.745   1.00 33.66 ? 2   DT  A C7    1 
ATOM   36  C C6    . DT  A 1 2  ? -0.889  -10.489 2.909   1.00 28.48 ? 2   DT  A C6    1 
ATOM   37  P P     . DA  A 1 3  ? -6.098  -8.144  2.170   1.00 41.37 ? 3   DA  A P     1 
ATOM   38  O OP1   . DA  A 1 3  ? -7.515  -8.078  1.728   1.00 47.31 ? 3   DA  A OP1   1 
ATOM   39  O OP2   . DA  A 1 3  ? -4.980  -7.577  1.372   1.00 40.35 ? 3   DA  A OP2   1 
ATOM   40  O "O5'" . DA  A 1 3  ? -5.987  -7.486  3.634   1.00 36.68 ? 3   DA  A "O5'" 1 
ATOM   41  C "C5'" . DA  A 1 3  ? -6.973  -7.756  4.582   1.00 32.47 ? 3   DA  A "C5'" 1 
ATOM   42  C "C4'" . DA  A 1 3  ? -6.494  -7.465  5.999   1.00 32.95 ? 3   DA  A "C4'" 1 
ATOM   43  O "O4'" . DA  A 1 3  ? -5.326  -8.246  6.330   1.00 33.77 ? 3   DA  A "O4'" 1 
ATOM   44  C "C3'" . DA  A 1 3  ? -6.045  -6.044  6.270   1.00 32.93 ? 3   DA  A "C3'" 1 
ATOM   45  O "O3'" . DA  A 1 3  ? -7.137  -5.226  6.424   1.00 34.76 ? 3   DA  A "O3'" 1 
ATOM   46  C "C2'" . DA  A 1 3  ? -5.282  -6.233  7.559   1.00 32.91 ? 3   DA  A "C2'" 1 
ATOM   47  C "C1'" . DA  A 1 3  ? -4.534  -7.508  7.270   1.00 33.49 ? 3   DA  A "C1'" 1 
ATOM   48  N N9    . DA  A 1 3  ? -3.221  -7.277  6.705   1.00 31.17 ? 3   DA  A N9    1 
ATOM   49  C C8    . DA  A 1 3  ? -2.862  -7.372  5.401   1.00 28.06 ? 3   DA  A C8    1 
ATOM   50  N N7    . DA  A 1 3  ? -1.592  -7.108  5.192   1.00 30.64 ? 3   DA  A N7    1 
ATOM   51  C C5    . DA  A 1 3  ? -1.098  -6.794  6.447   1.00 27.32 ? 3   DA  A C5    1 
ATOM   52  C C6    . DA  A 1 3  ? 0.198   -6.439  6.916   1.00 28.91 ? 3   DA  A C6    1 
ATOM   53  N N6    . DA  A 1 3  ? 1.268   -6.313  6.121   1.00 29.76 ? 3   DA  A N6    1 
ATOM   54  N N1    . DA  A 1 3  ? 0.346   -6.190  8.231   1.00 29.15 ? 3   DA  A N1    1 
ATOM   55  C C2    . DA  A 1 3  ? -0.717  -6.304  9.023   1.00 31.91 ? 3   DA  A C2    1 
ATOM   56  N N3    . DA  A 1 3  ? -1.974  -6.647  8.706   1.00 30.99 ? 3   DA  A N3    1 
ATOM   57  C C4    . DA  A 1 3  ? -2.091  -6.883  7.388   1.00 30.50 ? 3   DA  A C4    1 
ATOM   58  P P     . DG  A 1 4  ? -7.107  -3.713  5.917   1.00 34.08 ? 4   DG  A P     1 
ATOM   59  O OP1   . DG  A 1 4  ? -8.524  -3.364  6.182   1.00 38.00 ? 4   DG  A OP1   1 
ATOM   60  O OP2   . DG  A 1 4  ? -6.508  -3.539  4.571   1.00 34.17 ? 4   DG  A OP2   1 
ATOM   61  O "O5'" . DG  A 1 4  ? -6.198  -2.945  6.973   1.00 35.84 ? 4   DG  A "O5'" 1 
ATOM   62  C "C5'" . DG  A 1 4  ? -6.630  -2.834  8.323   1.00 31.64 ? 4   DG  A "C5'" 1 
ATOM   63  C "C4'" . DG  A 1 4  ? -5.495  -2.369  9.228   1.00 34.02 ? 4   DG  A "C4'" 1 
ATOM   64  O "O4'" . DG  A 1 4  ? -4.462  -3.389  9.283   1.00 34.33 ? 4   DG  A "O4'" 1 
ATOM   65  C "C3'" . DG  A 1 4  ? -4.750  -1.126  8.771   1.00 40.30 ? 4   DG  A "C3'" 1 
ATOM   66  O "O3'" . DG  A 1 4  ? -5.462  0.074   9.031   1.00 47.83 ? 4   DG  A "O3'" 1 
ATOM   67  C "C2'" . DG  A 1 4  ? -3.484  -1.254  9.588   1.00 36.90 ? 4   DG  A "C2'" 1 
ATOM   68  C "C1'" . DG  A 1 4  ? -3.200  -2.745  9.452   1.00 34.65 ? 4   DG  A "C1'" 1 
ATOM   69  N N9    . DG  A 1 4  ? -2.362  -3.008  8.305   1.00 31.10 ? 4   DG  A N9    1 
ATOM   70  C C8    . DG  A 1 4  ? -2.751  -3.477  7.062   1.00 30.79 ? 4   DG  A C8    1 
ATOM   71  N N7    . DG  A 1 4  ? -1.765  -3.570  6.210   1.00 27.76 ? 4   DG  A N7    1 
ATOM   72  C C5    . DG  A 1 4  ? -0.647  -3.143  6.946   1.00 29.62 ? 4   DG  A C5    1 
ATOM   73  C C6    . DG  A 1 4  ? 0.709   -3.042  6.575   1.00 29.55 ? 4   DG  A C6    1 
ATOM   74  O O6    . DG  A 1 4  ? 1.225   -3.307  5.471   1.00 30.11 ? 4   DG  A O6    1 
ATOM   75  N N1    . DG  A 1 4  ? 1.499   -2.549  7.627   1.00 28.45 ? 4   DG  A N1    1 
ATOM   76  C C2    . DG  A 1 4  ? 1.022   -2.224  8.885   1.00 33.20 ? 4   DG  A C2    1 
ATOM   77  N N2    . DG  A 1 4  ? 1.921   -1.778  9.776   1.00 34.13 ? 4   DG  A N2    1 
ATOM   78  N N3    . DG  A 1 4  ? -0.248  -2.337  9.246   1.00 31.53 ? 4   DG  A N3    1 
ATOM   79  C C4    . DG  A 1 4  ? -1.015  -2.791  8.234   1.00 31.57 ? 4   DG  A C4    1 
ATOM   80  P P     . DG  A 1 5  ? -5.387  1.270   7.964   1.00 47.14 ? 5   DG  A P     1 
ATOM   81  O OP1   . DG  A 1 5  ? -6.374  2.291   8.379   1.00 57.33 ? 5   DG  A OP1   1 
ATOM   82  O OP2   . DG  A 1 5  ? -5.314  0.688   6.604   1.00 53.37 ? 5   DG  A OP2   1 
ATOM   83  O "O5'" . DG  A 1 5  ? -3.935  1.890   8.163   1.00 42.79 ? 5   DG  A "O5'" 1 
ATOM   84  C "C5'" . DG  A 1 5  ? -3.630  2.503   9.350   1.00 39.95 ? 5   DG  A "C5'" 1 
ATOM   85  C "C4'" . DG  A 1 5  ? -2.146  2.651   9.506   1.00 32.19 ? 5   DG  A "C4'" 1 
ATOM   86  O "O4'" . DG  A 1 5  ? -1.495  1.385   9.237   1.00 32.19 ? 5   DG  A "O4'" 1 
ATOM   87  C "C3'" . DG  A 1 5  ? -1.472  3.588   8.555   1.00 32.74 ? 5   DG  A "C3'" 1 
ATOM   88  O "O3'" . DG  A 1 5  ? -1.693  4.931   8.920   1.00 37.86 ? 5   DG  A "O3'" 1 
ATOM   89  C "C2'" . DG  A 1 5  ? -0.024  3.154   8.734   1.00 33.88 ? 5   DG  A "C2'" 1 
ATOM   90  C "C1'" . DG  A 1 5  ? -0.163  1.635   8.837   1.00 32.82 ? 5   DG  A "C1'" 1 
ATOM   91  N N9    . DG  A 1 5  ? 0.096   0.964   7.565   1.00 29.10 ? 5   DG  A N9    1 
ATOM   92  C C8    . DG  A 1 5  ? -0.818  0.389   6.709   1.00 29.83 ? 5   DG  A C8    1 
ATOM   93  N N7    . DG  A 1 5  ? -0.273  -0.086  5.622   1.00 32.09 ? 5   DG  A N7    1 
ATOM   94  C C5    . DG  A 1 5  ? 1.084   0.219   5.770   1.00 30.33 ? 5   DG  A C5    1 
ATOM   95  C C6    . DG  A 1 5  ? 2.183   -0.052  4.919   1.00 28.47 ? 5   DG  A C6    1 
ATOM   96  O O6    . DG  A 1 5  ? 2.169   -0.621  3.808   1.00 27.91 ? 5   DG  A O6    1 
ATOM   97  N N1    . DG  A 1 5  ? 3.387   0.442   5.443   1.00 28.50 ? 5   DG  A N1    1 
ATOM   98  C C2    . DG  A 1 5  ? 3.509   1.088   6.652   1.00 28.36 ? 5   DG  A C2    1 
ATOM   99  N N2    . DG  A 1 5  ? 4.757   1.496   7.014   1.00 29.46 ? 5   DG  A N2    1 
ATOM   100 N N3    . DG  A 1 5  ? 2.481   1.337   7.452   1.00 28.96 ? 5   DG  A N3    1 
ATOM   101 C C4    . DG  A 1 5  ? 1.310   0.874   6.946   1.00 30.65 ? 5   DG  A C4    1 
ATOM   102 P P     . DG  A 1 6  ? -1.368  6.105   7.886   1.00 35.45 ? 6   DG  A P     1 
ATOM   103 O OP1   . DG  A 1 6  ? -1.905  7.337   8.511   1.00 40.95 ? 6   DG  A OP1   1 
ATOM   104 O OP2   . DG  A 1 6  ? -1.796  5.702   6.529   1.00 39.19 ? 6   DG  A OP2   1 
ATOM   105 O "O5'" . DG  A 1 6  ? 0.221   6.220   7.897   1.00 35.80 ? 6   DG  A "O5'" 1 
ATOM   106 C "C5'" . DG  A 1 6  ? 0.885   6.828   8.917   1.00 36.43 ? 6   DG  A "C5'" 1 
ATOM   107 C "C4'" . DG  A 1 6  ? 2.317   7.059   8.504   1.00 37.84 ? 6   DG  A "C4'" 1 
ATOM   108 O "O4'" . DG  A 1 6  ? 2.970   5.778   8.277   1.00 37.87 ? 6   DG  A "O4'" 1 
ATOM   109 C "C3'" . DG  A 1 6  ? 2.480   7.802   7.197   1.00 35.23 ? 6   DG  A "C3'" 1 
ATOM   110 O "O3'" . DG  A 1 6  ? 2.431   9.192   7.396   1.00 36.84 ? 6   DG  A "O3'" 1 
ATOM   111 C "C2'" . DG  A 1 6  ? 3.849   7.329   6.730   1.00 34.61 ? 6   DG  A "C2'" 1 
ATOM   112 C "C1'" . DG  A 1 6  ? 3.836   5.867   7.150   1.00 33.85 ? 6   DG  A "C1'" 1 
ATOM   113 N N9    . DG  A 1 6  ? 3.341   4.965   6.102   1.00 31.57 ? 6   DG  A N9    1 
ATOM   114 C C8    . DG  A 1 6  ? 2.072   4.464   5.978   1.00 29.44 ? 6   DG  A C8    1 
ATOM   115 N N7    . DG  A 1 6  ? 1.910   3.713   4.943   1.00 31.37 ? 6   DG  A N7    1 
ATOM   116 C C5    . DG  A 1 6  ? 3.145   3.695   4.326   1.00 32.99 ? 6   DG  A C5    1 
ATOM   117 C C6    . DG  A 1 6  ? 3.572   3.013   3.153   1.00 27.66 ? 6   DG  A C6    1 
ATOM   118 O O6    . DG  A 1 6  ? 2.917   2.276   2.383   1.00 26.05 ? 6   DG  A O6    1 
ATOM   119 N N1    . DG  A 1 6  ? 4.890   3.280   2.874   1.00 28.45 ? 6   DG  A N1    1 
ATOM   120 C C2    . DG  A 1 6  ? 5.711   4.083   3.627   1.00 31.10 ? 6   DG  A C2    1 
ATOM   121 N N2    . DG  A 1 6  ? 6.957   4.217   3.187   1.00 30.79 ? 6   DG  A N2    1 
ATOM   122 N N3    . DG  A 1 6  ? 5.337   4.709   4.739   1.00 30.12 ? 6   DG  A N3    1 
ATOM   123 C C4    . DG  A 1 6  ? 4.043   4.470   5.022   1.00 31.10 ? 6   DG  A C4    1 
ATOM   124 P P     . DC  A 1 7  ? 1.833   10.145  6.270   1.00 33.71 ? 7   DC  A P     1 
ATOM   125 O OP1   . DC  A 1 7  ? 2.014   11.551  6.759   1.00 35.62 ? 7   DC  A OP1   1 
ATOM   126 O OP2   . DC  A 1 7  ? 0.507   9.617   5.852   1.00 32.06 ? 7   DC  A OP2   1 
ATOM   127 O "O5'" . DC  A 1 7  ? 2.833   9.880   5.064   1.00 31.09 ? 7   DC  A "O5'" 1 
ATOM   128 C "C5'" . DC  A 1 7  ? 2.419   9.892   3.745   1.00 30.08 ? 7   DC  A "C5'" 1 
ATOM   129 C "C4'" . DC  A 1 7  ? 3.608   9.563   2.896   1.00 30.64 ? 7   DC  A "C4'" 1 
ATOM   130 O "O4'" . DC  A 1 7  ? 4.008   8.199   3.148   1.00 32.77 ? 7   DC  A "O4'" 1 
ATOM   131 C "C3'" . DC  A 1 7  ? 3.381   9.642   1.408   1.00 31.36 ? 7   DC  A "C3'" 1 
ATOM   132 O "O3'" . DC  A 1 7  ? 3.517   10.992  0.980   1.00 35.33 ? 7   DC  A "O3'" 1 
ATOM   133 C "C2'" . DC  A 1 7  ? 4.481   8.721   0.896   1.00 30.45 ? 7   DC  A "C2'" 1 
ATOM   134 C "C1'" . DC  A 1 7  ? 4.443   7.603   1.925   1.00 28.18 ? 7   DC  A "C1'" 1 
ATOM   135 N N1    . DC  A 1 7  ? 3.526   6.525   1.527   1.00 27.68 ? 7   DC  A N1    1 
ATOM   136 C C2    . DC  A 1 7  ? 3.898   5.694   0.486   1.00 25.90 ? 7   DC  A C2    1 
ATOM   137 O O2    . DC  A 1 7  ? 4.995   5.879   -0.049  1.00 26.85 ? 7   DC  A O2    1 
ATOM   138 N N3    . DC  A 1 7  ? 3.056   4.703   0.097   1.00 23.93 ? 7   DC  A N3    1 
ATOM   139 C C4    . DC  A 1 7  ? 1.900   4.561   0.696   1.00 26.26 ? 7   DC  A C4    1 
ATOM   140 N N4    . DC  A 1 7  ? 1.103   3.604   0.269   1.00 24.60 ? 7   DC  A N4    1 
ATOM   141 C C5    . DC  A 1 7  ? 1.484   5.421   1.744   1.00 24.67 ? 7   DC  A C5    1 
ATOM   142 C C6    . DC  A 1 7  ? 2.324   6.367   2.133   1.00 27.53 ? 7   DC  A C6    1 
ATOM   143 P P     . DC  A 1 8  ? 2.666   11.573  -0.253  1.00 33.75 ? 8   DC  A P     1 
ATOM   144 O OP1   . DC  A 1 8  ? 2.876   13.028  -0.200  1.00 39.89 ? 8   DC  A OP1   1 
ATOM   145 O OP2   . DC  A 1 8  ? 1.305   10.984  -0.229  1.00 32.93 ? 8   DC  A OP2   1 
ATOM   146 O "O5'" . DC  A 1 8  ? 3.408   10.941  -1.517  1.00 31.24 ? 8   DC  A "O5'" 1 
ATOM   147 C "C5'" . DC  A 1 8  ? 4.672   11.416  -1.845  1.00 32.65 ? 8   DC  A "C5'" 1 
ATOM   148 C "C4'" . DC  A 1 8  ? 5.244   10.670  -3.016  1.00 32.17 ? 8   DC  A "C4'" 1 
ATOM   149 O "O4'" . DC  A 1 8  ? 5.417   9.289   -2.665  1.00 33.18 ? 8   DC  A "O4'" 1 
ATOM   150 C "C3'" . DC  A 1 8  ? 4.366   10.631  -4.245  1.00 31.29 ? 8   DC  A "C3'" 1 
ATOM   151 O "O3'" . DC  A 1 8  ? 4.458   11.814  -4.997  1.00 34.61 ? 8   DC  A "O3'" 1 
ATOM   152 C "C2'" . DC  A 1 8  ? 4.934   9.444   -4.977  1.00 30.68 ? 8   DC  A "C2'" 1 
ATOM   153 C "C1'" . DC  A 1 8  ? 5.237   8.502   -3.838  1.00 29.15 ? 8   DC  A "C1'" 1 
ATOM   154 N N1    . DC  A 1 8  ? 4.146   7.547   -3.610  1.00 26.17 ? 8   DC  A N1    1 
ATOM   155 C C2    . DC  A 1 8  ? 4.069   6.446   -4.424  1.00 24.53 ? 8   DC  A C2    1 
ATOM   156 O O2    . DC  A 1 8  ? 4.920   6.323   -5.326  1.00 26.68 ? 8   DC  A O2    1 
ATOM   157 N N3    . DC  A 1 8  ? 3.102   5.549   -4.215  1.00 24.17 ? 8   DC  A N3    1 
ATOM   158 C C4    . DC  A 1 8  ? 2.217   5.736   -3.253  1.00 25.97 ? 8   DC  A C4    1 
ATOM   159 N N4    . DC  A 1 8  ? 1.277   4.814   -3.091  1.00 24.67 ? 8   DC  A N4    1 
ATOM   160 C C5    . DC  A 1 8  ? 2.276   6.862   -2.388  1.00 25.71 ? 8   DC  A C5    1 
ATOM   161 C C6    . DC  A 1 8  ? 3.239   7.750   -2.613  1.00 27.53 ? 8   DC  A C6    1 
ATOM   162 P P     . DC  A 1 9  ? 3.154   12.364  -5.756  1.00 36.38 ? 9   DC  A P     1 
ATOM   163 O OP1   . DC  A 1 9  ? 3.530   13.696  -6.251  1.00 43.35 ? 9   DC  A OP1   1 
ATOM   164 O OP2   . DC  A 1 9  ? 1.976   12.229  -4.870  1.00 35.29 ? 9   DC  A OP2   1 
ATOM   165 O "O5'" . DC  A 1 9  ? 2.906   11.331  -6.945  1.00 30.94 ? 9   DC  A "O5'" 1 
ATOM   166 C "C5'" . DC  A 1 9  ? 3.803   11.295  -8.015  1.00 32.08 ? 9   DC  A "C5'" 1 
ATOM   167 C "C4'" . DC  A 1 9  ? 3.639   10.028  -8.822  1.00 29.52 ? 9   DC  A "C4'" 1 
ATOM   168 O "O4'" . DC  A 1 9  ? 3.671   8.891   -7.926  1.00 28.32 ? 9   DC  A "O4'" 1 
ATOM   169 C "C3'" . DC  A 1 9  ? 2.327   9.891   -9.567  1.00 31.26 ? 9   DC  A "C3'" 1 
ATOM   170 O "O3'" . DC  A 1 9  ? 2.356   10.560  -10.818 1.00 34.35 ? 9   DC  A "O3'" 1 
ATOM   171 C "C2'" . DC  A 1 9  ? 2.215   8.395   -9.737  1.00 27.70 ? 9   DC  A "C2'" 1 
ATOM   172 C "C1'" . DC  A 1 9  ? 2.837   7.864   -8.447  1.00 26.12 ? 9   DC  A "C1'" 1 
ATOM   173 N N1    . DC  A 1 9  ? 1.837   7.489   -7.439  1.00 24.66 ? 9   DC  A N1    1 
ATOM   174 C C2    . DC  A 1 9  ? 1.204   6.259   -7.550  1.00 23.86 ? 9   DC  A C2    1 
ATOM   175 O O2    . DC  A 1 9  ? 1.508   5.515   -8.506  1.00 28.98 ? 9   DC  A O2    1 
ATOM   176 N N3    . DC  A 1 9  ? 0.298   5.906   -6.624  1.00 24.72 ? 9   DC  A N3    1 
ATOM   177 C C4    . DC  A 1 9  ? -0.021  6.750   -5.649  1.00 23.77 ? 9   DC  A C4    1 
ATOM   178 N N4    . DC  A 1 9  ? -0.929  6.349   -4.776  1.00 26.94 ? 9   DC  A N4    1 
ATOM   179 C C5    . DC  A 1 9  ? 0.614   8.016   -5.506  1.00 24.42 ? 9   DC  A C5    1 
ATOM   180 C C6    . DC  A 1 9  ? 1.520   8.354   -6.421  1.00 28.46 ? 9   DC  A C6    1 
ATOM   181 P P     . DT  A 1 10 ? 0.985   10.979  -11.549 1.00 35.89 ? 10  DT  A P     1 
ATOM   182 O OP1   . DT  A 1 10 ? 1.359   11.893  -12.642 1.00 41.31 ? 10  DT  A OP1   1 
ATOM   183 O OP2   . DT  A 1 10 ? -0.039  11.379  -10.553 1.00 35.21 ? 10  DT  A OP2   1 
ATOM   184 O "O5'" . DT  A 1 10 ? 0.444   9.632   -12.160 1.00 31.32 ? 10  DT  A "O5'" 1 
ATOM   185 C "C5'" . DT  A 1 10 ? 1.126   9.010   -13.193 1.00 33.58 ? 10  DT  A "C5'" 1 
ATOM   186 C "C4'" . DT  A 1 10 ? 0.382   7.771   -13.601 1.00 30.85 ? 10  DT  A "C4'" 1 
ATOM   187 O "O4'" . DT  A 1 10 ? 0.333   6.853   -12.492 1.00 29.28 ? 10  DT  A "O4'" 1 
ATOM   188 C "C3'" . DT  A 1 10 ? -1.056  8.010   -13.959 1.00 35.18 ? 10  DT  A "C3'" 1 
ATOM   189 O "O3'" . DT  A 1 10 ? -1.136  8.423   -15.270 1.00 39.14 ? 10  DT  A "O3'" 1 
ATOM   190 C "C2'" . DT  A 1 10 ? -1.697  6.656   -13.711 1.00 34.07 ? 10  DT  A "C2'" 1 
ATOM   191 C "C1'" . DT  A 1 10 ? -0.887  6.119   -12.532 1.00 31.04 ? 10  DT  A "C1'" 1 
ATOM   192 N N1    . DT  A 1 10 ? -1.558  6.240   -11.173 1.00 28.49 ? 10  DT  A N1    1 
ATOM   193 C C2    . DT  A 1 10 ? -2.355  5.215   -10.720 1.00 30.68 ? 10  DT  A C2    1 
ATOM   194 O O2    . DT  A 1 10 ? -2.573  4.211   -11.364 1.00 32.24 ? 10  DT  A O2    1 
ATOM   195 N N3    . DT  A 1 10 ? -2.887  5.400   -9.471  1.00 31.06 ? 10  DT  A N3    1 
ATOM   196 C C4    . DT  A 1 10 ? -2.726  6.502   -8.652  1.00 26.67 ? 10  DT  A C4    1 
ATOM   197 O O4    . DT  A 1 10 ? -3.258  6.584   -7.544  1.00 30.50 ? 10  DT  A O4    1 
ATOM   198 C C5    . DT  A 1 10 ? -1.891  7.550   -9.191  1.00 31.21 ? 10  DT  A C5    1 
ATOM   199 C C7    . DT  A 1 10 ? -1.651  8.797   -8.406  1.00 31.12 ? 10  DT  A C7    1 
ATOM   200 C C6    . DT  A 1 10 ? -1.343  7.369   -10.406 1.00 29.87 ? 10  DT  A C6    1 
ATOM   201 P P     . DA  A 1 11 ? -2.392  9.264   -15.746 1.00 46.38 ? 11  DA  A P     1 
ATOM   202 O OP1   . DA  A 1 11 ? -2.101  9.582   -17.160 1.00 52.13 ? 11  DA  A OP1   1 
ATOM   203 O OP2   . DA  A 1 11 ? -2.692  10.332  -14.759 1.00 41.47 ? 11  DA  A OP2   1 
ATOM   204 O "O5'" . DA  A 1 11 ? -3.533  8.180   -15.628 1.00 50.86 ? 11  DA  A "O5'" 1 
ATOM   205 C "C5'" . DA  A 1 11 ? -4.754  8.522   -15.124 1.00 37.58 ? 11  DA  A "C5'" 1 
ATOM   206 C "C4'" . DA  A 1 11 ? -5.606  7.289   -14.992 1.00 44.59 ? 11  DA  A "C4'" 1 
ATOM   207 O "O4'" . DA  A 1 11 ? -5.063  6.427   -13.965 1.00 46.34 ? 11  DA  A "O4'" 1 
ATOM   208 C "C3'" . DA  A 1 11 ? -7.024  7.576   -14.571 1.00 40.52 ? 11  DA  A "C3'" 1 
ATOM   209 O "O3'" . DA  A 1 11 ? -7.833  7.866   -15.701 1.00 45.26 ? 11  DA  A "O3'" 1 
ATOM   210 C "C2'" . DA  A 1 11 ? -7.412  6.291   -13.869 1.00 42.56 ? 11  DA  A "C2'" 1 
ATOM   211 C "C1'" . DA  A 1 11 ? -6.123  5.924   -13.162 1.00 41.53 ? 11  DA  A "C1'" 1 
ATOM   212 N N9    . DA  A 1 11 ? -5.991  6.485   -11.817 1.00 32.10 ? 11  DA  A N9    1 
ATOM   213 C C8    . DA  A 1 11 ? -5.249  7.567   -11.436 1.00 30.18 ? 11  DA  A C8    1 
ATOM   214 N N7    . DA  A 1 11 ? -5.310  7.819   -10.147 1.00 30.70 ? 11  DA  A N7    1 
ATOM   215 C C5    . DA  A 1 11 ? -6.139  6.832   -9.652  1.00 31.46 ? 11  DA  A C5    1 
ATOM   216 C C6    . DA  A 1 11 ? -6.616  6.545   -8.346  1.00 30.13 ? 11  DA  A C6    1 
ATOM   217 N N6    . DA  A 1 11 ? -6.281  7.259   -7.250  1.00 32.23 ? 11  DA  A N6    1 
ATOM   218 N N1    . DA  A 1 11 ? -7.432  5.481   -8.205  1.00 32.99 ? 11  DA  A N1    1 
ATOM   219 C C2    . DA  A 1 11 ? -7.771  4.775   -9.299  1.00 31.43 ? 11  DA  A C2    1 
ATOM   220 N N3    . DA  A 1 11 ? -7.390  4.957   -10.570 1.00 32.41 ? 11  DA  A N3    1 
ATOM   221 C C4    . DA  A 1 11 ? -6.558  5.998   -10.674 1.00 29.22 ? 11  DA  A C4    1 
ATOM   222 P P     . DG  A 1 12 ? -9.107  8.833   -15.551 1.00 49.36 ? 12  DG  A P     1 
ATOM   223 O OP1   . DG  A 1 12 ? -9.657  9.034   -16.906 1.00 60.50 ? 12  DG  A OP1   1 
ATOM   224 O OP2   . DG  A 1 12 ? -8.793  9.977   -14.655 1.00 50.30 ? 12  DG  A OP2   1 
ATOM   225 O "O5'" . DG  A 1 12 ? -10.139 7.960   -14.716 1.00 50.91 ? 12  DG  A "O5'" 1 
ATOM   226 C "C5'" . DG  A 1 12 ? -10.549 6.708   -15.190 1.00 47.99 ? 12  DG  A "C5'" 1 
ATOM   227 C "C4'" . DG  A 1 12 ? -11.418 6.021   -14.161 1.00 43.37 ? 12  DG  A "C4'" 1 
ATOM   228 O "O4'" . DG  A 1 12 ? -10.626 5.764   -12.981 1.00 41.91 ? 12  DG  A "O4'" 1 
ATOM   229 C "C3'" . DG  A 1 12 ? -12.594 6.842   -13.674 1.00 43.27 ? 12  DG  A "C3'" 1 
ATOM   230 O "O3'" . DG  A 1 12 ? -13.755 6.645   -14.513 1.00 45.72 ? 12  DG  A "O3'" 1 
ATOM   231 C "C2'" . DG  A 1 12 ? -12.808 6.325   -12.261 1.00 42.28 ? 12  DG  A "C2'" 1 
ATOM   232 C "C1'" . DG  A 1 12 ? -11.412 5.914   -11.818 1.00 37.90 ? 12  DG  A "C1'" 1 
ATOM   233 N N9    . DG  A 1 12 ? -10.724 6.859   -10.926 1.00 31.36 ? 12  DG  A N9    1 
ATOM   234 C C8    . DG  A 1 12 ? -9.886  7.894   -11.280 1.00 33.41 ? 12  DG  A C8    1 
ATOM   235 N N7    . DG  A 1 12 ? -9.364  8.512   -10.260 1.00 32.29 ? 12  DG  A N7    1 
ATOM   236 C C5    . DG  A 1 12 ? -9.885  7.842   -9.161  1.00 29.79 ? 12  DG  A C5    1 
ATOM   237 C C6    . DG  A 1 12 ? -9.686  8.065   -7.779  1.00 28.70 ? 12  DG  A C6    1 
ATOM   238 O O6    . DG  A 1 12 ? -8.986  8.925   -7.234  1.00 29.54 ? 12  DG  A O6    1 
ATOM   239 N N1    . DG  A 1 12 ? -10.375 7.135   -6.997  1.00 25.57 ? 12  DG  A N1    1 
ATOM   240 C C2    . DG  A 1 12 ? -11.176 6.132   -7.487  1.00 27.85 ? 12  DG  A C2    1 
ATOM   241 N N2    . DG  A 1 12 ? -11.787 5.371   -6.573  1.00 31.37 ? 12  DG  A N2    1 
ATOM   242 N N3    . DG  A 1 12 ? -11.400 5.931   -8.789  1.00 26.72 ? 12  DG  A N3    1 
ATOM   243 C C4    . DG  A 1 12 ? -10.708 6.813   -9.558  1.00 28.32 ? 12  DG  A C4    1 
ATOM   244 O "O5'" . DC  B 1 1  ? -9.593  6.787   1.695   1.00 53.54 ? 1   DC  B "O5'" 1 
ATOM   245 C "C5'" . DC  B 1 1  ? -10.855 6.360   2.194   1.00 51.73 ? 1   DC  B "C5'" 1 
ATOM   246 C "C4'" . DC  B 1 1  ? -11.690 5.702   1.109   1.00 44.08 ? 1   DC  B "C4'" 1 
ATOM   247 O "O4'" . DC  B 1 1  ? -12.099 6.681   0.131   1.00 42.84 ? 1   DC  B "O4'" 1 
ATOM   248 C "C3'" . DC  B 1 1  ? -10.973 4.634   0.309   1.00 42.78 ? 1   DC  B "C3'" 1 
ATOM   249 O "O3'" . DC  B 1 1  ? -11.039 3.408   0.979   1.00 39.95 ? 1   DC  B "O3'" 1 
ATOM   250 C "C2'" . DC  B 1 1  ? -11.753 4.636   -0.993  1.00 39.69 ? 1   DC  B "C2'" 1 
ATOM   251 C "C1'" . DC  B 1 1  ? -12.073 6.111   -1.168  1.00 40.23 ? 1   DC  B "C1'" 1 
ATOM   252 N N1    . DC  B 1 1  ? -11.094 6.852   -1.976  1.00 40.27 ? 1   DC  B N1    1 
ATOM   253 C C2    . DC  B 1 1  ? -11.029 6.640   -3.356  1.00 33.34 ? 1   DC  B C2    1 
ATOM   254 O O2    . DC  B 1 1  ? -11.772 5.828   -3.871  1.00 33.18 ? 1   DC  B O2    1 
ATOM   255 N N3    . DC  B 1 1  ? -10.148 7.340   -4.086  1.00 33.79 ? 1   DC  B N3    1 
ATOM   256 C C4    . DC  B 1 1  ? -9.350  8.219   -3.497  1.00 34.07 ? 1   DC  B C4    1 
ATOM   257 N N4    . DC  B 1 1  ? -8.506  8.889   -4.261  1.00 34.41 ? 1   DC  B N4    1 
ATOM   258 C C5    . DC  B 1 1  ? -9.407  8.462   -2.093  1.00 41.83 ? 1   DC  B C5    1 
ATOM   259 C C6    . DC  B 1 1  ? -10.287 7.764   -1.382  1.00 40.79 ? 1   DC  B C6    1 
ATOM   260 P P     . DT  B 1 2  ? -10.025 2.230   0.631   1.00 40.05 ? 2   DT  B P     1 
ATOM   261 O OP1   . DT  B 1 2  ? -10.426 1.088   1.488   1.00 44.05 ? 2   DT  B OP1   1 
ATOM   262 O OP2   . DT  B 1 2  ? -8.657  2.786   0.609   1.00 43.83 ? 2   DT  B OP2   1 
ATOM   263 O "O5'" . DT  B 1 2  ? -10.373 1.861   -0.873  1.00 39.06 ? 2   DT  B "O5'" 1 
ATOM   264 C "C5'" . DT  B 1 2  ? -11.546 1.179   -1.166  1.00 39.75 ? 2   DT  B "C5'" 1 
ATOM   265 C "C4'" . DT  B 1 2  ? -11.675 0.940   -2.652  1.00 34.79 ? 2   DT  B "C4'" 1 
ATOM   266 O "O4'" . DT  B 1 2  ? -11.646 2.205   -3.340  1.00 36.44 ? 2   DT  B "O4'" 1 
ATOM   267 C "C3'" . DT  B 1 2  ? -10.560 0.139   -3.294  1.00 33.27 ? 2   DT  B "C3'" 1 
ATOM   268 O "O3'" . DT  B 1 2  ? -10.792 -1.247  -3.210  1.00 41.23 ? 2   DT  B "O3'" 1 
ATOM   269 C "C2'" . DT  B 1 2  ? -10.595 0.618   -4.733  1.00 32.56 ? 2   DT  B "C2'" 1 
ATOM   270 C "C1'" . DT  B 1 2  ? -11.002 2.061   -4.598  1.00 33.97 ? 2   DT  B "C1'" 1 
ATOM   271 N N1    . DT  B 1 2  ? -9.888  3.023   -4.660  1.00 33.51 ? 2   DT  B N1    1 
ATOM   272 C C2    . DT  B 1 2  ? -9.441  3.430   -5.883  1.00 31.19 ? 2   DT  B C2    1 
ATOM   273 O O2    . DT  B 1 2  ? -9.875  2.990   -6.921  1.00 34.22 ? 2   DT  B O2    1 
ATOM   274 N N3    . DT  B 1 2  ? -8.469  4.375   -5.850  1.00 31.86 ? 2   DT  B N3    1 
ATOM   275 C C4    . DT  B 1 2  ? -7.890  4.936   -4.731  1.00 29.61 ? 2   DT  B C4    1 
ATOM   276 O O4    . DT  B 1 2  ? -7.024  5.781   -4.810  1.00 33.68 ? 2   DT  B O4    1 
ATOM   277 C C5    . DT  B 1 2  ? -8.409  4.483   -3.477  1.00 34.65 ? 2   DT  B C5    1 
ATOM   278 C C7    . DT  B 1 2  ? -7.864  5.035   -2.197  1.00 42.60 ? 2   DT  B C7    1 
ATOM   279 C C6    . DT  B 1 2  ? -9.380  3.561   -3.495  1.00 36.57 ? 2   DT  B C6    1 
ATOM   280 P P     . DA  B 1 3  ? -9.561  -2.278  -3.240  1.00 44.06 ? 3   DA  B P     1 
ATOM   281 O OP1   . DA  B 1 3  ? -10.157 -3.629  -3.112  1.00 44.79 ? 3   DA  B OP1   1 
ATOM   282 O OP2   . DA  B 1 3  ? -8.507  -1.798  -2.326  1.00 47.18 ? 3   DA  B OP2   1 
ATOM   283 O "O5'" . DA  B 1 3  ? -8.940  -2.157  -4.687  1.00 35.44 ? 3   DA  B "O5'" 1 
ATOM   284 C "C5'" . DA  B 1 3  ? -9.590  -2.723  -5.764  1.00 39.99 ? 3   DA  B "C5'" 1 
ATOM   285 C "C4'" . DA  B 1 3  ? -8.846  -2.400  -7.022  1.00 41.34 ? 3   DA  B "C4'" 1 
ATOM   286 O "O4'" . DA  B 1 3  ? -8.736  -0.980  -7.147  1.00 43.56 ? 3   DA  B "O4'" 1 
ATOM   287 C "C3'" . DA  B 1 3  ? -7.430  -2.904  -7.036  1.00 45.23 ? 3   DA  B "C3'" 1 
ATOM   288 O "O3'" . DA  B 1 3  ? -7.389  -4.150  -7.620  1.00 48.23 ? 3   DA  B "O3'" 1 
ATOM   289 C "C2'" . DA  B 1 3  ? -6.673  -1.876  -7.854  1.00 48.13 ? 3   DA  B "C2'" 1 
ATOM   290 C "C1'" . DA  B 1 3  ? -7.559  -0.650  -7.828  1.00 43.15 ? 3   DA  B "C1'" 1 
ATOM   291 N N9    . DA  B 1 3  ? -6.941  0.479   -7.168  1.00 37.84 ? 3   DA  B N9    1 
ATOM   292 C C8    . DA  B 1 3  ? -6.996  0.809   -5.837  1.00 37.56 ? 3   DA  B C8    1 
ATOM   293 N N7    . DA  B 1 3  ? -6.318  1.902   -5.538  1.00 30.75 ? 3   DA  B N7    1 
ATOM   294 C C5    . DA  B 1 3  ? -5.807  2.312   -6.772  1.00 29.58 ? 3   DA  B C5    1 
ATOM   295 C C6    . DA  B 1 3  ? -5.030  3.410   -7.167  1.00 30.38 ? 3   DA  B C6    1 
ATOM   296 N N6    . DA  B 1 3  ? -4.573  4.333   -6.321  1.00 30.76 ? 3   DA  B N6    1 
ATOM   297 N N1    . DA  B 1 3  ? -4.684  3.505   -8.474  1.00 29.26 ? 3   DA  B N1    1 
ATOM   298 C C2    . DA  B 1 3  ? -5.107  2.572   -9.321  1.00 28.94 ? 3   DA  B C2    1 
ATOM   299 N N3    . DA  B 1 3  ? -5.867  1.513   -9.080  1.00 32.33 ? 3   DA  B N3    1 
ATOM   300 C C4    . DA  B 1 3  ? -6.180  1.435   -7.771  1.00 33.04 ? 3   DA  B C4    1 
ATOM   301 P P     . DG  B 1 4  ? -6.067  -5.028  -7.519  1.00 47.81 ? 4   DG  B P     1 
ATOM   302 O OP1   . DG  B 1 4  ? -6.431  -6.404  -7.943  1.00 60.05 ? 4   DG  B OP1   1 
ATOM   303 O OP2   . DG  B 1 4  ? -5.447  -4.702  -6.216  1.00 43.95 ? 4   DG  B OP2   1 
ATOM   304 O "O5'" . DG  B 1 4  ? -5.110  -4.390  -8.610  1.00 44.95 ? 4   DG  B "O5'" 1 
ATOM   305 C "C5'" . DG  B 1 4  ? -3.903  -3.969  -8.229  1.00 42.80 ? 4   DG  B "C5'" 1 
ATOM   306 C "C4'" . DG  B 1 4  ? -3.336  -3.041  -9.237  1.00 36.29 ? 4   DG  B "C4'" 1 
ATOM   307 O "O4'" . DG  B 1 4  ? -3.880  -1.740  -9.002  1.00 32.29 ? 4   DG  B "O4'" 1 
ATOM   308 C "C3'" . DG  B 1 4  ? -1.843  -2.891  -9.133  1.00 41.21 ? 4   DG  B "C3'" 1 
ATOM   309 O "O3'" . DG  B 1 4  ? -1.206  -3.791  -9.965  1.00 42.54 ? 4   DG  B "O3'" 1 
ATOM   310 C "C2'" . DG  B 1 4  ? -1.593  -1.469  -9.550  1.00 37.61 ? 4   DG  B "C2'" 1 
ATOM   311 C "C1'" . DG  B 1 4  ? -2.868  -0.771  -9.142  1.00 33.26 ? 4   DG  B "C1'" 1 
ATOM   312 N N9    . DG  B 1 4  ? -2.762  -0.002  -7.910  1.00 29.80 ? 4   DG  B N9    1 
ATOM   313 C C8    . DG  B 1 4  ? -3.324  -0.247  -6.688  1.00 29.16 ? 4   DG  B C8    1 
ATOM   314 N N7    . DG  B 1 4  ? -3.069  0.704   -5.801  1.00 27.72 ? 4   DG  B N7    1 
ATOM   315 C C5    . DG  B 1 4  ? -2.280  1.605   -6.499  1.00 26.21 ? 4   DG  B C5    1 
ATOM   316 C C6    . DG  B 1 4  ? -1.699  2.829   -6.106  1.00 25.88 ? 4   DG  B C6    1 
ATOM   317 O O6    . DG  B 1 4  ? -1.730  3.390   -5.001  1.00 27.23 ? 4   DG  B O6    1 
ATOM   318 N N1    . DG  B 1 4  ? -0.978  3.399   -7.138  1.00 24.35 ? 4   DG  B N1    1 
ATOM   319 C C2    . DG  B 1 4  ? -0.849  2.875   -8.400  1.00 26.14 ? 4   DG  B C2    1 
ATOM   320 N N2    . DG  B 1 4  ? -0.105  3.573   -9.272  1.00 25.76 ? 4   DG  B N2    1 
ATOM   321 N N3    . DG  B 1 4  ? -1.382  1.745   -8.770  1.00 25.83 ? 4   DG  B N3    1 
ATOM   322 C C4    . DG  B 1 4  ? -2.077  1.169   -7.787  1.00 26.09 ? 4   DG  B C4    1 
ATOM   323 P P     . DG  B 1 5  ? 0.206   -4.352  -9.503  1.00 44.20 ? 5   DG  B P     1 
ATOM   324 O OP1   . DG  B 1 5  ? 0.501   -5.480  -10.393 1.00 59.27 ? 5   DG  B OP1   1 
ATOM   325 O OP2   . DG  B 1 5  ? 0.222   -4.458  -8.026  1.00 44.99 ? 5   DG  B OP2   1 
ATOM   326 O "O5'" . DG  B 1 5  ? 1.219   -3.184  -9.828  1.00 36.35 ? 5   DG  B "O5'" 1 
ATOM   327 C "C5'" . DG  B 1 5  ? 1.596   -2.892  -11.161 1.00 30.86 ? 5   DG  B "C5'" 1 
ATOM   328 C "C4'" . DG  B 1 5  ? 2.708   -1.865  -11.154 1.00 29.48 ? 5   DG  B "C4'" 1 
ATOM   329 O "O4'" . DG  B 1 5  ? 2.162   -0.568  -10.817 1.00 28.97 ? 5   DG  B "O4'" 1 
ATOM   330 C "C3'" . DG  B 1 5  ? 3.769   -2.089  -10.109 1.00 26.71 ? 5   DG  B "C3'" 1 
ATOM   331 O "O3'" . DG  B 1 5  ? 4.726   -3.040  -10.546 1.00 30.00 ? 5   DG  B "O3'" 1 
ATOM   332 C "C2'" . DG  B 1 5  ? 4.337   -0.694  -9.943  1.00 24.64 ? 5   DG  B "C2'" 1 
ATOM   333 C "C1'" . DG  B 1 5  ? 3.095   0.176   -10.061 1.00 26.11 ? 5   DG  B "C1'" 1 
ATOM   334 N N9    . DG  B 1 5  ? 2.461   0.506   -8.770  1.00 25.87 ? 5   DG  B N9    1 
ATOM   335 C C8    . DG  B 1 5  ? 1.484   -0.217  -8.109  1.00 25.54 ? 5   DG  B C8    1 
ATOM   336 N N7    . DG  B 1 5  ? 1.141   0.288   -6.962  1.00 25.20 ? 5   DG  B N7    1 
ATOM   337 C C5    . DG  B 1 5  ? 1.910   1.432   -6.868  1.00 24.12 ? 5   DG  B C5    1 
ATOM   338 C C6    . DG  B 1 5  ? 1.943   2.409   -5.857  1.00 23.76 ? 5   DG  B C6    1 
ATOM   339 O O6    . DG  B 1 5  ? 1.266   2.448   -4.800  1.00 23.42 ? 5   DG  B O6    1 
ATOM   340 N N1    . DG  B 1 5  ? 2.926   3.374   -6.118  1.00 22.37 ? 5   DG  B N1    1 
ATOM   341 C C2    . DG  B 1 5  ? 3.697   3.436   -7.253  1.00 23.78 ? 5   DG  B C2    1 
ATOM   342 N N2    . DG  B 1 5  ? 4.560   4.459   -7.326  1.00 24.88 ? 5   DG  B N2    1 
ATOM   343 N N3    . DG  B 1 5  ? 3.675   2.520   -8.222  1.00 24.80 ? 5   DG  B N3    1 
ATOM   344 C C4    . DG  B 1 5  ? 2.765   1.552   -7.956  1.00 21.33 ? 5   DG  B C4    1 
ATOM   345 P P     . DG  B 1 6  ? 5.554   -3.858  -9.449  1.00 29.68 ? 6   DG  B P     1 
ATOM   346 O OP1   . DG  B 1 6  ? 6.507   -4.697  -10.217 1.00 33.19 ? 6   DG  B OP1   1 
ATOM   347 O OP2   . DG  B 1 6  ? 4.610   -4.537  -8.543  1.00 28.88 ? 6   DG  B OP2   1 
ATOM   348 O "O5'" . DG  B 1 6  ? 6.319   -2.703  -8.681  1.00 29.94 ? 6   DG  B "O5'" 1 
ATOM   349 C "C5'" . DG  B 1 6  ? 6.466   -2.728  -7.288  1.00 29.75 ? 6   DG  B "C5'" 1 
ATOM   350 C "C4'" . DG  B 1 6  ? 7.075   -1.424  -6.831  1.00 27.30 ? 6   DG  B "C4'" 1 
ATOM   351 O "O4'" . DG  B 1 6  ? 6.061   -0.377  -6.913  1.00 28.06 ? 6   DG  B "O4'" 1 
ATOM   352 C "C3'" . DG  B 1 6  ? 7.560   -1.364  -5.385  1.00 28.34 ? 6   DG  B "C3'" 1 
ATOM   353 O "O3'" . DG  B 1 6  ? 8.826   -1.969  -5.241  1.00 34.86 ? 6   DG  B "O3'" 1 
ATOM   354 C "C2'" . DG  B 1 6  ? 7.588   0.133   -5.184  1.00 28.77 ? 6   DG  B "C2'" 1 
ATOM   355 C "C1'" . DG  B 1 6  ? 6.292   0.560   -5.885  1.00 26.98 ? 6   DG  B "C1'" 1 
ATOM   356 N N9    . DG  B 1 6  ? 5.129   0.583   -5.023  1.00 25.06 ? 6   DG  B N9    1 
ATOM   357 C C8    . DG  B 1 6  ? 4.073   -0.284  -5.002  1.00 23.67 ? 6   DG  B C8    1 
ATOM   358 N N7    . DG  B 1 6  ? 3.169   0.022   -4.102  1.00 24.14 ? 6   DG  B N7    1 
ATOM   359 C C5    . DG  B 1 6  ? 3.690   1.139   -3.471  1.00 24.49 ? 6   DG  B C5    1 
ATOM   360 C C6    . DG  B 1 6  ? 3.156   1.936   -2.423  1.00 22.19 ? 6   DG  B C6    1 
ATOM   361 O O6    . DG  B 1 6  ? 2.104   1.763   -1.802  1.00 22.67 ? 6   DG  B O6    1 
ATOM   362 N N1    . DG  B 1 6  ? 3.993   2.996   -2.092  1.00 24.32 ? 6   DG  B N1    1 
ATOM   363 C C2    . DG  B 1 6  ? 5.192   3.259   -2.693  1.00 24.32 ? 6   DG  B C2    1 
ATOM   364 N N2    . DG  B 1 6  ? 5.870   4.323   -2.251  1.00 25.10 ? 6   DG  B N2    1 
ATOM   365 N N3    . DG  B 1 6  ? 5.687   2.534   -3.703  1.00 26.61 ? 6   DG  B N3    1 
ATOM   366 C C4    . DG  B 1 6  ? 4.884   1.500   -4.026  1.00 23.82 ? 6   DG  B C4    1 
ATOM   367 P P     . DC  B 1 7  ? 9.266   -2.699  -3.880  1.00 33.24 ? 7   DC  B P     1 
ATOM   368 O OP1   . DC  B 1 7  ? 10.511  -3.442  -4.177  1.00 36.59 ? 7   DC  B OP1   1 
ATOM   369 O OP2   . DC  B 1 7  ? 8.128   -3.409  -3.323  1.00 30.77 ? 7   DC  B OP2   1 
ATOM   370 O "O5'" . DC  B 1 7  ? 9.597   -1.494  -2.907  1.00 34.92 ? 7   DC  B "O5'" 1 
ATOM   371 C "C5'" . DC  B 1 7  ? 10.713  -0.680  -3.192  1.00 38.33 ? 7   DC  B "C5'" 1 
ATOM   372 C "C4'" . DC  B 1 7  ? 10.821  0.417   -2.178  1.00 37.04 ? 7   DC  B "C4'" 1 
ATOM   373 O "O4'" . DC  B 1 7  ? 9.678   1.284   -2.282  1.00 35.59 ? 7   DC  B "O4'" 1 
ATOM   374 C "C3'" . DC  B 1 7  ? 10.812  -0.063  -0.739  1.00 37.28 ? 7   DC  B "C3'" 1 
ATOM   375 O "O3'" . DC  B 1 7  ? 12.100  -0.514  -0.344  1.00 39.27 ? 7   DC  B "O3'" 1 
ATOM   376 C "C2'" . DC  B 1 7  ? 10.363  1.180   0.003   1.00 35.28 ? 7   DC  B "C2'" 1 
ATOM   377 C "C1'" . DC  B 1 7  ? 9.379   1.803   -0.983  1.00 31.82 ? 7   DC  B "C1'" 1 
ATOM   378 N N1    . DC  B 1 7  ? 7.992   1.494   -0.663  1.00 29.10 ? 7   DC  B N1    1 
ATOM   379 C C2    . DC  B 1 7  ? 7.355   2.250   0.310   1.00 28.77 ? 7   DC  B C2    1 
ATOM   380 O O2    . DC  B 1 7  ? 7.987   3.172   0.846   1.00 29.16 ? 7   DC  B O2    1 
ATOM   381 N N3    . DC  B 1 7  ? 6.071   1.978   0.621   1.00 27.09 ? 7   DC  B N3    1 
ATOM   382 C C4    . DC  B 1 7  ? 5.443   0.980   0.007   1.00 27.64 ? 7   DC  B C4    1 
ATOM   383 N N4    . DC  B 1 7  ? 4.190   0.751   0.324   1.00 26.08 ? 7   DC  B N4    1 
ATOM   384 C C5    . DC  B 1 7  ? 6.087   0.168   -0.966  1.00 25.98 ? 7   DC  B C5    1 
ATOM   385 C C6    . DC  B 1 7  ? 7.352   0.460   -1.274  1.00 27.24 ? 7   DC  B C6    1 
ATOM   386 P P     . DC  B 1 8  ? 12.231  -1.752  0.667   1.00 43.69 ? 8   DC  B P     1 
ATOM   387 O OP1   . DC  B 1 8  ? 13.655  -2.084  0.776   1.00 48.27 ? 8   DC  B OP1   1 
ATOM   388 O OP2   . DC  B 1 8  ? 11.275  -2.790  0.268   1.00 39.11 ? 8   DC  B OP2   1 
ATOM   389 O "O5'" . DC  B 1 8  ? 11.602  -1.200  2.032   1.00 39.71 ? 8   DC  B "O5'" 1 
ATOM   390 C "C5'" . DC  B 1 8  ? 12.298  -0.248  2.794   1.00 36.77 ? 8   DC  B "C5'" 1 
ATOM   391 C "C4'" . DC  B 1 8  ? 11.410  0.326   3.874   1.00 35.13 ? 8   DC  B "C4'" 1 
ATOM   392 O "O4'" . DC  B 1 8  ? 10.216  0.875   3.277   1.00 35.03 ? 8   DC  B "O4'" 1 
ATOM   393 C "C3'" . DC  B 1 8  ? 10.866  -0.656  4.883   1.00 36.05 ? 8   DC  B "C3'" 1 
ATOM   394 O "O3'" . DC  B 1 8  ? 11.841  -1.028  5.872   1.00 37.19 ? 8   DC  B "O3'" 1 
ATOM   395 C "C2'" . DC  B 1 8  ? 9.724   0.153   5.467   1.00 32.66 ? 8   DC  B "C2'" 1 
ATOM   396 C "C1'" . DC  B 1 8  ? 9.180   0.868   4.249   1.00 31.36 ? 8   DC  B "C1'" 1 
ATOM   397 N N1    . DC  B 1 8  ? 7.978   0.190   3.709   1.00 29.24 ? 8   DC  B N1    1 
ATOM   398 C C2    . DC  B 1 8  ? 6.736   0.469   4.279   1.00 30.74 ? 8   DC  B C2    1 
ATOM   399 O O2    . DC  B 1 8  ? 6.676   1.297   5.201   1.00 32.35 ? 8   DC  B O2    1 
ATOM   400 N N3    . DC  B 1 8  ? 5.629   -0.163  3.809   1.00 31.78 ? 8   DC  B N3    1 
ATOM   401 C C4    . DC  B 1 8  ? 5.738   -1.043  2.826   1.00 28.75 ? 8   DC  B C4    1 
ATOM   402 N N4    . DC  B 1 8  ? 4.628   -1.651  2.423   1.00 28.95 ? 8   DC  B N4    1 
ATOM   403 C C5    . DC  B 1 8  ? 7.005   -1.361  2.242   1.00 27.72 ? 8   DC  B C5    1 
ATOM   404 C C6    . DC  B 1 8  ? 8.090   -0.738  2.716   1.00 30.03 ? 8   DC  B C6    1 
ATOM   405 P P     . DC  B 1 9  ? 11.676  -2.421  6.649   1.00 38.76 ? 9   DC  B P     1 
ATOM   406 O OP1   . DC  B 1 9  ? 12.923  -2.685  7.378   1.00 42.28 ? 9   DC  B OP1   1 
ATOM   407 O OP2   . DC  B 1 9  ? 11.071  -3.420  5.744   1.00 42.12 ? 9   DC  B OP2   1 
ATOM   408 O "O5'" . DC  B 1 9  ? 10.536  -2.167  7.721   1.00 35.73 ? 9   DC  B "O5'" 1 
ATOM   409 C "C5'" . DC  B 1 9  ? 10.758  -1.275  8.746   1.00 32.97 ? 9   DC  B "C5'" 1 
ATOM   410 C "C4'" . DC  B 1 9  ? 9.482   -0.997  9.489   1.00 32.93 ? 9   DC  B "C4'" 1 
ATOM   411 O "O4'" . DC  B 1 9  ? 8.480   -0.544  8.556   1.00 30.95 ? 9   DC  B "O4'" 1 
ATOM   412 C "C3'" . DC  B 1 9  ? 8.835   -2.190  10.159  1.00 31.83 ? 9   DC  B "C3'" 1 
ATOM   413 O "O3'" . DC  B 1 9  ? 9.415   -2.476  11.395  1.00 34.11 ? 9   DC  B "O3'" 1 
ATOM   414 C "C2'" . DC  B 1 9  ? 7.407   -1.714  10.307  1.00 30.21 ? 9   DC  B "C2'" 1 
ATOM   415 C "C1'" . DC  B 1 9  ? 7.198   -0.888  9.051   1.00 33.45 ? 9   DC  B "C1'" 1 
ATOM   416 N N1    . DC  B 1 9  ? 6.433   -1.596  8.001   1.00 32.52 ? 9   DC  B N1    1 
ATOM   417 C C2    . DC  B 1 9  ? 5.061   -1.713  8.154   1.00 32.57 ? 9   DC  B C2    1 
ATOM   418 O O2    . DC  B 1 9  ? 4.548   -1.264  9.178   1.00 32.56 ? 9   DC  B O2    1 
ATOM   419 N N3    . DC  B 1 9  ? 4.334   -2.342  7.203   1.00 31.26 ? 9   DC  B N3    1 
ATOM   420 C C4    . DC  B 1 9  ? 4.943   -2.841  6.134   1.00 30.62 ? 9   DC  B C4    1 
ATOM   421 N N4    . DC  B 1 9  ? 4.181   -3.431  5.206   1.00 31.84 ? 9   DC  B N4    1 
ATOM   422 C C5    . DC  B 1 9  ? 6.353   -2.718  5.945   1.00 33.33 ? 9   DC  B C5    1 
ATOM   423 C C6    . DC  B 1 9  ? 7.053   -2.086  6.894   1.00 33.61 ? 9   DC  B C6    1 
ATOM   424 P P     . DT  B 1 10 ? 9.208   -3.915  12.075  1.00 39.83 ? 10  DT  B P     1 
ATOM   425 O OP1   . DT  B 1 10 ? 10.109  -3.951  13.236  1.00 41.52 ? 10  DT  B OP1   1 
ATOM   426 O OP2   . DT  B 1 10 ? 9.249   -4.973  11.050  1.00 38.86 ? 10  DT  B OP2   1 
ATOM   427 O "O5'" . DT  B 1 10 ? 7.687   -3.935  12.537  1.00 39.33 ? 10  DT  B "O5'" 1 
ATOM   428 C "C5'" . DT  B 1 10 ? 7.203   -2.999  13.494  1.00 39.93 ? 10  DT  B "C5'" 1 
ATOM   429 C "C4'" . DT  B 1 10 ? 5.760   -3.304  13.813  1.00 39.16 ? 10  DT  B "C4'" 1 
ATOM   430 O "O4'" . DT  B 1 10 ? 4.926   -2.912  12.701  1.00 39.73 ? 10  DT  B "O4'" 1 
ATOM   431 C "C3'" . DT  B 1 10 ? 5.465   -4.771  14.015  1.00 40.77 ? 10  DT  B "C3'" 1 
ATOM   432 O "O3'" . DT  B 1 10 ? 5.760   -5.161  15.342  1.00 49.61 ? 10  DT  B "O3'" 1 
ATOM   433 C "C2'" . DT  B 1 10 ? 3.987   -4.842  13.690  1.00 39.13 ? 10  DT  B "C2'" 1 
ATOM   434 C "C1'" . DT  B 1 10 ? 3.840   -3.809  12.580  1.00 37.11 ? 10  DT  B "C1'" 1 
ATOM   435 N N1    . DT  B 1 10 ? 3.858   -4.385  11.231  1.00 34.04 ? 10  DT  B N1    1 
ATOM   436 C C2    . DT  B 1 10 ? 2.670   -4.765  10.675  1.00 33.24 ? 10  DT  B C2    1 
ATOM   437 O O2    . DT  B 1 10 ? 1.619   -4.653  11.262  1.00 31.99 ? 10  DT  B O2    1 
ATOM   438 N N3    . DT  B 1 10 ? 2.755   -5.290  9.412   1.00 28.53 ? 10  DT  B N3    1 
ATOM   439 C C4    . DT  B 1 10 ? 3.915   -5.461  8.673   1.00 29.84 ? 10  DT  B C4    1 
ATOM   440 O O4    . DT  B 1 10 ? 3.903   -5.952  7.543   1.00 31.75 ? 10  DT  B O4    1 
ATOM   441 C C5    . DT  B 1 10 ? 5.141   -5.059  9.334   1.00 31.37 ? 10  DT  B C5    1 
ATOM   442 C C7    . DT  B 1 10 ? 6.458   -5.206  8.639   1.00 31.62 ? 10  DT  B C7    1 
ATOM   443 C C6    . DT  B 1 10 ? 5.057   -4.539  10.564  1.00 30.31 ? 10  DT  B C6    1 
ATOM   444 P P     . DA  B 1 11 ? 5.862   -6.712  15.712  1.00 52.24 ? 11  DA  B P     1 
ATOM   445 O OP1   . DA  B 1 11 ? 6.166   -6.859  17.153  1.00 61.88 ? 11  DA  B OP1   1 
ATOM   446 O OP2   . DA  B 1 11 ? 6.635   -7.402  14.652  1.00 52.01 ? 11  DA  B OP2   1 
ATOM   447 O "O5'" . DA  B 1 11 ? 4.400   -7.210  15.493  1.00 47.22 ? 11  DA  B "O5'" 1 
ATOM   448 C "C5'" . DA  B 1 11 ? 4.193   -8.322  14.787  1.00 45.73 ? 11  DA  B "C5'" 1 
ATOM   449 C "C4'" . DA  B 1 11 ? 2.731   -8.556  14.672  1.00 46.14 ? 11  DA  B "C4'" 1 
ATOM   450 O "O4'" . DA  B 1 11 ? 2.196   -7.667  13.674  1.00 39.61 ? 11  DA  B "O4'" 1 
ATOM   451 C "C3'" . DA  B 1 11 ? 2.367   -9.948  14.232  1.00 38.89 ? 11  DA  B "C3'" 1 
ATOM   452 O "O3'" . DA  B 1 11 ? 2.140   -10.757 15.341  1.00 40.19 ? 11  DA  B "O3'" 1 
ATOM   453 C "C2'" . DA  B 1 11 ? 1.129   -9.728  13.403  1.00 33.84 ? 11  DA  B "C2'" 1 
ATOM   454 C "C1'" . DA  B 1 11 ? 1.426   -8.397  12.761  1.00 36.00 ? 11  DA  B "C1'" 1 
ATOM   455 N N9    . DA  B 1 11 ? 2.168   -8.495  11.519  1.00 34.17 ? 11  DA  B N9    1 
ATOM   456 C C8    . DA  B 1 11 ? 3.477   -8.180  11.299  1.00 31.14 ? 11  DA  B C8    1 
ATOM   457 N N7    . DA  B 1 11 ? 3.858   -8.354  10.051  1.00 31.79 ? 11  DA  B N7    1 
ATOM   458 C C5    . DA  B 1 11 ? 2.708   -8.795  9.426   1.00 29.02 ? 11  DA  B C5    1 
ATOM   459 C C6    . DA  B 1 11 ? 2.432   -9.164  8.097   1.00 27.74 ? 11  DA  B C6    1 
ATOM   460 N N6    . DA  B 1 11 ? 3.348   -9.132  7.126   1.00 30.56 ? 11  DA  B N6    1 
ATOM   461 N N1    . DA  B 1 11 ? 1.174   -9.563  7.809   1.00 30.25 ? 11  DA  B N1    1 
ATOM   462 C C2    . DA  B 1 11 ? 0.268   -9.622  8.802   1.00 27.58 ? 11  DA  B C2    1 
ATOM   463 N N3    . DA  B 1 11 ? 0.405   -9.284  10.074  1.00 30.49 ? 11  DA  B N3    1 
ATOM   464 C C4    . DA  B 1 11 ? 1.666   -8.898  10.326  1.00 27.80 ? 11  DA  B C4    1 
ATOM   465 P P     . DG  B 1 12 ? 2.546   -12.294 15.254  1.00 41.33 ? 12  DG  B P     1 
ATOM   466 O OP1   . DG  B 1 12 ? 2.202   -12.929 16.547  1.00 41.68 ? 12  DG  B OP1   1 
ATOM   467 O OP2   . DG  B 1 12 ? 3.916   -12.354 14.702  1.00 42.13 ? 12  DG  B OP2   1 
ATOM   468 O "O5'" . DG  B 1 12 ? 1.569   -12.876 14.138  1.00 37.66 ? 12  DG  B "O5'" 1 
ATOM   469 C "C5'" . DG  B 1 12 ? 0.193   -12.852 14.327  1.00 33.70 ? 12  DG  B "C5'" 1 
ATOM   470 C "C4'" . DG  B 1 12 ? -0.493  -13.521 13.171  1.00 32.84 ? 12  DG  B "C4'" 1 
ATOM   471 O "O4'" . DG  B 1 12 ? -0.336  -12.699 12.015  1.00 31.68 ? 12  DG  B "O4'" 1 
ATOM   472 C "C3'" . DG  B 1 12 ? 0.089   -14.851 12.767  1.00 32.12 ? 12  DG  B "C3'" 1 
ATOM   473 O "O3'" . DG  B 1 12 ? -0.485  -15.885 13.525  1.00 36.39 ? 12  DG  B "O3'" 1 
ATOM   474 C "C2'" . DG  B 1 12 ? -0.269  -14.950 11.306  1.00 32.66 ? 12  DG  B "C2'" 1 
ATOM   475 C "C1'" . DG  B 1 12 ? -0.286  -13.512 10.855  1.00 29.76 ? 12  DG  B "C1'" 1 
ATOM   476 N N9    . DG  B 1 12 ? 0.882   -13.131 10.079  1.00 27.53 ? 12  DG  B N9    1 
ATOM   477 C C8    . DG  B 1 12 ? 2.107   -12.712 10.547  1.00 31.22 ? 12  DG  B C8    1 
ATOM   478 N N7    . DG  B 1 12 ? 2.957   -12.425 9.588   1.00 29.28 ? 12  DG  B N7    1 
ATOM   479 C C5    . DG  B 1 12 ? 2.235   -12.709 8.421   1.00 28.90 ? 12  DG  B C5    1 
ATOM   480 C C6    . DG  B 1 12 ? 2.606   -12.595 7.059   1.00 27.73 ? 12  DG  B C6    1 
ATOM   481 O O6    . DG  B 1 12 ? 3.688   -12.257 6.589   1.00 32.54 ? 12  DG  B O6    1 
ATOM   482 N N1    . DG  B 1 12 ? 1.579   -12.978 6.204   1.00 29.71 ? 12  DG  B N1    1 
ATOM   483 C C2    . DG  B 1 12 ? 0.339   -13.390 6.596   1.00 26.95 ? 12  DG  B C2    1 
ATOM   484 N N2    . DG  B 1 12 ? -0.522  -13.705 5.608   1.00 26.14 ? 12  DG  B N2    1 
ATOM   485 N N3    . DG  B 1 12 ? -0.031  -13.498 7.863   1.00 27.27 ? 12  DG  B N3    1 
ATOM   486 C C4    . DG  B 1 12 ? 0.970   -13.136 8.716   1.00 28.21 ? 12  DG  B C4    1 
HETATM 487 K K     . K   C 2 .  ? -0.511  1.450   -3.053  0.84 36.17 ? 101 K   B K     1 
HETATM 488 O O     . HOH D 3 .  ? -3.098  10.388  -12.363 1.00 46.51 ? 101 HOH A O     1 
HETATM 489 O O     . HOH D 3 .  ? 2.189   13.865  5.750   1.00 56.19 ? 102 HOH A O     1 
HETATM 490 O O     . HOH D 3 .  ? 3.961   -7.843  3.392   0.93 44.63 ? 103 HOH A O     1 
HETATM 491 O O     . HOH D 3 .  ? -3.727  8.406   -5.674  0.86 38.46 ? 104 HOH A O     1 
HETATM 492 O O     . HOH D 3 .  ? -0.345  -6.402  2.956   0.97 36.77 ? 105 HOH A O     1 
HETATM 493 O O     . HOH D 3 .  ? -0.915  -1.381  11.644  0.89 41.29 ? 106 HOH A O     1 
HETATM 494 O O     . HOH D 3 .  ? -1.629  -1.106  3.542   0.96 35.00 ? 107 HOH A O     1 
HETATM 495 O O     . HOH D 3 .  ? -7.595  10.398  -11.028 0.96 48.28 ? 108 HOH A O     1 
HETATM 496 O O     . HOH D 3 .  ? -4.985  10.308  -9.143  0.92 41.29 ? 109 HOH A O     1 
HETATM 497 O O     . HOH D 3 .  ? 7.255   7.393   -0.327  1.00 42.73 ? 110 HOH A O     1 
HETATM 498 O O     . HOH D 3 .  ? 1.294   -9.285  -2.286  0.94 45.97 ? 111 HOH A O     1 
HETATM 499 O O     . HOH D 3 .  ? 0.595   0.871   1.951   1.00 30.95 ? 112 HOH A O     1 
HETATM 500 O O     . HOH D 3 .  ? 0.641   10.727  -2.977  0.90 38.88 ? 113 HOH A O     1 
HETATM 501 O O     . HOH D 3 .  ? 7.674   6.201   -5.511  0.96 37.88 ? 114 HOH A O     1 
HETATM 502 O O     . HOH D 3 .  ? -0.731  3.359   4.202   1.00 41.94 ? 115 HOH A O     1 
HETATM 503 O O     . HOH D 3 .  ? -1.791  9.913   7.450   1.00 48.60 ? 116 HOH A O     1 
HETATM 504 O O     . HOH D 3 .  ? -0.129  7.232   4.450   1.00 32.39 ? 117 HOH A O     1 
HETATM 505 O O     . HOH D 3 .  ? 0.883   -2.844  2.594   1.00 47.68 ? 118 HOH A O     1 
HETATM 506 O O     . HOH D 3 .  ? -13.414 8.475   -16.676 0.92 44.27 ? 119 HOH A O     1 
HETATM 507 O O     . HOH D 3 .  ? -7.977  -9.651  -0.647  0.92 47.02 ? 120 HOH A O     1 
HETATM 508 O O     . HOH D 3 .  ? 0.039   8.396   -0.040  0.85 39.19 ? 121 HOH A O     1 
HETATM 509 O O     . HOH D 3 .  ? -1.309  -4.076  3.377   1.00 37.62 ? 122 HOH A O     1 
HETATM 510 O O     . HOH D 3 .  ? -7.593  11.260  -8.309  0.88 42.35 ? 123 HOH A O     1 
HETATM 511 O O     . HOH D 3 .  ? -1.550  8.137   -2.535  1.00 34.70 ? 124 HOH A O     1 
HETATM 512 O O     . HOH D 3 .  ? -1.612  3.526   1.414   0.96 37.27 ? 125 HOH A O     1 
HETATM 513 O O     . HOH D 3 .  ? 2.024   11.623  9.712   1.00 48.88 ? 126 HOH A O     1 
HETATM 514 O O     . HOH D 3 .  ? -1.739  -7.229  0.877   0.91 43.58 ? 127 HOH A O     1 
HETATM 515 O O     . HOH D 3 .  ? -4.126  4.967   4.818   0.97 54.89 ? 128 HOH A O     1 
HETATM 516 O O     . HOH D 3 .  ? -4.374  -1.304  4.541   0.96 44.48 ? 129 HOH A O     1 
HETATM 517 O O     . HOH D 3 .  ? -1.312  4.880   -1.457  1.00 54.23 ? 130 HOH A O     1 
HETATM 518 O O     . HOH D 3 .  ? 7.096   -11.889 2.552   1.00 48.93 ? 131 HOH A O     1 
HETATM 519 O O     . HOH D 3 .  ? -3.196  2.199   4.476   0.91 44.17 ? 132 HOH A O     1 
HETATM 520 O O     . HOH D 3 .  ? 2.828   9.589   11.160  0.94 54.03 ? 133 HOH A O     1 
HETATM 521 O O     . HOH D 3 .  ? 8.464   10.835  -5.144  1.00 52.71 ? 134 HOH A O     1 
HETATM 522 O O     . HOH D 3 .  ? -2.592  1.734   0.123   1.00 58.28 ? 135 HOH A O     1 
HETATM 523 O O     . HOH D 3 .  ? -1.100  7.998   2.280   0.89 38.37 ? 136 HOH A O     1 
HETATM 524 O O     . HOH D 3 .  ? 8.918   8.255   -5.016  0.93 46.76 ? 137 HOH A O     1 
HETATM 525 O O     . HOH D 3 .  ? -7.513  -12.098 -0.900  0.81 43.58 ? 138 HOH A O     1 
HETATM 526 O O     . HOH D 3 .  ? -8.786  -13.708 -3.236  1.00 50.35 ? 139 HOH A O     1 
HETATM 527 O O     . HOH E 3 .  ? -7.769  5.159   1.583   0.91 47.12 ? 201 HOH B O     1 
HETATM 528 O O     . HOH E 3 .  ? -5.111  6.748   -3.523  0.92 40.97 ? 202 HOH B O     1 
HETATM 529 O O     . HOH E 3 .  ? 0.077   -4.272  13.312  1.00 44.54 ? 203 HOH B O     1 
HETATM 530 O O     . HOH E 3 .  ? 5.477   -11.967 10.234  1.00 42.70 ? 204 HOH B O     1 
HETATM 531 O O     . HOH E 3 .  ? 6.117   -11.393 7.253   0.97 40.84 ? 205 HOH B O     1 
HETATM 532 O O     . HOH E 3 .  ? -0.118  -0.838  -4.888  1.00 47.05 ? 206 HOH B O     1 
HETATM 533 O O     . HOH E 3 .  ? -5.588  1.948   -2.961  0.80 50.15 ? 207 HOH B O     1 
HETATM 534 O O     . HOH E 3 .  ? -6.833  1.315   -0.700  1.00 43.47 ? 208 HOH B O     1 
HETATM 535 O O     . HOH E 3 .  ? 1.141   -1.484  -3.129  0.89 49.31 ? 209 HOH B O     1 
HETATM 536 O O     . HOH E 3 .  ? 8.540   -3.204  -0.656  0.98 48.14 ? 210 HOH B O     1 
HETATM 537 O O     . HOH E 3 .  ? 5.719   -4.884  3.491   0.96 42.83 ? 211 HOH B O     1 
HETATM 538 O O     . HOH E 3 .  ? 7.413   -7.625  12.047  1.00 45.36 ? 212 HOH B O     1 
HETATM 539 O O     . HOH E 3 .  ? 5.626   -6.844  5.625   1.00 39.40 ? 213 HOH B O     1 
HETATM 540 O O     . HOH E 3 .  ? 10.773  -5.759  8.928   1.00 52.17 ? 214 HOH B O     1 
HETATM 541 O O     . HOH E 3 .  ? -1.871  -9.591  11.554  1.00 40.46 ? 215 HOH B O     1 
HETATM 542 O O     . HOH E 3 .  ? -3.863  4.035   -3.396  1.00 37.80 ? 216 HOH B O     1 
HETATM 543 O O     . HOH E 3 .  ? 5.637   -5.544  -12.699 0.92 34.49 ? 217 HOH B O     1 
HETATM 544 O O     . HOH E 3 .  ? 2.916   -3.345  -6.692  0.98 34.00 ? 218 HOH B O     1 
HETATM 545 O O     . HOH E 3 .  ? -3.223  0.722   -2.999  0.88 38.06 ? 219 HOH B O     1 
HETATM 546 O O     . HOH E 3 .  ? 8.886   5.317   -0.726  0.88 41.88 ? 220 HOH B O     1 
HETATM 547 O O     . HOH E 3 .  ? 8.612   -6.104  -9.004  0.90 45.54 ? 221 HOH B O     1 
HETATM 548 O O     . HOH E 3 .  ? 9.303   -5.524  6.407   0.84 53.45 ? 222 HOH B O     1 
HETATM 549 O O     . HOH E 3 .  ? 8.092   3.515   -4.846  0.98 32.25 ? 223 HOH B O     1 
HETATM 550 O O     . HOH E 3 .  ? 4.696   -14.231 12.716  1.00 51.05 ? 224 HOH B O     1 
HETATM 551 O O     . HOH E 3 .  ? 6.317   -8.981  8.727   0.95 48.38 ? 225 HOH B O     1 
HETATM 552 O O     . HOH E 3 .  ? -0.169  0.404   -0.602  0.91 44.45 ? 226 HOH B O     1 
HETATM 553 O O     . HOH E 3 .  ? 2.292   -1.321  -0.466  1.00 54.31 ? 227 HOH B O     1 
HETATM 554 O O     . HOH E 3 .  ? 4.734   -3.469  0.110   0.92 39.00 ? 228 HOH B O     1 
HETATM 555 O O     . HOH E 3 .  ? 5.326   -2.854  -2.495  0.79 42.63 ? 229 HOH B O     1 
HETATM 556 O O     . HOH E 3 .  ? 5.778   -10.355 12.492  1.00 49.11 ? 230 HOH B O     1 
HETATM 557 O O     . HOH E 3 .  ? 3.331   -6.865  -12.174 1.00 50.95 ? 231 HOH B O     1 
HETATM 558 O O     . HOH E 3 .  ? -2.787  -10.675 14.279  0.84 48.23 ? 232 HOH B O     1 
HETATM 559 O O     . HOH E 3 .  ? 3.746   -3.918  -4.029  0.81 41.38 ? 233 HOH B O     1 
HETATM 560 O O     . HOH E 3 .  ? -4.434  3.283   -0.001  0.85 50.05 ? 234 HOH B O     1 
HETATM 561 O O     . HOH E 3 .  ? 5.170   -3.715  -14.965 0.88 40.48 ? 235 HOH B O     1 
HETATM 562 O O     . HOH E 3 .  ? -4.886  6.071   0.588   1.00 47.11 ? 236 HOH B O     1 
# 
loop_
_atom_site_anisotrop.id 
_atom_site_anisotrop.type_symbol 
_atom_site_anisotrop.pdbx_label_atom_id 
_atom_site_anisotrop.pdbx_label_alt_id 
_atom_site_anisotrop.pdbx_label_comp_id 
_atom_site_anisotrop.pdbx_label_asym_id 
_atom_site_anisotrop.pdbx_label_seq_id 
_atom_site_anisotrop.pdbx_PDB_ins_code 
_atom_site_anisotrop.U[1][1] 
_atom_site_anisotrop.U[2][2] 
_atom_site_anisotrop.U[3][3] 
_atom_site_anisotrop.U[1][2] 
_atom_site_anisotrop.U[1][3] 
_atom_site_anisotrop.U[2][3] 
_atom_site_anisotrop.pdbx_auth_seq_id 
_atom_site_anisotrop.pdbx_auth_comp_id 
_atom_site_anisotrop.pdbx_auth_asym_id 
_atom_site_anisotrop.pdbx_auth_atom_id 
1   O "O5'" . DC  A 1  ? 0.9194 0.5052 0.6233 -0.0759 -0.0216 -0.0085 1   DC  A "O5'" 
2   C "C5'" . DC  A 1  ? 0.8046 0.6222 0.5624 -0.0200 -0.0705 0.0691  1   DC  A "C5'" 
3   C "C4'" . DC  A 1  ? 0.6736 0.4062 0.4928 0.0201  -0.0884 -0.0551 1   DC  A "C4'" 
4   O "O4'" . DC  A 1  ? 0.6655 0.4465 0.3899 0.0042  -0.0059 -0.0167 1   DC  A "O4'" 
5   C "C3'" . DC  A 1  ? 0.5771 0.4167 0.3812 0.0061  -0.0364 0.0327  1   DC  A "C3'" 
6   O "O3'" . DC  A 1  ? 0.6502 0.3885 0.3734 -0.0296 -0.0663 -0.0147 1   DC  A "O3'" 
7   C "C2'" . DC  A 1  ? 0.5487 0.3113 0.4104 -0.0045 -0.0880 0.0456  1   DC  A "C2'" 
8   C "C1'" . DC  A 1  ? 0.6009 0.3732 0.3709 0.0347  -0.0562 0.0306  1   DC  A "C1'" 
9   N N1    . DC  A 1  ? 0.5752 0.2914 0.4137 0.0467  -0.0354 -0.0397 1   DC  A N1    
10  C C2    . DC  A 1  ? 0.5205 0.2829 0.3789 0.0406  -0.0685 0.0125  1   DC  A C2    
11  O O2    . DC  A 1  ? 0.5120 0.2859 0.3147 0.0832  0.0041  -0.0566 1   DC  A O2    
12  N N3    . DC  A 1  ? 0.5411 0.2232 0.3586 0.0574  -0.0490 -0.0162 1   DC  A N3    
13  C C4    . DC  A 1  ? 0.5291 0.2973 0.4552 0.0714  -0.0640 -0.0044 1   DC  A C4    
14  N N4    . DC  A 1  ? 0.5345 0.3190 0.4907 -0.0125 -0.0375 -0.0177 1   DC  A N4    
15  C C5    . DC  A 1  ? 0.5148 0.5192 0.4573 -0.0066 -0.0104 0.0066  1   DC  A C5    
16  C C6    . DC  A 1  ? 0.5855 0.3613 0.5127 -0.0048 -0.0466 0.0129  1   DC  A C6    
17  P P     . DT  A 2  ? 0.6018 0.3565 0.4402 -0.0050 -0.0787 0.0288  2   DT  A P     
18  O OP1   . DT  A 2  ? 0.6515 0.3101 0.4705 -0.0149 -0.1186 0.0473  2   DT  A OP1   
19  O OP2   . DT  A 2  ? 0.5617 0.4009 0.4286 -0.0212 -0.0941 0.0643  2   DT  A OP2   
20  O "O5'" . DT  A 2  ? 0.5539 0.3073 0.4320 -0.0255 -0.0753 0.0423  2   DT  A "O5'" 
21  C "C5'" . DT  A 2  ? 0.5351 0.2682 0.3915 0.0109  -0.0987 0.0928  2   DT  A "C5'" 
22  C "C4'" . DT  A 2  ? 0.4722 0.2400 0.3993 -0.0345 -0.0702 -0.0067 2   DT  A "C4'" 
23  O "O4'" . DT  A 2  ? 0.4667 0.2211 0.3728 -0.0022 -0.0678 -0.0450 2   DT  A "O4'" 
24  C "C3'" . DT  A 2  ? 0.4928 0.2600 0.3842 -0.0600 -0.0984 -0.0332 2   DT  A "C3'" 
25  O "O3'" . DT  A 2  ? 0.5037 0.3001 0.5210 0.0023  -0.0850 0.0153  2   DT  A "O3'" 
26  C "C2'" . DT  A 2  ? 0.4662 0.2764 0.3988 -0.0066 -0.0863 -0.0149 2   DT  A "C2'" 
27  C "C1'" . DT  A 2  ? 0.4926 0.2924 0.3639 0.0222  -0.1051 -0.0079 2   DT  A "C1'" 
28  N N1    . DT  A 2  ? 0.4517 0.2970 0.4398 0.0640  -0.0690 -0.0020 2   DT  A N1    
29  C C2    . DT  A 2  ? 0.4872 0.1083 0.4183 0.0454  -0.0688 0.0248  2   DT  A C2    
30  O O2    . DT  A 2  ? 0.4999 0.1714 0.3894 0.0282  -0.0477 -0.0139 2   DT  A O2    
31  N N3    . DT  A 2  ? 0.5529 0.1523 0.4173 -0.0082 -0.0761 -0.0378 2   DT  A N3    
32  C C4    . DT  A 2  ? 0.4815 0.1603 0.4515 0.0230  -0.0582 -0.0061 2   DT  A C4    
33  O O4    . DT  A 2  ? 0.4888 0.2755 0.4464 0.0016  -0.0992 -0.0126 2   DT  A O4    
34  C C5    . DT  A 2  ? 0.5024 0.2719 0.4457 0.0001  -0.0406 -0.0354 2   DT  A C5    
35  C C7    . DT  A 2  ? 0.5218 0.3419 0.4151 -0.0292 -0.0633 -0.0250 2   DT  A C7    
36  C C6    . DT  A 2  ? 0.4969 0.2087 0.3767 0.0395  -0.0980 0.0020  2   DT  A C6    
37  P P     . DA  A 3  ? 0.6241 0.3246 0.6233 0.0524  -0.1284 0.0274  3   DA  A P     
38  O OP1   . DA  A 3  ? 0.6665 0.3855 0.7455 0.1251  -0.2421 0.0389  3   DA  A OP1   
39  O OP2   . DA  A 3  ? 0.6933 0.3371 0.5028 0.0650  -0.1322 0.0810  3   DA  A OP2   
40  O "O5'" . DA  A 3  ? 0.4901 0.3218 0.5819 0.0904  -0.1120 0.0535  3   DA  A "O5'" 
41  C "C5'" . DA  A 3  ? 0.5037 0.1683 0.5619 0.0278  -0.0955 0.0547  3   DA  A "C5'" 
42  C "C4'" . DA  A 3  ? 0.4442 0.2253 0.5824 0.0590  -0.1270 0.0195  3   DA  A "C4'" 
43  O "O4'" . DA  A 3  ? 0.4657 0.1903 0.6272 0.0774  -0.1369 0.0207  3   DA  A "O4'" 
44  C "C3'" . DA  A 3  ? 0.4346 0.2726 0.5439 -0.0118 -0.0379 -0.0161 3   DA  A "C3'" 
45  O "O3'" . DA  A 3  ? 0.5166 0.2017 0.6023 0.0153  -0.0333 -0.0559 3   DA  A "O3'" 
46  C "C2'" . DA  A 3  ? 0.4743 0.1902 0.5860 -0.0055 -0.0561 0.0080  3   DA  A "C2'" 
47  C "C1'" . DA  A 3  ? 0.4826 0.2123 0.5773 0.0326  -0.1075 -0.0009 3   DA  A "C1'" 
48  N N9    . DA  A 3  ? 0.5211 0.1862 0.4770 0.0413  -0.0800 -0.0099 3   DA  A N9    
49  C C8    . DA  A 3  ? 0.4635 0.1858 0.4170 0.0342  -0.1105 -0.0098 3   DA  A C8    
50  N N7    . DA  A 3  ? 0.4530 0.2460 0.4650 0.0307  -0.1014 -0.0739 3   DA  A N7    
51  C C5    . DA  A 3  ? 0.4752 0.1127 0.4501 0.0484  -0.0871 -0.0175 3   DA  A C5    
52  C C6    . DA  A 3  ? 0.4903 0.1756 0.4325 -0.0310 -0.0713 0.0057  3   DA  A C6    
53  N N6    . DA  A 3  ? 0.4228 0.2482 0.4597 -0.0136 -0.0559 -0.0355 3   DA  A N6    
54  N N1    . DA  A 3  ? 0.4301 0.2572 0.4202 0.0150  -0.0834 -0.0261 3   DA  A N1    
55  C C2    . DA  A 3  ? 0.5000 0.2300 0.4825 -0.0012 -0.0558 -0.0025 3   DA  A C2    
56  N N3    . DA  A 3  ? 0.5235 0.1997 0.4545 0.0263  -0.1041 -0.0269 3   DA  A N3    
57  C C4    . DA  A 3  ? 0.5228 0.1798 0.4562 0.0253  -0.0683 0.0157  3   DA  A C4    
58  P P     . DG  A 4  ? 0.4824 0.2331 0.5793 0.0292  -0.0453 -0.0273 4   DG  A P     
59  O OP1   . DG  A 4  ? 0.4060 0.3009 0.7370 -0.0060 -0.0780 -0.0897 4   DG  A OP1   
60  O OP2   . DG  A 4  ? 0.5185 0.1965 0.5835 0.0584  -0.0764 0.0336  4   DG  A OP2   
61  O "O5'" . DG  A 4  ? 0.4784 0.3030 0.5804 0.0718  -0.1048 -0.0064 4   DG  A "O5'" 
62  C "C5'" . DG  A 4  ? 0.3954 0.2983 0.5087 0.0649  -0.0668 0.0176  4   DG  A "C5'" 
63  C "C4'" . DG  A 4  ? 0.3811 0.3626 0.5489 0.0286  -0.0398 -0.0437 4   DG  A "C4'" 
64  O "O4'" . DG  A 4  ? 0.4330 0.3029 0.5685 0.0239  -0.0561 -0.0190 4   DG  A "O4'" 
65  C "C3'" . DG  A 4  ? 0.5573 0.3686 0.6055 -0.0509 -0.0533 -0.0848 4   DG  A "C3'" 
66  O "O3'" . DG  A 4  ? 0.5982 0.4153 0.8038 -0.0056 -0.1572 -0.0351 4   DG  A "O3'" 
67  C "C2'" . DG  A 4  ? 0.5346 0.2699 0.5976 -0.0334 -0.0343 -0.0611 4   DG  A "C2'" 
68  C "C1'" . DG  A 4  ? 0.4999 0.2846 0.5318 -0.0196 -0.0436 -0.0528 4   DG  A "C1'" 
69  N N9    . DG  A 4  ? 0.4855 0.1979 0.4981 0.0194  -0.0556 -0.0388 4   DG  A N9    
70  C C8    . DG  A 4  ? 0.4334 0.2380 0.4985 0.0409  -0.0668 -0.0083 4   DG  A C8    
71  N N7    . DG  A 4  ? 0.4234 0.1421 0.4892 0.0171  -0.0533 -0.0589 4   DG  A N7    
72  C C5    . DG  A 4  ? 0.4557 0.1928 0.4771 -0.0221 -0.0772 -0.0556 4   DG  A C5    
73  C C6    . DG  A 4  ? 0.4449 0.2233 0.4547 -0.0115 -0.0597 -0.0136 4   DG  A C6    
74  O O6    . DG  A 4  ? 0.4374 0.1941 0.5125 0.0596  -0.0323 -0.0148 4   DG  A O6    
75  N N1    . DG  A 4  ? 0.3901 0.2300 0.4609 0.0525  -0.0600 -0.0045 4   DG  A N1    
76  C C2    . DG  A 4  ? 0.4851 0.2942 0.4823 0.0028  -0.0442 -0.0337 4   DG  A C2    
77  N N2    . DG  A 4  ? 0.3934 0.3475 0.5559 0.0263  -0.0088 -0.0794 4   DG  A N2    
78  N N3    . DG  A 4  ? 0.4638 0.1780 0.5561 0.0564  -0.0430 -0.1029 4   DG  A N3    
79  C C4    . DG  A 4  ? 0.4778 0.2293 0.4925 0.0073  -0.0473 -0.0500 4   DG  A C4    
80  P P     . DG  A 5  ? 0.5828 0.3252 0.8830 0.0411  -0.1513 -0.0516 5   DG  A P     
81  O OP1   . DG  A 5  ? 0.6264 0.4353 1.1167 0.0336  -0.1253 -0.2106 5   DG  A OP1   
82  O OP2   . DG  A 5  ? 0.7092 0.5550 0.7635 -0.1701 -0.2778 0.0397  5   DG  A OP2   
83  O "O5'" . DG  A 5  ? 0.5660 0.2797 0.7802 0.0946  -0.1067 -0.0555 5   DG  A "O5'" 
84  C "C5'" . DG  A 5  ? 0.5275 0.3726 0.6179 0.0505  -0.0368 -0.0392 5   DG  A "C5'" 
85  C "C4'" . DG  A 5  ? 0.5227 0.2315 0.4690 0.0271  0.0474  -0.1360 5   DG  A "C4'" 
86  O "O4'" . DG  A 5  ? 0.5167 0.2299 0.4766 0.0263  0.0811  -0.1097 5   DG  A "O4'" 
87  C "C3'" . DG  A 5  ? 0.5054 0.2799 0.4588 -0.0247 -0.0178 -0.1281 5   DG  A "C3'" 
88  O "O3'" . DG  A 5  ? 0.6426 0.2941 0.5017 -0.0401 0.0638  -0.1731 5   DG  A "O3'" 
89  C "C2'" . DG  A 5  ? 0.4926 0.3845 0.4101 -0.0565 0.0326  -0.0807 5   DG  A "C2'" 
90  C "C1'" . DG  A 5  ? 0.5110 0.3876 0.3485 -0.0104 0.0043  -0.0342 5   DG  A "C1'" 
91  N N9    . DG  A 5  ? 0.4564 0.2513 0.3980 0.0161  -0.0197 -0.0682 5   DG  A N9    
92  C C8    . DG  A 5  ? 0.4053 0.2964 0.4318 0.0334  -0.0248 -0.0554 5   DG  A C8    
93  N N7    . DG  A 5  ? 0.5071 0.2162 0.4959 0.0285  -0.0121 -0.1187 5   DG  A N7    
94  C C5    . DG  A 5  ? 0.4677 0.2696 0.4151 0.0282  -0.0377 -0.0363 5   DG  A C5    
95  C C6    . DG  A 5  ? 0.4728 0.2720 0.3370 0.0422  -0.0741 -0.0119 5   DG  A C6    
96  O O6    . DG  A 5  ? 0.4191 0.2504 0.3909 0.0850  -0.0880 -0.0640 5   DG  A O6    
97  N N1    . DG  A 5  ? 0.3972 0.2976 0.3881 0.0845  -0.0257 -0.0649 5   DG  A N1    
98  C C2    . DG  A 5  ? 0.4142 0.3004 0.3630 -0.0090 -0.0552 -0.0308 5   DG  A C2    
99  N N2    . DG  A 5  ? 0.4386 0.3181 0.3627 0.0242  -0.0505 -0.1026 5   DG  A N2    
100 N N3    . DG  A 5  ? 0.4479 0.1885 0.4640 0.0192  -0.0198 -0.0729 5   DG  A N3    
101 C C4    . DG  A 5  ? 0.4440 0.3087 0.4118 0.0361  -0.0490 -0.0552 5   DG  A C4    
102 P P     . DG  A 6  ? 0.5762 0.2589 0.5118 0.0401  0.0294  -0.1547 6   DG  A P     
103 O OP1   . DG  A 6  ? 0.6249 0.3228 0.6085 0.0248  0.0932  -0.2573 6   DG  A OP1   
104 O OP2   . DG  A 6  ? 0.6709 0.2998 0.5182 -0.0017 -0.0642 -0.0794 6   DG  A OP2   
105 O "O5'" . DG  A 6  ? 0.6123 0.2962 0.4516 -0.0347 0.0275  -0.1652 6   DG  A "O5'" 
106 C "C5'" . DG  A 6  ? 0.5973 0.3474 0.4394 -0.0662 0.0111  -0.1472 6   DG  A "C5'" 
107 C "C4'" . DG  A 6  ? 0.6263 0.3711 0.4403 -0.0938 0.0419  -0.1268 6   DG  A "C4'" 
108 O "O4'" . DG  A 6  ? 0.6270 0.3677 0.4439 -0.0684 -0.0231 -0.0262 6   DG  A "O4'" 
109 C "C3'" . DG  A 6  ? 0.5525 0.3663 0.4198 -0.0799 0.0108  -0.1140 6   DG  A "C3'" 
110 O "O3'" . DG  A 6  ? 0.6109 0.4108 0.3781 -0.0218 0.0989  -0.1568 6   DG  A "O3'" 
111 C "C2'" . DG  A 6  ? 0.5390 0.3270 0.4491 -0.0496 -0.0407 -0.1019 6   DG  A "C2'" 
112 C "C1'" . DG  A 6  ? 0.5518 0.3057 0.4285 -0.0560 -0.0101 -0.1146 6   DG  A "C1'" 
113 N N9    . DG  A 6  ? 0.4835 0.3496 0.3663 0.0007  -0.0252 -0.1040 6   DG  A N9    
114 C C8    . DG  A 6  ? 0.4474 0.2692 0.4018 0.0173  -0.0110 -0.1046 6   DG  A C8    
115 N N7    . DG  A 6  ? 0.4938 0.2966 0.4017 -0.0312 -0.0171 -0.0833 6   DG  A N7    
116 C C5    . DG  A 6  ? 0.4631 0.3509 0.4393 -0.0151 -0.0135 -0.1100 6   DG  A C5    
117 C C6    . DG  A 6  ? 0.3922 0.2920 0.3668 -0.0114 -0.0773 -0.0680 6   DG  A C6    
118 O O6    . DG  A 6  ? 0.3680 0.2108 0.4110 0.0626  -0.0737 -0.0902 6   DG  A O6    
119 N N1    . DG  A 6  ? 0.4059 0.2567 0.4182 0.0737  -0.0259 -0.1065 6   DG  A N1    
120 C C2    . DG  A 6  ? 0.4081 0.3365 0.4372 0.0083  -0.0599 -0.0678 6   DG  A C2    
121 N N2    . DG  A 6  ? 0.3817 0.3327 0.4553 -0.0552 -0.1138 -0.1600 6   DG  A N2    
122 N N3    . DG  A 6  ? 0.4616 0.2807 0.4020 0.0478  -0.0564 -0.0955 6   DG  A N3    
123 C C4    . DG  A 6  ? 0.4963 0.3066 0.3785 -0.0233 0.0032  -0.0862 6   DG  A C4    
124 P P     . DC  A 7  ? 0.5718 0.2717 0.4375 -0.0477 0.1042  -0.1748 7   DC  A P     
125 O OP1   . DC  A 7  ? 0.5347 0.2398 0.5788 -0.0609 0.1155  -0.1864 7   DC  A OP1   
126 O OP2   . DC  A 7  ? 0.5260 0.2160 0.4762 -0.0265 0.1351  -0.1878 7   DC  A OP2   
127 O "O5'" . DC  A 7  ? 0.4549 0.3116 0.4149 0.0107  0.0548  -0.0937 7   DC  A "O5'" 
128 C "C5'" . DC  A 7  ? 0.4821 0.2373 0.4235 -0.0179 0.0345  -0.0400 7   DC  A "C5'" 
129 C "C4'" . DC  A 7  ? 0.4028 0.3315 0.4297 -0.2235 -0.0356 -0.0373 7   DC  A "C4'" 
130 O "O4'" . DC  A 7  ? 0.5551 0.3226 0.3675 -0.0329 0.0620  -0.1107 7   DC  A "O4'" 
131 C "C3'" . DC  A 7  ? 0.4642 0.3001 0.4272 -0.0505 -0.0456 -0.1358 7   DC  A "C3'" 
132 O "O3'" . DC  A 7  ? 0.5777 0.3065 0.4579 -0.0745 0.0261  -0.1323 7   DC  A "O3'" 
133 C "C2'" . DC  A 7  ? 0.4432 0.3746 0.3393 -0.0282 0.0203  -0.0825 7   DC  A "C2'" 
134 C "C1'" . DC  A 7  ? 0.3757 0.3205 0.3747 0.0101  0.0089  -0.1057 7   DC  A "C1'" 
135 N N1    . DC  A 7  ? 0.3726 0.3008 0.3783 0.0214  0.0213  -0.1188 7   DC  A N1    
136 C C2    . DC  A 7  ? 0.3600 0.2843 0.3396 0.0149  0.0101  -0.0876 7   DC  A C2    
137 O O2    . DC  A 7  ? 0.3827 0.2676 0.3700 0.0125  0.0116  -0.1008 7   DC  A O2    
138 N N3    . DC  A 7  ? 0.3607 0.2134 0.3350 0.0465  0.0266  -0.1009 7   DC  A N3    
139 C C4    . DC  A 7  ? 0.3764 0.2752 0.3463 0.0310  0.0223  -0.0522 7   DC  A C4    
140 N N4    . DC  A 7  ? 0.3057 0.2850 0.3438 0.0785  0.0396  -0.0574 7   DC  A N4    
141 C C5    . DC  A 7  ? 0.3116 0.2936 0.3323 0.0367  0.0192  -0.0760 7   DC  A C5    
142 C C6    . DC  A 7  ? 0.3363 0.2895 0.4202 0.0034  0.0231  -0.0879 7   DC  A C6    
143 P P     . DC  A 8  ? 0.5372 0.2738 0.4715 0.0190  0.0849  -0.1353 8   DC  A P     
144 O OP1   . DC  A 8  ? 0.6987 0.2667 0.5501 -0.0361 0.0134  -0.1453 8   DC  A OP1   
145 O OP2   . DC  A 8  ? 0.4728 0.3087 0.4695 0.0779  0.0647  -0.0715 8   DC  A OP2   
146 O "O5'" . DC  A 8  ? 0.5167 0.2518 0.4184 0.0091  0.0778  -0.1305 8   DC  A "O5'" 
147 C "C5'" . DC  A 8  ? 0.4797 0.3344 0.4266 -0.0033 0.0073  -0.0939 8   DC  A "C5'" 
148 C "C4'" . DC  A 8  ? 0.4391 0.3393 0.4440 -0.0255 0.0633  -0.0756 8   DC  A "C4'" 
149 O "O4'" . DC  A 8  ? 0.5251 0.3404 0.3952 -0.0080 -0.0213 -0.1264 8   DC  A "O4'" 
150 C "C3'" . DC  A 8  ? 0.4658 0.2952 0.4277 -0.0217 0.0556  -0.1096 8   DC  A "C3'" 
151 O "O3'" . DC  A 8  ? 0.5354 0.3285 0.4512 -0.0583 0.0303  -0.1024 8   DC  A "O3'" 
152 C "C2'" . DC  A 8  ? 0.4589 0.3125 0.3944 -0.0438 0.0404  -0.1002 8   DC  A "C2'" 
153 C "C1'" . DC  A 8  ? 0.4044 0.3164 0.3866 0.0018  -0.0003 -0.1172 8   DC  A "C1'" 
154 N N1    . DC  A 8  ? 0.4181 0.2647 0.3116 0.0148  0.0285  -0.0777 8   DC  A N1    
155 C C2    . DC  A 8  ? 0.3213 0.2803 0.3306 0.0544  0.0080  -0.0911 8   DC  A C2    
156 O O2    . DC  A 8  ? 0.3120 0.3535 0.3484 0.0364  0.0579  -0.0982 8   DC  A O2    
157 N N3    . DC  A 8  ? 0.3655 0.2530 0.3000 0.0486  0.0243  -0.0657 8   DC  A N3    
158 C C4    . DC  A 8  ? 0.3699 0.2679 0.3487 0.0163  0.0313  -0.0926 8   DC  A C4    
159 N N4    . DC  A 8  ? 0.3234 0.2639 0.3501 0.0925  0.0283  -0.0350 8   DC  A N4    
160 C C5    . DC  A 8  ? 0.3864 0.2418 0.3485 0.0331  0.0327  -0.0858 8   DC  A C5    
161 C C6    . DC  A 8  ? 0.3387 0.3525 0.3547 0.0326  0.0276  -0.0386 8   DC  A C6    
162 P P     . DC  A 9  ? 0.5937 0.2969 0.4915 -0.0538 0.0241  -0.1028 9   DC  A P     
163 O OP1   . DC  A 9  ? 0.6348 0.2875 0.7247 -0.0357 0.0119  -0.0285 9   DC  A OP1   
164 O OP2   . DC  A 9  ? 0.5587 0.2941 0.4879 0.0676  0.0335  -0.0581 9   DC  A OP2   
165 O "O5'" . DC  A 9  ? 0.4718 0.2897 0.4139 -0.0279 0.0038  -0.0635 9   DC  A "O5'" 
166 C "C5'" . DC  A 9  ? 0.4304 0.3204 0.4680 0.0042  0.0313  -0.0656 9   DC  A "C5'" 
167 C "C4'" . DC  A 9  ? 0.3999 0.3348 0.3868 0.0366  0.0397  -0.0639 9   DC  A "C4'" 
168 O "O4'" . DC  A 9  ? 0.3793 0.3203 0.3765 -0.0007 0.0270  -0.0658 9   DC  A "O4'" 
169 C "C3'" . DC  A 9  ? 0.4072 0.3502 0.4302 0.0061  0.0159  -0.0381 9   DC  A "C3'" 
170 O "O3'" . DC  A 9  ? 0.4617 0.4075 0.4357 0.0642  0.0286  -0.0206 9   DC  A "O3'" 
171 C "C2'" . DC  A 9  ? 0.3477 0.3299 0.3747 0.0138  0.0404  -0.0256 9   DC  A "C2'" 
172 C "C1'" . DC  A 9  ? 0.3072 0.3013 0.3842 0.0179  0.0324  -0.0438 9   DC  A "C1'" 
173 N N1    . DC  A 9  ? 0.2874 0.2558 0.3935 0.0131  0.0318  -0.0978 9   DC  A N1    
174 C C2    . DC  A 9  ? 0.2864 0.2584 0.3617 0.0254  0.0259  -0.0367 9   DC  A C2    
175 O O2    . DC  A 9  ? 0.3363 0.3869 0.3777 0.0827  0.0448  -0.1196 9   DC  A O2    
176 N N3    . DC  A 9  ? 0.3113 0.2699 0.3579 0.0809  0.0504  -0.0698 9   DC  A N3    
177 C C4    . DC  A 9  ? 0.3526 0.2407 0.3098 0.0236  0.0131  -0.0675 9   DC  A C4    
178 N N4    . DC  A 9  ? 0.3712 0.3007 0.3518 0.0340  0.0266  -0.0868 9   DC  A N4    
179 C C5    . DC  A 9  ? 0.3037 0.2453 0.3790 0.0751  -0.0174 -0.0405 9   DC  A C5    
180 C C6    . DC  A 9  ? 0.3833 0.3272 0.3709 0.0115  0.0165  -0.0990 9   DC  A C6    
181 P P     . DT  A 10 ? 0.4626 0.3848 0.5161 0.0927  0.0235  -0.0270 10  DT  A P     
182 O OP1   . DT  A 10 ? 0.5842 0.4033 0.5821 0.0495  0.0044  0.0128  10  DT  A OP1   
183 O OP2   . DT  A 10 ? 0.4409 0.3903 0.5065 0.1866  -0.0132 -0.0572 10  DT  A OP2   
184 O "O5'" . DT  A 10 ? 0.3375 0.3891 0.4634 0.0708  0.0057  0.0144  10  DT  A "O5'" 
185 C "C5'" . DT  A 10 ? 0.4209 0.4295 0.4256 0.0730  -0.0124 0.0000  10  DT  A "C5'" 
186 C "C4'" . DT  A 10 ? 0.3655 0.4032 0.4036 0.1065  0.0290  -0.0343 10  DT  A "C4'" 
187 O "O4'" . DT  A 10 ? 0.3058 0.4141 0.3927 0.1286  0.0624  -0.0498 10  DT  A "O4'" 
188 C "C3'" . DT  A 10 ? 0.4013 0.4691 0.4663 0.1130  0.0146  0.0451  10  DT  A "C3'" 
189 O "O3'" . DT  A 10 ? 0.4818 0.5637 0.4418 0.1157  -0.0501 -0.0098 10  DT  A "O3'" 
190 C "C2'" . DT  A 10 ? 0.4489 0.4530 0.3926 0.0798  0.0521  -0.0627 10  DT  A "C2'" 
191 C "C1'" . DT  A 10 ? 0.3507 0.3950 0.4337 0.0838  0.0760  -0.0374 10  DT  A "C1'" 
192 N N1    . DT  A 10 ? 0.3066 0.3937 0.3822 0.1120  0.0277  -0.0919 10  DT  A N1    
193 C C2    . DT  A 10 ? 0.3968 0.3507 0.4180 0.0780  -0.0035 -0.0450 10  DT  A C2    
194 O O2    . DT  A 10 ? 0.3933 0.4054 0.4262 0.1277  0.0737  -0.1296 10  DT  A O2    
195 N N3    . DT  A 10 ? 0.3524 0.3676 0.4603 0.0591  0.0079  -0.0516 10  DT  A N3    
196 C C4    . DT  A 10 ? 0.2167 0.3751 0.4216 0.1438  0.0144  -0.0436 10  DT  A C4    
197 O O4    . DT  A 10 ? 0.3650 0.3892 0.4048 0.0708  0.0536  -0.0637 10  DT  A O4    
198 C C5    . DT  A 10 ? 0.2994 0.4051 0.4815 0.0724  0.0048  -0.0399 10  DT  A C5    
199 C C7    . DT  A 10 ? 0.3188 0.3973 0.4665 0.0405  0.0512  -0.0537 10  DT  A C7    
200 C C6    . DT  A 10 ? 0.4187 0.3027 0.4137 0.0751  -0.0405 -0.0159 10  DT  A C6    
201 P P     . DA  A 11 ? 0.5954 0.5994 0.5675 0.1703  -0.0983 -0.0522 11  DA  A P     
202 O OP1   . DA  A 11 ? 0.7553 0.5845 0.6409 0.2446  -0.1111 0.0927  11  DA  A OP1   
203 O OP2   . DA  A 11 ? 0.4145 0.5936 0.5676 0.2138  -0.0541 -0.0634 11  DA  A OP2   
204 O "O5'" . DA  A 11 ? 0.5497 0.6311 0.7515 0.2151  -0.0483 0.0109  11  DA  A "O5'" 
205 C "C5'" . DA  A 11 ? 0.5657 0.3846 0.4777 0.3298  -0.1766 0.0955  11  DA  A "C5'" 
206 C "C4'" . DA  A 11 ? 0.5457 0.5223 0.6263 0.1662  0.0264  0.0227  11  DA  A "C4'" 
207 O "O4'" . DA  A 11 ? 0.3451 0.7653 0.6502 0.2070  -0.0143 0.0349  11  DA  A "O4'" 
208 C "C3'" . DA  A 11 ? 0.4445 0.5347 0.5602 0.1731  -0.0366 0.0004  11  DA  A "C3'" 
209 O "O3'" . DA  A 11 ? 0.4673 0.7394 0.5128 0.1646  0.0220  0.0421  11  DA  A "O3'" 
210 C "C2'" . DA  A 11 ? 0.4865 0.5801 0.5504 0.0976  -0.0488 -0.0207 11  DA  A "C2'" 
211 C "C1'" . DA  A 11 ? 0.4545 0.6220 0.5014 0.0936  -0.0254 -0.0219 11  DA  A "C1'" 
212 N N9    . DA  A 11 ? 0.3337 0.4146 0.4712 0.1132  -0.0151 0.0302  11  DA  A N9    
213 C C8    . DA  A 11 ? 0.2802 0.4440 0.4224 0.1332  0.0485  0.0256  11  DA  A C8    
214 N N7    . DA  A 11 ? 0.2856 0.4517 0.4292 0.1467  -0.0032 0.0059  11  DA  A N7    
215 C C5    . DA  A 11 ? 0.3273 0.4093 0.4588 0.1035  -0.0157 0.0038  11  DA  A C5    
216 C C6    . DA  A 11 ? 0.2755 0.3983 0.4711 0.1246  -0.0175 0.0237  11  DA  A C6    
217 N N6    . DA  A 11 ? 0.3327 0.4551 0.4367 0.0355  0.0499  0.0389  11  DA  A N6    
218 N N1    . DA  A 11 ? 0.2948 0.4623 0.4964 0.1154  0.0247  0.0103  11  DA  A N1    
219 C C2    . DA  A 11 ? 0.3633 0.3342 0.4966 0.1667  0.0044  0.0258  11  DA  A C2    
220 N N3    . DA  A 11 ? 0.3707 0.3681 0.4927 0.1481  0.0522  0.0157  11  DA  A N3    
221 C C4    . DA  A 11 ? 0.2939 0.3744 0.4418 0.1625  0.0149  -0.0268 11  DA  A C4    
222 P P     . DG  A 12 ? 0.4016 0.7606 0.7132 0.1268  -0.0285 0.0419  12  DG  A P     
223 O OP1   . DG  A 12 ? 0.6347 0.8903 0.7736 0.3518  -0.0646 0.0912  12  DG  A OP1   
224 O OP2   . DG  A 12 ? 0.4573 0.6486 0.8054 0.1729  -0.2013 0.0902  12  DG  A OP2   
225 O "O5'" . DG  A 12 ? 0.4542 0.7721 0.7080 0.0338  -0.0602 0.0268  12  DG  A "O5'" 
226 C "C5'" . DG  A 12 ? 0.5379 0.6920 0.5936 0.0600  -0.0051 0.0211  12  DG  A "C5'" 
227 C "C4'" . DG  A 12 ? 0.5219 0.5080 0.6179 0.1227  -0.0412 0.0625  12  DG  A "C4'" 
228 O "O4'" . DG  A 12 ? 0.3993 0.6414 0.5518 0.0670  0.0054  -0.0574 12  DG  A "O4'" 
229 C "C3'" . DG  A 12 ? 0.3709 0.6796 0.5934 0.0836  -0.0427 0.0441  12  DG  A "C3'" 
230 O "O3'" . DG  A 12 ? 0.3733 0.7667 0.5970 0.0986  -0.0412 -0.0678 12  DG  A "O3'" 
231 C "C2'" . DG  A 12 ? 0.4081 0.6092 0.5892 0.0655  -0.0456 0.0448  12  DG  A "C2'" 
232 C "C1'" . DG  A 12 ? 0.4112 0.5191 0.5096 0.0748  -0.0264 -0.0120 12  DG  A "C1'" 
233 N N9    . DG  A 12 ? 0.2861 0.4076 0.4978 0.1612  0.0124  -0.0132 12  DG  A N9    
234 C C8    . DG  A 12 ? 0.2929 0.4582 0.5184 0.1149  0.0036  -0.0243 12  DG  A C8    
235 N N7    . DG  A 12 ? 0.3162 0.3901 0.5205 0.1368  -0.0305 0.0125  12  DG  A N7    
236 C C5    . DG  A 12 ? 0.3128 0.2884 0.5307 0.1222  -0.0086 -0.0306 12  DG  A C5    
237 C C6    . DG  A 12 ? 0.2674 0.3117 0.5112 0.0945  -0.0092 0.0072  12  DG  A C6    
238 O O6    . DG  A 12 ? 0.3256 0.2873 0.5093 0.0811  0.0252  -0.0451 12  DG  A O6    
239 N N1    . DG  A 12 ? 0.2776 0.2524 0.4417 0.1114  0.0120  -0.0650 12  DG  A N1    
240 C C2    . DG  A 12 ? 0.2622 0.3081 0.4880 0.0680  -0.0452 0.0176  12  DG  A C2    
241 N N2    . DG  A 12 ? 0.3468 0.3025 0.5429 0.0695  0.0102  0.0225  12  DG  A N2    
242 N N3    . DG  A 12 ? 0.2711 0.2779 0.4663 0.1414  0.0177  -0.0522 12  DG  A N3    
243 C C4    . DG  A 12 ? 0.2650 0.2940 0.5172 0.1384  0.0017  -0.0153 12  DG  A C4    
244 O "O5'" . DC  B 1  ? 0.6647 0.8162 0.5532 0.0656  0.0513  0.0141  1   DC  B "O5'" 
245 C "C5'" . DC  B 1  ? 0.5814 0.7582 0.6258 0.1135  0.0542  0.0496  1   DC  B "C5'" 
246 C "C4'" . DC  B 1  ? 0.4806 0.6434 0.5509 0.1624  0.1486  0.0216  1   DC  B "C4'" 
247 O "O4'" . DC  B 1  ? 0.4411 0.6115 0.5750 0.1396  0.0483  -0.0208 1   DC  B "O4'" 
248 C "C3'" . DC  B 1  ? 0.4915 0.6285 0.5056 0.1158  0.1319  0.0157  1   DC  B "C3'" 
249 O "O3'" . DC  B 1  ? 0.4462 0.6233 0.4486 0.1688  0.1411  -0.0074 1   DC  B "O3'" 
250 C "C2'" . DC  B 1  ? 0.3745 0.6196 0.5140 0.2325  0.1342  0.0658  1   DC  B "C2'" 
251 C "C1'" . DC  B 1  ? 0.4574 0.6074 0.4639 0.1775  0.0660  0.1003  1   DC  B "C1'" 
252 N N1    . DC  B 1  ? 0.4744 0.5355 0.5200 0.0861  0.0669  -0.0208 1   DC  B N1    
253 C C2    . DC  B 1  ? 0.3342 0.4239 0.5087 0.1252  0.0619  -0.0072 1   DC  B C2    
254 O O2    . DC  B 1  ? 0.3276 0.3834 0.5498 0.0992  0.0619  0.0302  1   DC  B O2    
255 N N3    . DC  B 1  ? 0.3698 0.4135 0.5005 0.1250  0.0678  -0.0694 1   DC  B N3    
256 C C4    . DC  B 1  ? 0.3266 0.4443 0.5235 0.1126  0.0417  -0.0259 1   DC  B C4    
257 N N4    . DC  B 1  ? 0.3320 0.4780 0.4975 0.0079  -0.0100 -0.0453 1   DC  B N4    
258 C C5    . DC  B 1  ? 0.4693 0.6155 0.5045 0.0566  0.0399  -0.0591 1   DC  B C5    
259 C C6    . DC  B 1  ? 0.5066 0.5813 0.4621 0.0816  0.0302  -0.0127 1   DC  B C6    
260 P P     . DT  B 2  ? 0.3774 0.5951 0.5494 0.1141  0.0675  0.0504  2   DT  B P     
261 O OP1   . DT  B 2  ? 0.4079 0.6508 0.6149 0.0794  0.1004  0.0359  2   DT  B OP1   
262 O OP2   . DT  B 2  ? 0.3772 0.7939 0.4942 0.1048  0.0662  0.0999  2   DT  B OP2   
263 O "O5'" . DT  B 2  ? 0.3590 0.5763 0.5490 0.1049  0.0435  0.0813  2   DT  B "O5'" 
264 C "C5'" . DT  B 2  ? 0.3836 0.5939 0.5327 0.0323  0.0700  0.1196  2   DT  B "C5'" 
265 C "C4'" . DT  B 2  ? 0.2856 0.5037 0.5324 0.0513  0.1166  0.0504  2   DT  B "C4'" 
266 O "O4'" . DT  B 2  ? 0.2779 0.5280 0.5786 0.0970  0.0917  0.0611  2   DT  B "O4'" 
267 C "C3'" . DT  B 2  ? 0.2486 0.4975 0.5181 0.0763  0.0903  0.1129  2   DT  B "C3'" 
268 O "O3'" . DT  B 2  ? 0.3915 0.4974 0.6777 0.0933  0.0433  0.0951  2   DT  B "O3'" 
269 C "C2'" . DT  B 2  ? 0.3043 0.4374 0.4955 0.0986  0.0825  0.0529  2   DT  B "C2'" 
270 C "C1'" . DT  B 2  ? 0.3211 0.4556 0.5141 0.1081  0.0474  0.1022  2   DT  B "C1'" 
271 N N1    . DT  B 2  ? 0.3647 0.4201 0.4883 0.1366  0.0707  0.0362  2   DT  B N1    
272 C C2    . DT  B 2  ? 0.2447 0.4511 0.4893 0.1340  0.0501  0.0758  2   DT  B C2    
273 O O2    . DT  B 2  ? 0.3628 0.4770 0.4606 0.1572  0.0652  0.0239  2   DT  B O2    
274 N N3    . DT  B 2  ? 0.2783 0.4553 0.4769 0.1463  0.0387  0.0235  2   DT  B N3    
275 C C4    . DT  B 2  ? 0.2185 0.4392 0.4674 0.1500  0.1005  -0.0161 2   DT  B C4    
276 O O4    . DT  B 2  ? 0.3399 0.4185 0.5214 0.0999  0.0832  0.0357  2   DT  B O4    
277 C C5    . DT  B 2  ? 0.3103 0.5394 0.4668 0.1282  0.1519  -0.0276 2   DT  B C5    
278 C C7    . DT  B 2  ? 0.3893 0.6925 0.5368 0.0520  0.0365  0.0333  2   DT  B C7    
279 C C6    . DT  B 2  ? 0.3361 0.5498 0.5036 0.1320  0.0699  0.0144  2   DT  B C6    
280 P P     . DA  B 3  ? 0.4460 0.5488 0.6791 0.1332  0.0288  0.1330  3   DA  B P     
281 O OP1   . DA  B 3  ? 0.4889 0.5403 0.6728 0.1297  0.1420  0.1175  3   DA  B OP1   
282 O OP2   . DA  B 3  ? 0.5581 0.5512 0.6834 0.1525  -0.0663 0.1143  3   DA  B OP2   
283 O "O5'" . DA  B 3  ? 0.3348 0.3815 0.6304 0.1283  0.0100  0.0711  3   DA  B "O5'" 
284 C "C5'" . DA  B 3  ? 0.3068 0.5095 0.7033 0.0607  -0.0101 0.0169  3   DA  B "C5'" 
285 C "C4'" . DA  B 3  ? 0.4353 0.4591 0.6762 0.0679  -0.0010 0.0504  3   DA  B "C4'" 
286 O "O4'" . DA  B 3  ? 0.5094 0.4507 0.6948 0.1863  0.0600  -0.0011 3   DA  B "O4'" 
287 C "C3'" . DA  B 3  ? 0.3830 0.5806 0.7549 0.0024  0.0471  -0.0163 3   DA  B "C3'" 
288 O "O3'" . DA  B 3  ? 0.4477 0.5302 0.8547 0.0665  -0.0206 0.0562  3   DA  B "O3'" 
289 C "C2'" . DA  B 3  ? 0.4744 0.6139 0.7406 0.1313  0.0622  0.0424  3   DA  B "C2'" 
290 C "C1'" . DA  B 3  ? 0.5409 0.4626 0.6361 0.0358  -0.0171 0.0610  3   DA  B "C1'" 
291 N N9    . DA  B 3  ? 0.4794 0.4112 0.5471 0.1425  0.0895  -0.0291 3   DA  B N9    
292 C C8    . DA  B 3  ? 0.4843 0.4333 0.5096 0.0817  0.0410  0.0568  3   DA  B C8    
293 N N7    . DA  B 3  ? 0.2463 0.4546 0.4676 0.1230  0.0939  -0.0004 3   DA  B N7    
294 C C5    . DA  B 3  ? 0.2464 0.4477 0.4297 0.1225  0.0499  0.0137  3   DA  B C5    
295 C C6    . DA  B 3  ? 0.2619 0.4574 0.4349 0.0733  0.0188  0.0160  3   DA  B C6    
296 N N6    . DA  B 3  ? 0.3084 0.4589 0.4015 0.0772  -0.0142 0.0198  3   DA  B N6    
297 N N1    . DA  B 3  ? 0.3239 0.3688 0.4188 0.1075  -0.0177 0.0127  3   DA  B N1    
298 C C2    . DA  B 3  ? 0.2933 0.3646 0.4417 0.1096  0.0431  -0.0328 3   DA  B C2    
299 N N3    . DA  B 3  ? 0.4284 0.3529 0.4469 0.0434  0.0552  -0.0362 3   DA  B N3    
300 C C4    . DA  B 3  ? 0.4076 0.3640 0.4837 0.1776  0.0529  -0.0167 3   DA  B C4    
301 P P     . DG  B 4  ? 0.4008 0.5260 0.8896 0.0268  -0.0096 0.0276  4   DG  B P     
302 O OP1   . DG  B 4  ? 0.6207 0.5038 1.1573 0.1131  -0.0233 -0.0356 4   DG  B OP1   
303 O OP2   . DG  B 4  ? 0.3266 0.5111 0.8323 0.1764  -0.0545 0.0869  4   DG  B OP2   
304 O "O5'" . DG  B 4  ? 0.4569 0.4314 0.8196 0.2324  0.0119  -0.0499 4   DG  B "O5'" 
305 C "C5'" . DG  B 4  ? 0.5306 0.3982 0.6976 0.0741  0.0062  -0.0132 4   DG  B "C5'" 
306 C "C4'" . DG  B 4  ? 0.4801 0.3306 0.5683 0.1613  0.0294  -0.0913 4   DG  B "C4'" 
307 O "O4'" . DG  B 4  ? 0.3648 0.3107 0.5515 0.1148  0.0324  -0.0904 4   DG  B "O4'" 
308 C "C3'" . DG  B 4  ? 0.4783 0.4228 0.6646 0.0872  -0.0268 -0.0263 4   DG  B "C3'" 
309 O "O3'" . DG  B 4  ? 0.5059 0.3531 0.7572 -0.0648 -0.0595 -0.1666 4   DG  B "O3'" 
310 C "C2'" . DG  B 4  ? 0.3814 0.4669 0.5808 0.0463  -0.0118 -0.0239 4   DG  B "C2'" 
311 C "C1'" . DG  B 4  ? 0.4756 0.2823 0.5061 0.0447  0.0247  -0.0662 4   DG  B "C1'" 
312 N N9    . DG  B 4  ? 0.3530 0.2910 0.4883 0.0979  0.0895  -0.0882 4   DG  B N9    
313 C C8    . DG  B 4  ? 0.3931 0.2343 0.4806 0.1142  0.0638  -0.0645 4   DG  B C8    
314 N N7    . DG  B 4  ? 0.2778 0.3148 0.4608 0.1115  0.0494  -0.0588 4   DG  B N7    
315 C C5    . DG  B 4  ? 0.2464 0.3066 0.4428 0.1062  0.0289  -0.0585 4   DG  B C5    
316 C C6    . DG  B 4  ? 0.2463 0.3587 0.3783 0.0498  -0.0131 -0.0426 4   DG  B C6    
317 O O6    . DG  B 4  ? 0.3434 0.2953 0.3961 0.0948  0.0254  -0.0518 4   DG  B O6    
318 N N1    . DG  B 4  ? 0.3086 0.2470 0.3695 0.0835  0.0148  -0.0258 4   DG  B N1    
319 C C2    . DG  B 4  ? 0.2848 0.3502 0.3581 0.0221  -0.0500 -0.0321 4   DG  B C2    
320 N N2    . DG  B 4  ? 0.3442 0.3114 0.3230 0.0230  0.0033  -0.0863 4   DG  B N2    
321 N N3    . DG  B 4  ? 0.2972 0.2674 0.4167 0.1096  0.0812  -0.0986 4   DG  B N3    
322 C C4    . DG  B 4  ? 0.2930 0.2812 0.4170 0.1025  0.0514  -0.0514 4   DG  B C4    
323 P P     . DG  B 5  ? 0.4140 0.4850 0.7803 0.0197  0.0369  -0.0990 5   DG  B P     
324 O OP1   . DG  B 5  ? 0.5949 0.5363 1.1205 0.0364  0.1525  -0.2112 5   DG  B OP1   
325 O OP2   . DG  B 5  ? 0.4757 0.4130 0.8209 0.1912  -0.0057 0.0554  5   DG  B OP2   
326 O "O5'" . DG  B 5  ? 0.4082 0.3136 0.6593 0.1386  0.0236  -0.0646 5   DG  B "O5'" 
327 C "C5'" . DG  B 5  ? 0.3826 0.2948 0.4953 0.0354  -0.0576 -0.1033 5   DG  B "C5'" 
328 C "C4'" . DG  B 5  ? 0.3207 0.3583 0.4412 0.0494  0.0120  -0.0916 5   DG  B "C4'" 
329 O "O4'" . DG  B 5  ? 0.2942 0.3763 0.4300 0.0745  0.0131  -0.1056 5   DG  B "O4'" 
330 C "C3'" . DG  B 5  ? 0.2771 0.3375 0.4003 0.0591  0.0602  -0.1063 5   DG  B "C3'" 
331 O "O3'" . DG  B 5  ? 0.2922 0.4508 0.3968 0.0976  0.0703  -0.1530 5   DG  B "O3'" 
332 C "C2'" . DG  B 5  ? 0.2907 0.3204 0.3251 0.0751  0.0391  -0.1016 5   DG  B "C2'" 
333 C "C1'" . DG  B 5  ? 0.2512 0.3658 0.3751 0.0601  0.0412  -0.0738 5   DG  B "C1'" 
334 N N9    . DG  B 5  ? 0.3161 0.2814 0.3855 0.0820  0.0346  -0.1125 5   DG  B N9    
335 C C8    . DG  B 5  ? 0.3320 0.2543 0.3842 0.0710  0.0251  -0.0997 5   DG  B C8    
336 N N7    . DG  B 5  ? 0.2915 0.3144 0.3517 0.0457  0.0117  -0.0530 5   DG  B N7    
337 C C5    . DG  B 5  ? 0.2718 0.3262 0.3184 0.0249  0.0203  -0.0782 5   DG  B C5    
338 C C6    . DG  B 5  ? 0.3223 0.2820 0.2985 0.0452  0.0637  -0.0551 5   DG  B C6    
339 O O6    . DG  B 5  ? 0.2707 0.2873 0.3316 0.0738  0.0747  -0.0569 5   DG  B O6    
340 N N1    . DG  B 5  ? 0.2646 0.2740 0.3116 0.0680  0.0335  -0.0802 5   DG  B N1    
341 C C2    . DG  B 5  ? 0.2988 0.2976 0.3071 0.0378  0.0375  -0.0559 5   DG  B C2    
342 N N2    . DG  B 5  ? 0.2697 0.3035 0.3721 0.0660  0.0550  -0.0674 5   DG  B N2    
343 N N3    . DG  B 5  ? 0.3011 0.2664 0.3748 0.0452  0.0384  -0.0879 5   DG  B N3    
344 C C4    . DG  B 5  ? 0.2111 0.2566 0.3429 0.0808  0.0300  -0.0768 5   DG  B C4    
345 P P     . DG  B 6  ? 0.3559 0.3329 0.4390 0.1137  0.0567  -0.1671 6   DG  B P     
346 O OP1   . DG  B 6  ? 0.3883 0.4022 0.4707 0.1752  0.0892  -0.1563 6   DG  B OP1   
347 O OP2   . DG  B 6  ? 0.3600 0.2756 0.4619 0.0969  0.0338  -0.1401 6   DG  B OP2   
348 O "O5'" . DG  B 6  ? 0.3052 0.4009 0.4316 0.1122  0.0147  -0.1399 6   DG  B "O5'" 
349 C "C5'" . DG  B 6  ? 0.3224 0.3719 0.4359 0.0787  0.0283  -0.1537 6   DG  B "C5'" 
350 C "C4'" . DG  B 6  ? 0.2211 0.4106 0.4056 0.0772  0.0464  -0.1405 6   DG  B "C4'" 
351 O "O4'" . DG  B 6  ? 0.3046 0.3828 0.3788 0.0862  0.0351  -0.1097 6   DG  B "O4'" 
352 C "C3'" . DG  B 6  ? 0.2876 0.4006 0.3886 0.0683  0.0385  -0.0938 6   DG  B "C3'" 
353 O "O3'" . DG  B 6  ? 0.3800 0.4900 0.4544 0.1630  0.0451  -0.1704 6   DG  B "O3'" 
354 C "C2'" . DG  B 6  ? 0.3357 0.4162 0.3412 0.0390  0.0354  -0.1329 6   DG  B "C2'" 
355 C "C1'" . DG  B 6  ? 0.3342 0.3835 0.3075 0.0367  0.0412  -0.0829 6   DG  B "C1'" 
356 N N9    . DG  B 6  ? 0.2985 0.3264 0.3273 0.0821  0.0289  -0.1145 6   DG  B N9    
357 C C8    . DG  B 6  ? 0.2688 0.3049 0.3256 0.0769  0.0781  -0.0723 6   DG  B C8    
358 N N7    . DG  B 6  ? 0.2837 0.3098 0.3236 0.0687  0.0753  -0.0725 6   DG  B N7    
359 C C5    . DG  B 6  ? 0.3190 0.3216 0.2900 0.0650  0.0487  -0.0971 6   DG  B C5    
360 C C6    . DG  B 6  ? 0.2785 0.2586 0.3061 0.0562  0.0516  -0.0714 6   DG  B C6    
361 O O6    . DG  B 6  ? 0.2769 0.2166 0.3678 0.0776  0.0403  -0.0305 6   DG  B O6    
362 N N1    . DG  B 6  ? 0.3490 0.2300 0.3452 0.0436  0.0233  -0.0714 6   DG  B N1    
363 C C2    . DG  B 6  ? 0.3166 0.2761 0.3314 0.0467  0.0296  -0.0880 6   DG  B C2    
364 N N2    . DG  B 6  ? 0.2945 0.2709 0.3881 0.0543  0.0392  -0.0688 6   DG  B N2    
365 N N3    . DG  B 6  ? 0.2812 0.3449 0.3849 0.0721  0.0448  -0.1281 6   DG  B N3    
366 C C4    . DG  B 6  ? 0.3106 0.3158 0.2788 0.0777  0.0307  -0.0882 6   DG  B C4    
367 P P     . DC  B 7  ? 0.3584 0.3911 0.5133 0.1364  -0.0147 -0.1629 7   DC  B P     
368 O OP1   . DC  B 7  ? 0.3377 0.4504 0.6020 0.1550  -0.0182 -0.1535 7   DC  B OP1   
369 O OP2   . DC  B 7  ? 0.3400 0.3387 0.4903 0.1652  0.0192  -0.1483 7   DC  B OP2   
370 O "O5'" . DC  B 7  ? 0.4414 0.4111 0.4742 0.0920  -0.0021 -0.1742 7   DC  B "O5'" 
371 C "C5'" . DC  B 7  ? 0.4655 0.5424 0.4485 0.0434  0.0223  -0.1337 7   DC  B "C5'" 
372 C "C4'" . DC  B 7  ? 0.4368 0.4743 0.4962 0.0750  0.0062  -0.1111 7   DC  B "C4'" 
373 O "O4'" . DC  B 7  ? 0.5120 0.4483 0.3920 0.1197  0.0226  -0.1151 7   DC  B "O4'" 
374 C "C3'" . DC  B 7  ? 0.4870 0.4748 0.4547 0.0862  -0.0248 -0.1546 7   DC  B "C3'" 
375 O "O3'" . DC  B 7  ? 0.3980 0.5539 0.5400 0.0188  0.0381  -0.1774 7   DC  B "O3'" 
376 C "C2'" . DC  B 7  ? 0.4217 0.4127 0.5060 0.0454  -0.0099 -0.1082 7   DC  B "C2'" 
377 C "C1'" . DC  B 7  ? 0.4292 0.3946 0.3854 0.0260  0.0117  -0.1143 7   DC  B "C1'" 
378 N N1    . DC  B 7  ? 0.3891 0.3172 0.3993 0.0690  0.0079  -0.1038 7   DC  B N1    
379 C C2    . DC  B 7  ? 0.3982 0.3222 0.3727 0.0238  -0.0003 -0.1044 7   DC  B C2    
380 O O2    . DC  B 7  ? 0.3848 0.2805 0.4425 0.0447  -0.0275 -0.1085 7   DC  B O2    
381 N N3    . DC  B 7  ? 0.3777 0.2528 0.3989 0.0414  -0.0260 -0.0689 7   DC  B N3    
382 C C4    . DC  B 7  ? 0.3461 0.3541 0.3500 0.0293  0.0230  -0.1346 7   DC  B C4    
383 N N4    . DC  B 7  ? 0.3670 0.2669 0.3571 0.0223  0.0261  -0.0477 7   DC  B N4    
384 C C5    . DC  B 7  ? 0.3887 0.2808 0.3176 0.0517  0.0054  -0.1047 7   DC  B C5    
385 C C6    . DC  B 7  ? 0.3447 0.2973 0.3930 0.0667  -0.0375 -0.0440 7   DC  B C6    
386 P P     . DC  B 8  ? 0.4620 0.5697 0.6284 0.1274  -0.0402 -0.1521 8   DC  B P     
387 O OP1   . DC  B 8  ? 0.4498 0.7021 0.6821 0.1655  -0.0833 -0.2319 8   DC  B OP1   
388 O OP2   . DC  B 8  ? 0.4539 0.4262 0.6060 0.1535  -0.0474 -0.1991 8   DC  B OP2   
389 O "O5'" . DC  B 8  ? 0.4475 0.4407 0.6205 0.1206  -0.0535 -0.1278 8   DC  B "O5'" 
390 C "C5'" . DC  B 8  ? 0.3776 0.5274 0.4921 0.0699  -0.0253 -0.1107 8   DC  B "C5'" 
391 C "C4'" . DC  B 8  ? 0.4027 0.4550 0.4773 0.0333  -0.0204 -0.1134 8   DC  B "C4'" 
392 O "O4'" . DC  B 8  ? 0.3775 0.3465 0.6071 0.0375  -0.0092 -0.1182 8   DC  B "O4'" 
393 C "C3'" . DC  B 8  ? 0.4247 0.4739 0.4710 0.0442  0.0015  -0.1031 8   DC  B "C3'" 
394 O "O3'" . DC  B 8  ? 0.5144 0.4518 0.4467 0.1268  0.0290  -0.0902 8   DC  B "O3'" 
395 C "C2'" . DC  B 8  ? 0.4032 0.4017 0.4360 0.0015  -0.0360 -0.1127 8   DC  B "C2'" 
396 C "C1'" . DC  B 8  ? 0.4041 0.3095 0.4778 0.0415  -0.0251 -0.0980 8   DC  B "C1'" 
397 N N1    . DC  B 8  ? 0.3924 0.2758 0.4427 0.0567  -0.0187 -0.0791 8   DC  B N1    
398 C C2    . DC  B 8  ? 0.4189 0.3611 0.3880 0.0335  0.0033  -0.0816 8   DC  B C2    
399 O O2    . DC  B 8  ? 0.4233 0.3477 0.4582 0.1081  -0.0286 -0.1468 8   DC  B O2    
400 N N3    . DC  B 8  ? 0.4586 0.2954 0.4537 0.0887  -0.0595 -0.1059 8   DC  B N3    
401 C C4    . DC  B 8  ? 0.3879 0.3374 0.3670 0.0453  -0.0295 -0.0574 8   DC  B C4    
402 N N4    . DC  B 8  ? 0.4164 0.2810 0.4025 0.0570  -0.0093 -0.0587 8   DC  B N4    
403 C C5    . DC  B 8  ? 0.4141 0.2437 0.3956 0.0830  0.0010  -0.0850 8   DC  B C5    
404 C C6    . DC  B 8  ? 0.4108 0.3166 0.4137 0.0711  0.0131  -0.0942 8   DC  B C6    
405 P P     . DC  B 9  ? 0.4905 0.4368 0.5453 0.1054  -0.0455 -0.0340 9   DC  B P     
406 O OP1   . DC  B 9  ? 0.3847 0.5640 0.6576 0.1049  -0.0163 -0.0246 9   DC  B OP1   
407 O OP2   . DC  B 9  ? 0.6982 0.2716 0.6305 0.1969  -0.0296 -0.1042 9   DC  B OP2   
408 O "O5'" . DC  B 9  ? 0.4901 0.3499 0.5174 0.0060  -0.0445 -0.0187 9   DC  B "O5'" 
409 C "C5'" . DC  B 9  ? 0.4080 0.3666 0.4783 0.0118  -0.0676 -0.0388 9   DC  B "C5'" 
410 C "C4'" . DC  B 9  ? 0.4419 0.3528 0.4566 -0.0034 -0.0467 -0.0596 9   DC  B "C4'" 
411 O "O4'" . DC  B 9  ? 0.4527 0.1787 0.5447 0.0340  -0.0655 -0.0954 9   DC  B "O4'" 
412 C "C3'" . DC  B 9  ? 0.3973 0.3148 0.4974 0.0380  -0.0258 -0.0539 9   DC  B "C3'" 
413 O "O3'" . DC  B 9  ? 0.4036 0.3599 0.5326 0.0723  -0.0284 -0.0606 9   DC  B "O3'" 
414 C "C2'" . DC  B 9  ? 0.3976 0.2493 0.5010 -0.0050 -0.0454 -0.1070 9   DC  B "C2'" 
415 C "C1'" . DC  B 9  ? 0.4397 0.2925 0.5387 0.0164  -0.0695 -0.0769 9   DC  B "C1'" 
416 N N1    . DC  B 9  ? 0.4425 0.2560 0.5370 0.0218  -0.0657 -0.0677 9   DC  B N1    
417 C C2    . DC  B 9  ? 0.4317 0.3187 0.4872 0.0087  -0.0592 -0.0335 9   DC  B C2    
418 O O2    . DC  B 9  ? 0.4255 0.2184 0.5931 0.0138  -0.0253 -0.0768 9   DC  B O2    
419 N N3    . DC  B 9  ? 0.4625 0.2664 0.4588 0.0703  -0.0642 -0.0288 9   DC  B N3    
420 C C4    . DC  B 9  ? 0.4522 0.2767 0.4347 0.0491  -0.0502 -0.0280 9   DC  B C4    
421 N N4    . DC  B 9  ? 0.4745 0.2314 0.5038 0.0578  -0.0657 -0.0181 9   DC  B N4    
422 C C5    . DC  B 9  ? 0.4765 0.3136 0.4763 -0.0038 -0.0512 -0.0277 9   DC  B C5    
423 C C6    . DC  B 9  ? 0.4187 0.3481 0.5100 -0.0416 -0.0317 -0.0173 9   DC  B C6    
424 P P     . DT  B 10 ? 0.5658 0.3927 0.5550 0.0330  -0.1076 -0.0218 10  DT  B P     
425 O OP1   . DT  B 10 ? 0.5848 0.3994 0.5934 0.0777  -0.1322 -0.0177 10  DT  B OP1   
426 O OP2   . DT  B 10 ? 0.5098 0.3564 0.6105 0.1344  -0.0848 -0.0623 10  DT  B OP2   
427 O "O5'" . DT  B 10 ? 0.6005 0.3422 0.5516 -0.0368 -0.0760 -0.0889 10  DT  B "O5'" 
428 C "C5'" . DT  B 10 ? 0.5457 0.4079 0.5634 0.0124  -0.0686 -0.0840 10  DT  B "C5'" 
429 C "C4'" . DT  B 10 ? 0.6028 0.3716 0.5135 -0.0460 0.0061  -0.0671 10  DT  B "C4'" 
430 O "O4'" . DT  B 10 ? 0.5225 0.3806 0.6063 -0.0374 -0.0507 -0.0844 10  DT  B "O4'" 
431 C "C3'" . DT  B 10 ? 0.5745 0.3719 0.6026 -0.0102 -0.0827 0.0000  10  DT  B "C3'" 
432 O "O3'" . DT  B 10 ? 0.7206 0.6046 0.5597 0.0270  -0.0039 -0.0104 10  DT  B "O3'" 
433 C "C2'" . DT  B 10 ? 0.5966 0.4098 0.4805 -0.0661 -0.0661 -0.0400 10  DT  B "C2'" 
434 C "C1'" . DT  B 10 ? 0.5263 0.3929 0.4907 -0.0573 -0.0686 -0.0491 10  DT  B "C1'" 
435 N N1    . DT  B 10 ? 0.4788 0.3262 0.4884 -0.0016 -0.0358 -0.0595 10  DT  B N1    
436 C C2    . DT  B 10 ? 0.4532 0.3411 0.4686 0.0092  -0.0216 -0.0600 10  DT  B C2    
437 O O2    . DT  B 10 ? 0.4218 0.2853 0.5082 -0.0173 -0.0658 -0.0873 10  DT  B O2    
438 N N3    . DT  B 10 ? 0.4240 0.2207 0.4394 0.0025  -0.0689 -0.0301 10  DT  B N3    
439 C C4    . DT  B 10 ? 0.4679 0.2348 0.4309 0.0248  -0.0541 -0.0414 10  DT  B C4    
440 O O4    . DT  B 10 ? 0.4892 0.2917 0.4255 -0.0199 -0.1064 -0.0150 10  DT  B O4    
441 C C5    . DT  B 10 ? 0.4530 0.3003 0.4388 0.0065  -0.0448 -0.0485 10  DT  B C5    
442 C C7    . DT  B 10 ? 0.4862 0.2891 0.4261 0.0171  -0.0375 -0.0629 10  DT  B C7    
443 C C6    . DT  B 10 ? 0.4464 0.2600 0.4451 0.0226  -0.0671 -0.0325 10  DT  B C6    
444 P P     . DA  B 11 ? 0.6531 0.6095 0.7220 0.0277  -0.1081 0.0069  11  DA  B P     
445 O OP1   . DA  B 11 ? 0.7730 0.8340 0.7441 0.1120  -0.0900 0.2491  11  DA  B OP1   
446 O OP2   . DA  B 11 ? 0.6396 0.6467 0.6900 0.1021  -0.0133 0.1932  11  DA  B OP2   
447 O "O5'" . DA  B 11 ? 0.7102 0.5047 0.5792 0.0096  -0.0687 0.0126  11  DA  B "O5'" 
448 C "C5'" . DA  B 11 ? 0.6556 0.5339 0.5479 0.0025  -0.1098 -0.0147 11  DA  B "C5'" 
449 C "C4'" . DA  B 11 ? 0.6720 0.4783 0.6029 -0.0180 -0.0908 0.0485  11  DA  B "C4'" 
450 O "O4'" . DA  B 11 ? 0.6659 0.3292 0.5099 0.0011  -0.1158 -0.0755 11  DA  B "O4'" 
451 C "C3'" . DA  B 11 ? 0.5515 0.4125 0.5136 0.0322  -0.0686 0.0308  11  DA  B "C3'" 
452 O "O3'" . DA  B 11 ? 0.7007 0.3987 0.4276 0.0164  -0.1005 -0.0294 11  DA  B "O3'" 
453 C "C2'" . DA  B 11 ? 0.5657 0.2982 0.4218 0.0411  -0.0715 0.0167  11  DA  B "C2'" 
454 C "C1'" . DA  B 11 ? 0.6236 0.3622 0.3821 -0.0429 -0.0851 0.0300  11  DA  B "C1'" 
455 N N9    . DA  B 11 ? 0.5374 0.3439 0.4170 0.0101  -0.0878 0.0303  11  DA  B N9    
456 C C8    . DA  B 11 ? 0.5255 0.2438 0.4138 -0.0118 -0.1194 -0.0081 11  DA  B C8    
457 N N7    . DA  B 11 ? 0.5550 0.2166 0.4364 0.0342  -0.0964 -0.0221 11  DA  B N7    
458 C C5    . DA  B 11 ? 0.4788 0.2346 0.3894 0.0468  -0.0578 -0.0236 11  DA  B C5    
459 C C6    . DA  B 11 ? 0.4740 0.1557 0.4243 0.0739  -0.0889 -0.0548 11  DA  B C6    
460 N N6    . DA  B 11 ? 0.4532 0.2483 0.4598 0.0225  -0.0784 0.0104  11  DA  B N6    
461 N N1    . DA  B 11 ? 0.4621 0.3079 0.3794 0.0314  -0.0675 -0.0461 11  DA  B N1    
462 C C2    . DA  B 11 ? 0.4919 0.1683 0.3876 0.0372  -0.0777 -0.0263 11  DA  B C2    
463 N N3    . DA  B 11 ? 0.4731 0.3079 0.3774 0.0704  -0.0756 -0.0242 11  DA  B N3    
464 C C4    . DA  B 11 ? 0.4897 0.1899 0.3767 0.0309  -0.0504 0.0130  11  DA  B C4    
465 P P     . DG  B 12 ? 0.6335 0.3679 0.5689 -0.0146 -0.1258 0.0451  12  DG  B P     
466 O OP1   . DG  B 12 ? 0.6952 0.4109 0.4776 0.0149  -0.1943 0.0185  12  DG  B OP1   
467 O OP2   . DG  B 12 ? 0.6430 0.4637 0.4941 -0.0443 -0.1459 0.0333  12  DG  B OP2   
468 O "O5'" . DG  B 12 ? 0.5331 0.4394 0.4583 0.0186  -0.0282 -0.0200 12  DG  B "O5'" 
469 C "C5'" . DG  B 12 ? 0.5138 0.3708 0.3960 -0.0251 -0.1113 -0.0153 12  DG  B "C5'" 
470 C "C4'" . DG  B 12 ? 0.5400 0.2545 0.4531 -0.0252 -0.0981 -0.0320 12  DG  B "C4'" 
471 O "O4'" . DG  B 12 ? 0.5861 0.2129 0.4046 0.0600  -0.1009 -0.0768 12  DG  B "O4'" 
472 C "C3'" . DG  B 12 ? 0.4349 0.2941 0.4916 0.0258  -0.0845 -0.0002 12  DG  B "C3'" 
473 O "O3'" . DG  B 12 ? 0.5850 0.2880 0.5096 -0.0078 -0.0541 -0.0028 12  DG  B "O3'" 
474 C "C2'" . DG  B 12 ? 0.4484 0.3080 0.4847 -0.0072 -0.0441 -0.0075 12  DG  B "C2'" 
475 C "C1'" . DG  B 12 ? 0.4984 0.3008 0.3314 0.0112  -0.0714 -0.0515 12  DG  B "C1'" 
476 N N9    . DG  B 12 ? 0.4516 0.1869 0.4076 0.0756  -0.0885 -0.0438 12  DG  B N9    
477 C C8    . DG  B 12 ? 0.5036 0.2195 0.4633 0.0089  -0.0585 -0.0774 12  DG  B C8    
478 N N7    . DG  B 12 ? 0.4231 0.2468 0.4427 0.0723  -0.0645 -0.0378 12  DG  B N7    
479 C C5    . DG  B 12 ? 0.4164 0.2658 0.4158 0.0660  -0.0889 -0.0118 12  DG  B C5    
480 C C6    . DG  B 12 ? 0.4163 0.1629 0.4744 0.0817  -0.0218 -0.0120 12  DG  B C6    
481 O O6    . DG  B 12 ? 0.3841 0.2761 0.5763 0.0509  -0.0598 -0.0065 12  DG  B O6    
482 N N1    . DG  B 12 ? 0.4419 0.2477 0.4392 0.0906  0.0028  -0.0773 12  DG  B N1    
483 C C2    . DG  B 12 ? 0.3942 0.2043 0.4253 0.0884  -0.0489 -0.0100 12  DG  B C2    
484 N N2    . DG  B 12 ? 0.3687 0.2408 0.3836 0.0400  -0.0117 -0.0073 12  DG  B N2    
485 N N3    . DG  B 12 ? 0.4518 0.1884 0.3959 0.0658  -0.0576 -0.0208 12  DG  B N3    
486 C C4    . DG  B 12 ? 0.4309 0.2440 0.3968 0.0855  -0.0627 0.0043  12  DG  B C4    
487 K K     . K   C .  ? 0.4019 0.4857 0.4868 0.0422  0.0529  -0.0335 101 K   B K     
488 O O     . HOH D .  ? 0.5331 0.4075 0.8266 0.1536  0.1475  0.0795  101 HOH A O     
489 O O     . HOH D .  ? 0.8293 0.4474 0.8582 -0.0708 0.0485  -0.0217 102 HOH A O     
490 O O     . HOH D .  ? 0.6302 0.5852 0.4804 -0.1253 -0.0091 -0.0036 103 HOH A O     
491 O O     . HOH D .  ? 0.3875 0.4719 0.6018 0.1511  0.1381  -0.0078 104 HOH A O     
492 O O     . HOH D .  ? 0.4995 0.3549 0.5428 0.0224  -0.0713 0.0034  105 HOH A O     
493 O O     . HOH D .  ? 0.4449 0.4867 0.6374 0.0411  -0.0453 -0.1506 106 HOH A O     
494 O O     . HOH D .  ? 0.5295 0.3893 0.4110 -0.0391 -0.0449 -0.0627 107 HOH A O     
495 O O     . HOH D .  ? 0.3859 0.4299 1.0186 0.0315  0.0426  0.0550  108 HOH A O     
496 O O     . HOH D .  ? 0.3566 0.5443 0.6678 0.0328  0.0183  -0.0950 109 HOH A O     
497 O O     . HOH D .  ? 0.4886 0.7250 0.4099 -0.0860 0.0428  -0.1446 110 HOH A O     
498 O O     . HOH D .  ? 0.6521 0.6144 0.4801 0.0472  0.1121  -0.0007 111 HOH A O     
499 O O     . HOH D .  ? 0.3589 0.3139 0.5033 0.0349  -0.0507 0.0189  112 HOH A O     
500 O O     . HOH D .  ? 0.5408 0.3877 0.5487 -0.0261 -0.0062 -0.0884 113 HOH A O     
501 O O     . HOH D .  ? 0.3281 0.5218 0.5896 0.0580  0.0751  -0.1188 114 HOH A O     
502 O O     . HOH D .  ? 0.4433 0.4086 0.7417 -0.0863 -0.0489 0.0570  115 HOH A O     
503 O O     . HOH D .  ? 0.6799 0.3450 0.8216 0.1579  0.2034  -0.2130 116 HOH A O     
504 O O     . HOH D .  ? 0.4615 0.3065 0.4627 0.0603  0.0748  -0.1066 117 HOH A O     
505 O O     . HOH D .  ? 0.6921 0.4947 0.6247 0.0014  -0.2114 -0.1572 118 HOH A O     
506 O O     . HOH D .  ? 0.5300 0.5442 0.6079 0.1526  -0.0027 -0.0966 119 HOH A O     
507 O O     . HOH D .  ? 0.7357 0.4127 0.6383 -0.0252 -0.1519 0.0357  120 HOH A O     
508 O O     . HOH D .  ? 0.5170 0.4579 0.5142 0.0289  -0.0018 -0.1024 121 HOH A O     
509 O O     . HOH D .  ? 0.6827 0.2793 0.4674 0.0065  0.0192  -0.0370 122 HOH A O     
510 O O     . HOH D .  ? 0.3943 0.3553 0.8594 0.0337  -0.0702 -0.0651 123 HOH A O     
511 O O     . HOH D .  ? 0.4337 0.4478 0.4369 0.0829  0.1198  -0.2089 124 HOH A O     
512 O O     . HOH D .  ? 0.4072 0.4759 0.5331 0.0631  0.1622  -0.0661 125 HOH A O     
513 O O     . HOH D .  ? 0.7367 0.5824 0.5381 -0.1104 0.1968  -0.2408 126 HOH A O     
514 O O     . HOH D .  ? 0.6920 0.3426 0.6211 0.0731  -0.0040 0.0136  127 HOH A O     
515 O O     . HOH D .  ? 0.7074 0.8221 0.5562 0.1107  0.0829  0.0098  128 HOH A O     
516 O O     . HOH D .  ? 0.6586 0.4749 0.5564 0.1536  -0.0905 -0.0076 129 HOH A O     
517 O O     . HOH D .  ? 0.4451 1.1415 0.4740 0.2519  0.1174  0.1351  130 HOH A O     
518 O O     . HOH D .  ? 0.4538 0.7672 0.6382 0.0044  0.0349  0.0439  131 HOH A O     
519 O O     . HOH D .  ? 0.6194 0.4661 0.5927 0.0125  0.0197  -0.0259 132 HOH A O     
520 O O     . HOH D .  ? 0.8191 0.6034 0.6304 -0.0332 -0.1004 -0.2413 133 HOH A O     
521 O O     . HOH D .  ? 0.5115 0.7078 0.7836 0.0022  -0.0156 -0.1663 134 HOH A O     
522 O O     . HOH D .  ? 0.8793 0.3312 1.0039 -0.0557 0.0625  -0.1300 135 HOH A O     
523 O O     . HOH D .  ? 0.4528 0.4597 0.5453 0.0206  0.0343  -0.1266 136 HOH A O     
524 O O     . HOH D .  ? 0.5754 0.5933 0.6081 -0.0751 0.1184  -0.0326 137 HOH A O     
525 O O     . HOH D .  ? 0.6571 0.3766 0.6221 -0.0465 -0.1776 0.0751  138 HOH A O     
526 O O     . HOH D .  ? 0.6611 0.6973 0.5546 -0.1686 -0.0700 -0.0451 139 HOH A O     
527 O O     . HOH E .  ? 0.3846 0.7358 0.6700 0.1137  0.0530  0.0433  201 HOH B O     
528 O O     . HOH E .  ? 0.4977 0.5828 0.4762 0.0138  0.0013  -0.0107 202 HOH B O     
529 O O     . HOH E .  ? 0.5848 0.6017 0.5060 0.0771  0.0170  -0.1330 203 HOH B O     
530 O O     . HOH E .  ? 0.4824 0.5113 0.6288 0.0008  -0.0839 -0.0436 204 HOH B O     
531 O O     . HOH E .  ? 0.4973 0.4023 0.6522 0.0391  -0.0721 -0.0384 205 HOH B O     
532 O O     . HOH E .  ? 0.5048 0.5821 0.7006 0.1341  0.2013  0.1888  206 HOH B O     
533 O O     . HOH E .  ? 0.5373 0.7172 0.6511 0.2161  -0.0573 -0.0500 207 HOH B O     
534 O O     . HOH E .  ? 0.4816 0.6496 0.5203 0.0358  0.0697  0.0544  208 HOH B O     
535 O O     . HOH E .  ? 0.6607 0.6429 0.5699 -0.0329 0.0273  -0.1931 209 HOH B O     
536 O O     . HOH E .  ? 0.6552 0.5734 0.6006 0.1462  0.0098  -0.0740 210 HOH B O     
537 O O     . HOH E .  ? 0.6042 0.3676 0.6558 0.1347  -0.0172 -0.0124 211 HOH B O     
538 O O     . HOH E .  ? 0.7099 0.3265 0.6871 0.0500  -0.1607 -0.0628 212 HOH B O     
539 O O     . HOH E .  ? 0.5862 0.3308 0.5800 0.0167  -0.0412 -0.0330 213 HOH B O     
540 O O     . HOH E .  ? 0.7800 0.3801 0.8222 0.1208  0.1018  0.0007  214 HOH B O     
541 O O     . HOH E .  ? 0.4981 0.5990 0.4401 0.0857  0.0361  -0.0834 215 HOH B O     
542 O O     . HOH E .  ? 0.4377 0.5366 0.4619 0.1712  0.0004  0.0527  216 HOH B O     
543 O O     . HOH E .  ? 0.5654 0.3690 0.3761 0.0847  0.0384  -0.1197 217 HOH B O     
544 O O     . HOH E .  ? 0.4584 0.3787 0.4548 0.0866  0.0496  -0.0861 218 HOH B O     
545 O O     . HOH E .  ? 0.5048 0.4322 0.5090 0.0897  0.0168  0.0406  219 HOH B O     
546 O O     . HOH E .  ? 0.5859 0.4482 0.5573 -0.0215 0.0192  -0.0126 220 HOH B O     
547 O O     . HOH E .  ? 0.5284 0.6066 0.5953 0.2669  0.0540  -0.0623 221 HOH B O     
548 O O     . HOH E .  ? 0.6581 0.6850 0.6879 0.0882  0.0801  -0.1479 222 HOH B O     
549 O O     . HOH E .  ? 0.3781 0.4060 0.4415 0.0204  0.0369  -0.1526 223 HOH B O     
550 O O     . HOH E .  ? 0.5986 0.6482 0.6929 0.0473  -0.0897 -0.0965 224 HOH B O     
551 O O     . HOH E .  ? 0.5493 0.2475 1.0415 0.0544  -0.0665 0.0698  225 HOH B O     
552 O O     . HOH E .  ? 0.6800 0.6304 0.3784 -0.1668 0.0149  -0.0532 226 HOH B O     
553 O O     . HOH E .  ? 0.8639 0.5220 0.6777 -0.2939 -0.0695 -0.1005 227 HOH B O     
554 O O     . HOH E .  ? 0.5378 0.4546 0.4893 -0.0159 -0.0376 -0.1997 228 HOH B O     
555 O O     . HOH E .  ? 0.5463 0.3955 0.6779 0.1556  0.0426  -0.1590 229 HOH B O     
556 O O     . HOH E .  ? 0.6520 0.5477 0.6662 -0.0711 -0.2047 0.0184  230 HOH B O     
557 O O     . HOH E .  ? 0.6345 0.6413 0.6600 -0.0074 -0.0338 -0.2392 231 HOH B O     
558 O O     . HOH E .  ? 0.6980 0.6678 0.4667 0.0544  -0.0450 -0.1265 232 HOH B O     
559 O O     . HOH E .  ? 0.5801 0.4512 0.5410 0.0302  -0.1013 -0.0533 233 HOH B O     
560 O O     . HOH E .  ? 0.6124 0.5636 0.7254 0.0778  0.0513  -0.1774 234 HOH B O     
561 O O     . HOH E .  ? 0.5028 0.4343 0.6011 0.0789  0.0034  -0.0114 235 HOH B O     
562 O O     . HOH E .  ? 0.4965 0.6579 0.6355 0.1313  0.0390  0.0047  236 HOH B O     
# 
